data_3VCY
#
_entry.id   3VCY
#
_cell.length_a   86.600
_cell.length_b   118.510
_cell.length_c   92.510
_cell.angle_alpha   90.00
_cell.angle_beta   116.48
_cell.angle_gamma   90.00
#
_symmetry.space_group_name_H-M   'P 1 21 1'
#
loop_
_entity.id
_entity.type
_entity.pdbx_description
1 polymer 'UDP-N-acetylglucosamine 1-carboxyvinyltransferase'
2 non-polymer '[(1R)-1-hydroxypropyl]phosphonic acid'
3 non-polymer URIDINE-DIPHOSPHATE-N-ACETYLGLUCOSAMINE
4 non-polymer 'PHOSPHATE ION'
5 non-polymer GLYCEROL
6 water water
#
_entity_poly.entity_id   1
_entity_poly.type   'polypeptide(L)'
_entity_poly.pdbx_seq_one_letter_code
;MDKFRIQGSDKPLSGEVTISGAKNAALPILFASLLAEEPVEVANVPKLRDVDTTMELLKRLGAEVSRNGSVHIDASGVND
FCAPYDLVKTMRASIWALGPLVARFGKGQVSLPGGCAIGARPVDLHIHGLEQLGATIKLEEGYVKAEVDGRLKGAHIVMD
KVSVGATITVMCAATLAEGTTVLENAAREPEIVDTANFLNAIGAKVSGMGTDTITIEGVERLGGGYHEVVADRIETGTFL
VAAAVSGGKIVCKNTKAHLLEAVLAKLEEAGADVQTGDDWISLDMTGRELKAVNIRTAPHPAFPTDMQAQFTLLNMMAKG
SGIITETIFENRFMHIPELQRMGAHAEIEGNTAICGDTDGLSGAQVMATDLRASASLVIAGCIAKGETIVDRIYHIDRGY
DKIEDKLTALGANIERVHSDDLLEHHHHHH
;
_entity_poly.pdbx_strand_id   A,B,C,D
#
loop_
_chem_comp.id
_chem_comp.type
_chem_comp.name
_chem_comp.formula
FFQ non-polymer '[(1R)-1-hydroxypropyl]phosphonic acid' 'C3 H9 O4 P'
GOL non-polymer GLYCEROL 'C3 H8 O3'
PO4 non-polymer 'PHOSPHATE ION' 'O4 P -3'
UD1 non-polymer URIDINE-DIPHOSPHATE-N-ACETYLGLUCOSAMINE 'C17 H27 N3 O17 P2'
#
# COMPACT_ATOMS: atom_id res chain seq x y z
N MET A 1 -36.83 3.63 8.36
CA MET A 1 -35.40 3.61 8.75
C MET A 1 -35.25 3.74 10.26
N ASP A 2 -35.13 2.59 10.91
CA ASP A 2 -34.85 2.50 12.34
C ASP A 2 -33.56 3.20 12.70
N LYS A 3 -33.48 3.68 13.94
CA LYS A 3 -32.30 4.33 14.46
C LYS A 3 -32.06 3.80 15.85
N PHE A 4 -30.82 3.91 16.33
CA PHE A 4 -30.59 3.67 17.74
C PHE A 4 -30.41 5.02 18.43
N ARG A 5 -31.18 5.25 19.50
CA ARG A 5 -30.96 6.42 20.34
C ARG A 5 -30.37 5.93 21.64
N ILE A 6 -29.18 6.42 21.95
CA ILE A 6 -28.39 5.89 23.07
C ILE A 6 -28.05 7.01 24.03
N GLN A 7 -28.27 6.77 25.33
CA GLN A 7 -27.83 7.69 26.37
C GLN A 7 -26.53 7.14 26.99
N GLY A 8 -25.44 7.87 26.79
CA GLY A 8 -24.13 7.35 27.16
C GLY A 8 -23.94 7.44 28.66
N SER A 9 -23.11 6.58 29.22
CA SER A 9 -22.80 6.63 30.64
C SER A 9 -21.34 6.27 30.90
N ASP A 10 -20.81 6.71 32.04
CA ASP A 10 -19.47 6.31 32.49
C ASP A 10 -19.53 5.08 33.39
N LYS A 11 -20.74 4.66 33.75
CA LYS A 11 -20.91 3.41 34.47
C LYS A 11 -20.54 2.22 33.59
N PRO A 12 -19.70 1.30 34.09
CA PRO A 12 -19.34 0.11 33.31
C PRO A 12 -20.54 -0.75 32.80
N LEU A 13 -20.38 -1.36 31.62
CA LEU A 13 -21.31 -2.39 31.16
C LEU A 13 -20.93 -3.68 31.84
N SER A 14 -21.89 -4.27 32.55
CA SER A 14 -21.62 -5.47 33.33
C SER A 14 -22.81 -6.42 33.42
N GLY A 15 -22.50 -7.70 33.58
CA GLY A 15 -23.53 -8.72 33.75
C GLY A 15 -23.28 -9.89 32.81
N GLU A 16 -24.35 -10.40 32.22
CA GLU A 16 -24.32 -11.63 31.45
C GLU A 16 -24.95 -11.46 30.07
N VAL A 17 -24.42 -12.14 29.07
CA VAL A 17 -25.10 -12.21 27.76
C VAL A 17 -25.10 -13.66 27.30
N THR A 18 -26.13 -14.06 26.58
CA THR A 18 -26.18 -15.41 26.04
C THR A 18 -25.94 -15.31 24.56
N ILE A 19 -24.87 -15.96 24.11
CA ILE A 19 -24.39 -15.82 22.73
C ILE A 19 -25.26 -16.62 21.75
N SER A 20 -25.60 -15.99 20.62
CA SER A 20 -26.37 -16.67 19.55
C SER A 20 -25.49 -17.53 18.62
N GLY A 21 -26.13 -18.34 17.78
CA GLY A 21 -25.40 -19.13 16.77
C GLY A 21 -24.74 -18.20 15.77
N ALA A 22 -23.66 -18.64 15.13
CA ALA A 22 -22.91 -17.79 14.22
C ALA A 22 -23.72 -17.47 12.98
N LYS A 23 -23.92 -16.19 12.70
CA LYS A 23 -24.46 -15.73 11.40
C LYS A 23 -23.67 -16.37 10.26
N ASN A 24 -22.35 -16.35 10.37
CA ASN A 24 -21.50 -16.81 9.28
C ASN A 24 -21.39 -18.33 9.15
N ALA A 25 -22.08 -19.06 10.03
CA ALA A 25 -22.25 -20.52 9.91
C ALA A 25 -23.70 -20.85 9.50
N ALA A 26 -24.66 -20.17 10.14
CA ALA A 26 -26.06 -20.29 9.78
C ALA A 26 -26.31 -20.07 8.27
N LEU A 27 -25.74 -19.00 7.71
CA LEU A 27 -26.02 -18.65 6.30
C LEU A 27 -25.55 -19.69 5.28
N PRO A 28 -24.26 -20.10 5.33
CA PRO A 28 -23.83 -21.17 4.42
C PRO A 28 -24.57 -22.50 4.65
N ILE A 29 -24.81 -22.88 5.91
CA ILE A 29 -25.54 -24.11 6.21
C ILE A 29 -26.94 -24.11 5.56
N LEU A 30 -27.66 -22.98 5.70
CA LEU A 30 -28.95 -22.77 5.02
C LEU A 30 -28.89 -22.91 3.50
N PHE A 31 -27.85 -22.32 2.88
CA PHE A 31 -27.62 -22.57 1.45
C PHE A 31 -27.24 -24.01 1.12
N ALA A 32 -26.48 -24.65 2.00
CA ALA A 32 -26.08 -26.05 1.81
C ALA A 32 -27.29 -26.97 1.90
N SER A 33 -28.31 -26.53 2.60
CA SER A 33 -29.54 -27.35 2.67
C SER A 33 -30.25 -27.45 1.31
N LEU A 34 -29.84 -26.66 0.32
CA LEU A 34 -30.32 -26.85 -1.04
C LEU A 34 -29.89 -28.21 -1.63
N LEU A 35 -28.89 -28.83 -1.02
CA LEU A 35 -28.40 -30.14 -1.45
C LEU A 35 -29.33 -31.26 -0.94
N ALA A 36 -30.06 -30.98 0.12
CA ALA A 36 -30.72 -31.99 0.95
C ALA A 36 -32.07 -32.45 0.39
N GLU A 37 -32.25 -33.75 0.26
CA GLU A 37 -33.51 -34.28 -0.31
C GLU A 37 -34.58 -34.63 0.74
N GLU A 38 -34.17 -34.78 2.00
CA GLU A 38 -35.08 -35.09 3.10
C GLU A 38 -35.06 -33.94 4.12
N PRO A 39 -36.02 -33.91 5.07
CA PRO A 39 -36.14 -32.75 5.95
C PRO A 39 -34.88 -32.46 6.75
N VAL A 40 -34.60 -31.18 6.94
CA VAL A 40 -33.43 -30.72 7.69
C VAL A 40 -33.83 -29.84 8.85
N GLU A 41 -33.19 -30.05 10.00
CA GLU A 41 -33.37 -29.15 11.14
C GLU A 41 -32.04 -28.53 11.57
N VAL A 42 -31.97 -27.20 11.46
CA VAL A 42 -30.79 -26.42 11.84
C VAL A 42 -31.11 -25.68 13.14
N ALA A 43 -30.53 -26.12 14.27
CA ALA A 43 -30.81 -25.48 15.58
C ALA A 43 -29.85 -24.32 15.91
N ASN A 44 -30.20 -23.54 16.94
CA ASN A 44 -29.40 -22.40 17.41
C ASN A 44 -29.17 -21.37 16.32
N VAL A 45 -30.22 -21.05 15.56
CA VAL A 45 -30.09 -20.12 14.45
C VAL A 45 -30.49 -18.75 14.96
N PRO A 46 -29.58 -17.75 14.84
CA PRO A 46 -29.90 -16.39 15.27
C PRO A 46 -31.08 -15.80 14.46
N LYS A 47 -31.77 -14.82 15.05
CA LYS A 47 -32.83 -14.08 14.34
C LYS A 47 -32.27 -12.79 13.79
N LEU A 48 -31.96 -12.82 12.49
CA LEU A 48 -31.19 -11.80 11.80
C LEU A 48 -31.88 -11.58 10.48
N ARG A 49 -31.79 -10.39 9.92
CA ARG A 49 -32.46 -10.16 8.62
C ARG A 49 -31.81 -10.93 7.45
N ASP A 50 -30.51 -11.20 7.54
CA ASP A 50 -29.85 -12.09 6.58
C ASP A 50 -30.42 -13.52 6.67
N VAL A 51 -30.76 -13.98 7.88
CA VAL A 51 -31.41 -15.29 7.98
C VAL A 51 -32.79 -15.26 7.30
N ASP A 52 -33.51 -14.16 7.50
CA ASP A 52 -34.79 -13.93 6.83
C ASP A 52 -34.66 -13.88 5.32
N THR A 53 -33.63 -13.20 4.82
CA THR A 53 -33.41 -13.08 3.37
C THR A 53 -33.08 -14.45 2.75
N THR A 54 -32.28 -15.23 3.49
CA THR A 54 -31.93 -16.58 3.11
C THR A 54 -33.15 -17.50 3.04
N MET A 55 -33.96 -17.50 4.09
CA MET A 55 -35.23 -18.23 4.09
C MET A 55 -36.14 -17.81 2.93
N GLU A 56 -36.14 -16.53 2.58
CA GLU A 56 -36.97 -16.04 1.46
C GLU A 56 -36.44 -16.49 0.10
N LEU A 57 -35.12 -16.58 -0.05
CA LEU A 57 -34.54 -17.19 -1.26
C LEU A 57 -34.83 -18.69 -1.34
N LEU A 58 -34.64 -19.39 -0.22
CA LEU A 58 -34.92 -20.82 -0.14
C LEU A 58 -36.37 -21.12 -0.55
N LYS A 59 -37.30 -20.33 -0.04
CA LYS A 59 -38.70 -20.49 -0.37
C LYS A 59 -38.94 -20.21 -1.86
N ARG A 60 -38.37 -19.13 -2.38
CA ARG A 60 -38.45 -18.76 -3.79
C ARG A 60 -38.00 -19.88 -4.75
N LEU A 61 -36.93 -20.60 -4.35
CA LEU A 61 -36.37 -21.70 -5.15
C LEU A 61 -37.19 -22.99 -5.00
N GLY A 62 -38.09 -23.06 -4.01
CA GLY A 62 -39.05 -24.16 -3.91
C GLY A 62 -38.98 -25.00 -2.65
N ALA A 63 -38.06 -24.65 -1.75
CA ALA A 63 -37.96 -25.36 -0.46
C ALA A 63 -39.07 -24.89 0.47
N GLU A 64 -39.59 -25.79 1.29
CA GLU A 64 -40.53 -25.40 2.35
C GLU A 64 -39.70 -25.02 3.58
N VAL A 65 -39.91 -23.81 4.09
CA VAL A 65 -39.14 -23.30 5.23
C VAL A 65 -40.04 -22.70 6.30
N SER A 66 -39.63 -22.88 7.55
CA SER A 66 -40.25 -22.22 8.69
C SER A 66 -39.22 -22.14 9.80
N ARG A 67 -39.46 -21.26 10.77
CA ARG A 67 -38.55 -21.11 11.87
C ARG A 67 -39.24 -20.78 13.19
N ASN A 68 -38.62 -21.28 14.27
CA ASN A 68 -38.21 -20.45 15.41
C ASN A 68 -36.86 -20.60 16.13
N GLY A 69 -36.73 -21.46 17.13
CA GLY A 69 -35.41 -21.73 17.71
C GLY A 69 -34.51 -22.37 16.65
N SER A 70 -35.06 -23.39 16.01
CA SER A 70 -34.49 -24.02 14.84
C SER A 70 -35.04 -23.39 13.57
N VAL A 71 -34.41 -23.69 12.45
CA VAL A 71 -34.96 -23.46 11.13
C VAL A 71 -35.20 -24.85 10.53
N HIS A 72 -36.34 -25.03 9.88
CA HIS A 72 -36.72 -26.31 9.28
C HIS A 72 -36.80 -26.18 7.79
N ILE A 73 -36.04 -27.00 7.10
CA ILE A 73 -35.99 -26.93 5.64
C ILE A 73 -36.39 -28.26 5.01
N ASP A 74 -37.36 -28.23 4.10
CA ASP A 74 -37.64 -29.38 3.24
C ASP A 74 -37.33 -28.92 1.82
N ALA A 75 -36.17 -29.34 1.32
CA ALA A 75 -35.67 -28.91 0.03
C ALA A 75 -35.95 -29.93 -1.09
N SER A 76 -36.63 -31.04 -0.73
CA SER A 76 -37.05 -32.06 -1.70
C SER A 76 -37.67 -31.45 -2.97
N GLY A 77 -38.47 -30.40 -2.82
CA GLY A 77 -39.23 -29.84 -3.94
C GLY A 77 -38.61 -28.67 -4.69
N VAL A 78 -37.36 -28.33 -4.40
CA VAL A 78 -36.71 -27.19 -5.09
C VAL A 78 -36.93 -27.32 -6.60
N ASN A 79 -37.48 -26.29 -7.23
CA ASN A 79 -37.80 -26.33 -8.66
C ASN A 79 -37.52 -25.02 -9.42
N ASP A 80 -36.73 -24.14 -8.81
CA ASP A 80 -36.21 -22.97 -9.50
C ASP A 80 -34.72 -22.77 -9.16
N PHE A 81 -34.00 -22.06 -10.03
CA PHE A 81 -32.55 -22.11 -10.01
C PHE A 81 -31.88 -20.75 -10.18
N CYS A 82 -32.60 -19.68 -9.84
CA CYS A 82 -32.08 -18.32 -9.94
C CYS A 82 -32.03 -17.56 -8.63
N ALA A 83 -30.92 -16.87 -8.36
CA ALA A 83 -30.88 -15.90 -7.29
C ALA A 83 -30.92 -14.51 -7.92
N PRO A 84 -32.10 -13.85 -7.86
CA PRO A 84 -32.38 -12.58 -8.54
C PRO A 84 -31.52 -11.40 -8.10
N TYR A 85 -31.31 -10.47 -9.03
CA TYR A 85 -30.69 -9.16 -8.75
C TYR A 85 -31.19 -8.47 -7.46
N ASP A 86 -32.51 -8.44 -7.23
CA ASP A 86 -33.04 -7.78 -6.01
C ASP A 86 -32.54 -8.45 -4.73
N LEU A 87 -32.49 -9.78 -4.74
CA LEU A 87 -32.05 -10.53 -3.55
C LEU A 87 -30.55 -10.48 -3.32
N VAL A 88 -29.76 -10.63 -4.38
CA VAL A 88 -28.31 -10.53 -4.23
C VAL A 88 -27.87 -9.14 -3.76
N LYS A 89 -28.56 -8.08 -4.22
CA LYS A 89 -28.15 -6.74 -3.81
C LYS A 89 -28.40 -6.48 -2.31
N THR A 90 -29.43 -7.12 -1.74
CA THR A 90 -29.68 -7.03 -0.32
C THR A 90 -28.71 -7.87 0.54
N MET A 91 -28.23 -9.00 0.03
CA MET A 91 -27.15 -9.74 0.71
C MET A 91 -26.35 -10.63 -0.22
N ARG A 92 -25.03 -10.40 -0.24
CA ARG A 92 -24.17 -11.04 -1.23
C ARG A 92 -23.92 -12.53 -0.92
N ALA A 93 -24.20 -12.94 0.31
CA ALA A 93 -24.14 -14.37 0.71
C ALA A 93 -25.05 -15.27 -0.12
N SER A 94 -25.98 -14.65 -0.85
CA SER A 94 -26.86 -15.36 -1.78
CA SER A 94 -26.88 -15.32 -1.82
C SER A 94 -26.08 -16.02 -2.92
N ILE A 95 -24.85 -15.55 -3.17
CA ILE A 95 -23.96 -16.16 -4.14
C ILE A 95 -23.79 -17.67 -3.84
N TRP A 96 -23.91 -18.05 -2.56
CA TRP A 96 -23.77 -19.45 -2.10
C TRP A 96 -24.81 -20.39 -2.63
N ALA A 97 -25.83 -19.86 -3.31
CA ALA A 97 -26.89 -20.69 -3.87
C ALA A 97 -26.38 -21.37 -5.13
N LEU A 98 -25.40 -20.74 -5.79
CA LEU A 98 -24.88 -21.20 -7.10
C LEU A 98 -24.34 -22.63 -7.06
N GLY A 99 -23.45 -22.89 -6.12
CA GLY A 99 -22.85 -24.22 -5.93
C GLY A 99 -23.84 -25.38 -5.75
N PRO A 100 -24.74 -25.28 -4.75
CA PRO A 100 -25.61 -26.43 -4.55
C PRO A 100 -26.54 -26.66 -5.74
N LEU A 101 -27.07 -25.58 -6.31
CA LEU A 101 -27.98 -25.67 -7.44
C LEU A 101 -27.34 -26.38 -8.62
N VAL A 102 -26.13 -25.97 -8.98
CA VAL A 102 -25.47 -26.59 -10.11
C VAL A 102 -25.11 -28.05 -9.81
N ALA A 103 -24.64 -28.33 -8.59
CA ALA A 103 -24.23 -29.68 -8.20
C ALA A 103 -25.41 -30.65 -8.05
N ARG A 104 -26.53 -30.16 -7.55
CA ARG A 104 -27.71 -30.98 -7.40
C ARG A 104 -28.51 -31.09 -8.70
N PHE A 105 -28.74 -29.96 -9.37
CA PHE A 105 -29.66 -29.92 -10.51
C PHE A 105 -28.98 -29.68 -11.86
N GLY A 106 -27.67 -29.51 -11.88
CA GLY A 106 -26.92 -29.22 -13.13
C GLY A 106 -27.04 -27.81 -13.74
N LYS A 107 -27.72 -26.92 -13.04
CA LYS A 107 -27.96 -25.56 -13.54
C LYS A 107 -28.17 -24.60 -12.38
N GLY A 108 -27.71 -23.37 -12.55
CA GLY A 108 -27.88 -22.31 -11.56
C GLY A 108 -27.47 -20.95 -12.09
N GLN A 109 -28.20 -19.92 -11.66
CA GLN A 109 -27.91 -18.52 -11.94
C GLN A 109 -27.91 -17.75 -10.64
N VAL A 110 -26.91 -16.88 -10.50
CA VAL A 110 -26.84 -15.94 -9.40
CA VAL A 110 -26.85 -15.93 -9.40
C VAL A 110 -26.34 -14.60 -9.94
N SER A 111 -27.01 -13.52 -9.57
CA SER A 111 -26.61 -12.19 -9.96
C SER A 111 -25.18 -11.93 -9.47
N LEU A 112 -24.36 -11.24 -10.27
CA LEU A 112 -22.97 -10.97 -9.86
C LEU A 112 -22.92 -9.80 -8.88
N PRO A 113 -22.38 -10.00 -7.67
CA PRO A 113 -22.45 -8.88 -6.70
C PRO A 113 -21.79 -7.58 -7.18
N GLY A 114 -22.40 -6.44 -6.86
CA GLY A 114 -21.84 -5.14 -7.20
C GLY A 114 -20.76 -4.70 -6.23
N GLY A 115 -20.45 -3.42 -6.22
CA GLY A 115 -19.38 -2.89 -5.38
C GLY A 115 -19.76 -2.82 -3.91
N CYS A 116 -18.74 -3.00 -3.06
CA CYS A 116 -18.88 -2.87 -1.60
C CYS A 116 -17.79 -1.93 -1.11
N ALA A 117 -18.16 -1.02 -0.22
CA ALA A 117 -17.25 0.04 0.23
C ALA A 117 -15.95 -0.44 0.94
N ILE A 118 -16.01 -1.63 1.55
CA ILE A 118 -14.90 -2.13 2.39
C ILE A 118 -13.67 -2.62 1.61
N GLY A 119 -13.81 -2.83 0.30
CA GLY A 119 -12.71 -3.26 -0.52
C GLY A 119 -13.21 -4.04 -1.72
N ALA A 120 -12.29 -4.37 -2.63
CA ALA A 120 -12.67 -5.22 -3.79
C ALA A 120 -13.10 -6.60 -3.29
N ARG A 121 -14.27 -7.08 -3.72
CA ARG A 121 -14.78 -8.39 -3.29
C ARG A 121 -15.21 -9.28 -4.48
N PRO A 122 -14.26 -9.59 -5.40
CA PRO A 122 -14.65 -10.40 -6.56
C PRO A 122 -14.98 -11.83 -6.15
N VAL A 123 -15.67 -12.58 -7.02
CA VAL A 123 -16.07 -13.95 -6.72
C VAL A 123 -15.42 -14.93 -7.71
N ASP A 124 -14.30 -14.49 -8.26
CA ASP A 124 -13.54 -15.22 -9.27
C ASP A 124 -13.15 -16.62 -8.80
N LEU A 125 -12.76 -16.74 -7.53
CA LEU A 125 -12.42 -18.02 -6.93
C LEU A 125 -13.61 -18.99 -6.86
N HIS A 126 -14.83 -18.47 -6.63
CA HIS A 126 -16.04 -19.33 -6.59
C HIS A 126 -16.29 -19.89 -7.97
N ILE A 127 -16.31 -19.00 -8.97
CA ILE A 127 -16.46 -19.37 -10.37
C ILE A 127 -15.38 -20.38 -10.81
N HIS A 128 -14.12 -20.03 -10.58
CA HIS A 128 -13.02 -20.92 -10.98
C HIS A 128 -13.04 -22.25 -10.25
N GLY A 129 -13.47 -22.25 -8.98
CA GLY A 129 -13.69 -23.49 -8.22
C GLY A 129 -14.73 -24.40 -8.88
N LEU A 130 -15.84 -23.82 -9.33
CA LEU A 130 -16.91 -24.59 -9.99
C LEU A 130 -16.56 -25.06 -11.40
N GLU A 131 -15.83 -24.22 -12.13
CA GLU A 131 -15.26 -24.61 -13.41
C GLU A 131 -14.36 -25.85 -13.30
N GLN A 132 -13.51 -25.89 -12.28
CA GLN A 132 -12.64 -27.04 -12.03
C GLN A 132 -13.40 -28.31 -11.63
N LEU A 133 -14.62 -28.14 -11.15
CA LEU A 133 -15.52 -29.24 -10.84
C LEU A 133 -16.35 -29.68 -12.05
N GLY A 134 -16.20 -28.98 -13.17
CA GLY A 134 -16.87 -29.35 -14.42
C GLY A 134 -17.95 -28.42 -14.89
N ALA A 135 -18.16 -27.32 -14.17
CA ALA A 135 -19.18 -26.35 -14.58
C ALA A 135 -18.71 -25.48 -15.75
N THR A 136 -19.61 -25.24 -16.70
CA THR A 136 -19.43 -24.16 -17.68
C THR A 136 -20.16 -22.95 -17.15
N ILE A 137 -19.44 -21.84 -17.04
CA ILE A 137 -19.98 -20.63 -16.43
C ILE A 137 -19.85 -19.47 -17.43
N LYS A 138 -20.91 -18.70 -17.59
CA LYS A 138 -20.85 -17.48 -18.40
C LYS A 138 -21.51 -16.33 -17.65
N LEU A 139 -21.10 -15.12 -18.00
CA LEU A 139 -21.70 -13.90 -17.48
C LEU A 139 -22.65 -13.32 -18.53
N GLU A 140 -23.91 -13.18 -18.17
CA GLU A 140 -24.92 -12.75 -19.14
C GLU A 140 -25.96 -11.88 -18.49
N GLU A 141 -26.02 -10.62 -18.92
CA GLU A 141 -26.91 -9.62 -18.32
C GLU A 141 -26.70 -9.45 -16.80
N GLY A 142 -25.46 -9.47 -16.37
CA GLY A 142 -25.13 -9.34 -14.94
C GLY A 142 -25.32 -10.62 -14.12
N TYR A 143 -25.62 -11.73 -14.80
CA TYR A 143 -25.84 -13.02 -14.14
C TYR A 143 -24.71 -14.00 -14.35
N VAL A 144 -24.24 -14.57 -13.25
CA VAL A 144 -23.37 -15.74 -13.31
C VAL A 144 -24.26 -16.95 -13.60
N LYS A 145 -24.18 -17.49 -14.81
CA LYS A 145 -24.98 -18.67 -15.20
C LYS A 145 -24.07 -19.88 -15.31
N ALA A 146 -24.35 -20.92 -14.53
CA ALA A 146 -23.54 -22.13 -14.55
C ALA A 146 -24.36 -23.31 -15.07
N GLU A 147 -23.70 -24.19 -15.81
CA GLU A 147 -24.36 -25.38 -16.33
C GLU A 147 -23.41 -26.53 -16.24
N VAL A 148 -23.92 -27.71 -15.92
CA VAL A 148 -23.14 -28.93 -16.11
C VAL A 148 -24.03 -30.03 -16.70
N ASP A 149 -23.47 -30.78 -17.63
CA ASP A 149 -24.21 -31.91 -18.17
C ASP A 149 -24.04 -33.12 -17.26
N GLY A 150 -25.08 -33.45 -16.49
CA GLY A 150 -24.97 -34.51 -15.51
C GLY A 150 -24.33 -34.02 -14.22
N ARG A 151 -23.48 -34.85 -13.62
CA ARG A 151 -22.88 -34.51 -12.32
C ARG A 151 -21.56 -33.76 -12.41
N LEU A 152 -21.24 -32.96 -11.37
CA LEU A 152 -19.91 -32.36 -11.28
C LEU A 152 -18.89 -33.49 -11.02
N LYS A 153 -17.61 -33.26 -11.35
CA LYS A 153 -16.57 -34.27 -11.11
C LYS A 153 -15.53 -33.81 -10.09
N GLY A 154 -15.22 -34.68 -9.14
CA GLY A 154 -14.15 -34.43 -8.14
C GLY A 154 -12.89 -33.91 -8.82
N ALA A 155 -12.25 -32.91 -8.24
CA ALA A 155 -11.00 -32.39 -8.82
C ALA A 155 -10.03 -31.97 -7.74
N HIS A 156 -8.75 -31.92 -8.09
CA HIS A 156 -7.78 -31.32 -7.18
C HIS A 156 -7.73 -29.85 -7.44
N ILE A 157 -8.16 -29.10 -6.43
CA ILE A 157 -8.32 -27.66 -6.55
C ILE A 157 -7.39 -26.91 -5.58
N VAL A 158 -6.43 -26.18 -6.14
CA VAL A 158 -5.52 -25.35 -5.35
C VAL A 158 -5.97 -23.90 -5.47
N MET A 159 -6.60 -23.39 -4.42
CA MET A 159 -7.08 -22.02 -4.41
C MET A 159 -5.93 -21.03 -4.45
N ASP A 160 -6.00 -20.11 -5.41
CA ASP A 160 -5.08 -18.96 -5.57
C ASP A 160 -4.85 -18.18 -4.29
N LYS A 161 -5.90 -18.03 -3.48
CA LYS A 161 -5.93 -17.19 -2.28
C LYS A 161 -6.88 -17.80 -1.23
N VAL A 162 -6.70 -17.46 0.04
CA VAL A 162 -7.56 -17.99 1.10
C VAL A 162 -8.86 -17.20 1.08
N SER A 163 -9.96 -17.91 0.89
CA SER A 163 -11.27 -17.32 0.87
C SER A 163 -12.23 -18.18 1.66
N VAL A 164 -13.00 -17.54 2.56
CA VAL A 164 -13.99 -18.26 3.35
C VAL A 164 -15.15 -18.69 2.45
N GLY A 165 -15.73 -17.72 1.73
CA GLY A 165 -16.82 -17.95 0.81
C GLY A 165 -16.54 -18.98 -0.27
N ALA A 166 -15.39 -18.84 -0.95
CA ALA A 166 -15.08 -19.76 -2.04
C ALA A 166 -14.81 -21.18 -1.53
N THR A 167 -14.26 -21.27 -0.31
CA THR A 167 -14.07 -22.55 0.32
C THR A 167 -15.43 -23.21 0.53
N ILE A 168 -16.41 -22.44 1.02
CA ILE A 168 -17.74 -22.97 1.20
CA ILE A 168 -17.77 -22.93 1.21
C ILE A 168 -18.38 -23.39 -0.14
N THR A 169 -18.22 -22.58 -1.18
CA THR A 169 -18.78 -22.91 -2.51
C THR A 169 -18.25 -24.23 -3.06
N VAL A 170 -16.92 -24.39 -3.17
CA VAL A 170 -16.46 -25.68 -3.70
C VAL A 170 -16.67 -26.90 -2.78
N MET A 171 -16.56 -26.70 -1.47
CA MET A 171 -16.79 -27.79 -0.49
C MET A 171 -18.20 -28.38 -0.57
N CYS A 172 -19.18 -27.48 -0.53
CA CYS A 172 -20.59 -27.87 -0.60
C CYS A 172 -20.92 -28.50 -1.96
N ALA A 173 -20.43 -27.92 -3.04
CA ALA A 173 -20.70 -28.44 -4.39
C ALA A 173 -20.02 -29.79 -4.60
N ALA A 174 -18.87 -29.97 -3.95
CA ALA A 174 -18.08 -31.21 -4.09
C ALA A 174 -18.77 -32.41 -3.47
N THR A 175 -19.70 -32.14 -2.56
CA THR A 175 -20.40 -33.23 -1.86
C THR A 175 -21.25 -34.10 -2.77
N LEU A 176 -21.62 -33.57 -3.94
CA LEU A 176 -22.48 -34.27 -4.93
C LEU A 176 -21.78 -34.67 -6.22
N ALA A 177 -20.50 -34.28 -6.35
CA ALA A 177 -19.70 -34.67 -7.50
C ALA A 177 -19.31 -36.15 -7.44
N GLU A 178 -19.01 -36.72 -8.59
CA GLU A 178 -18.45 -38.08 -8.65
C GLU A 178 -16.97 -38.07 -8.28
N GLY A 179 -16.61 -38.94 -7.33
CA GLY A 179 -15.24 -39.09 -6.87
C GLY A 179 -14.77 -38.13 -5.78
N THR A 180 -13.46 -37.89 -5.74
CA THR A 180 -12.83 -37.14 -4.66
C THR A 180 -12.37 -35.74 -5.04
N THR A 181 -12.70 -34.78 -4.18
CA THR A 181 -12.18 -33.43 -4.31
C THR A 181 -11.17 -33.19 -3.21
N VAL A 182 -10.03 -32.61 -3.58
CA VAL A 182 -9.03 -32.14 -2.63
C VAL A 182 -8.90 -30.63 -2.80
N LEU A 183 -9.45 -29.89 -1.84
CA LEU A 183 -9.39 -28.44 -1.87
C LEU A 183 -8.19 -27.96 -1.04
N GLU A 184 -7.18 -27.43 -1.74
CA GLU A 184 -5.97 -26.94 -1.10
C GLU A 184 -5.98 -25.40 -0.93
N ASN A 185 -5.34 -24.92 0.14
CA ASN A 185 -5.34 -23.52 0.58
C ASN A 185 -6.74 -23.08 1.02
N ALA A 186 -7.46 -24.00 1.65
CA ALA A 186 -8.80 -23.77 2.19
C ALA A 186 -8.80 -22.81 3.37
N ALA A 187 -9.90 -22.09 3.56
CA ALA A 187 -10.02 -21.27 4.77
C ALA A 187 -10.31 -22.18 5.95
N ARG A 188 -9.77 -21.82 7.13
CA ARG A 188 -9.88 -22.68 8.31
C ARG A 188 -10.83 -22.14 9.35
N GLU A 189 -11.67 -21.18 8.96
CA GLU A 189 -12.66 -20.57 9.86
C GLU A 189 -13.61 -21.61 10.53
N PRO A 190 -14.01 -21.36 11.80
CA PRO A 190 -14.90 -22.32 12.49
C PRO A 190 -16.24 -22.55 11.77
N GLU A 191 -16.67 -21.56 10.99
CA GLU A 191 -17.91 -21.69 10.24
C GLU A 191 -17.70 -22.61 9.03
N ILE A 192 -16.46 -22.78 8.60
CA ILE A 192 -16.14 -23.79 7.55
C ILE A 192 -16.23 -25.16 8.22
N VAL A 193 -15.64 -25.29 9.40
CA VAL A 193 -15.75 -26.51 10.18
C VAL A 193 -17.22 -26.87 10.44
N ASP A 194 -18.03 -25.88 10.85
CA ASP A 194 -19.44 -26.10 11.17
C ASP A 194 -20.25 -26.51 9.95
N THR A 195 -20.01 -25.87 8.81
CA THR A 195 -20.69 -26.25 7.56
C THR A 195 -20.33 -27.69 7.17
N ALA A 196 -19.04 -28.02 7.21
CA ALA A 196 -18.61 -29.36 6.89
C ALA A 196 -19.25 -30.35 7.84
N ASN A 197 -19.39 -29.98 9.12
CA ASN A 197 -20.05 -30.87 10.12
C ASN A 197 -21.55 -31.09 9.79
N PHE A 198 -22.17 -30.02 9.29
CA PHE A 198 -23.53 -30.04 8.80
C PHE A 198 -23.69 -30.94 7.57
N LEU A 199 -22.83 -30.76 6.57
CA LEU A 199 -22.77 -31.64 5.38
C LEU A 199 -22.61 -33.10 5.76
N ASN A 200 -21.80 -33.39 6.78
CA ASN A 200 -21.67 -34.77 7.26
C ASN A 200 -22.92 -35.30 7.95
N ALA A 201 -23.60 -34.44 8.73
CA ALA A 201 -24.89 -34.80 9.35
C ALA A 201 -26.00 -35.18 8.34
N ILE A 202 -25.85 -34.69 7.10
CA ILE A 202 -26.83 -34.85 6.02
C ILE A 202 -26.41 -36.00 5.04
N GLY A 203 -25.30 -36.68 5.35
CA GLY A 203 -24.80 -37.80 4.56
C GLY A 203 -23.56 -37.54 3.70
N ALA A 204 -22.87 -36.40 3.88
CA ALA A 204 -21.70 -36.12 3.04
C ALA A 204 -20.45 -36.74 3.66
N LYS A 205 -19.34 -36.69 2.94
CA LYS A 205 -18.08 -37.22 3.44
C LYS A 205 -17.00 -36.16 3.28
N VAL A 206 -16.99 -35.22 4.23
CA VAL A 206 -16.02 -34.13 4.24
C VAL A 206 -15.07 -34.39 5.40
N SER A 207 -13.77 -34.41 5.10
CA SER A 207 -12.69 -34.47 6.10
C SER A 207 -11.66 -33.35 5.90
N GLY A 208 -10.88 -33.07 6.95
CA GLY A 208 -9.83 -32.06 6.87
C GLY A 208 -10.29 -30.65 7.19
N MET A 209 -11.58 -30.46 7.45
CA MET A 209 -12.08 -29.13 7.76
C MET A 209 -11.36 -28.60 9.00
N GLY A 210 -11.08 -27.29 9.01
CA GLY A 210 -10.19 -26.71 10.02
C GLY A 210 -8.71 -26.79 9.64
N THR A 211 -8.37 -27.50 8.56
CA THR A 211 -6.99 -27.54 8.05
C THR A 211 -6.93 -26.82 6.71
N ASP A 212 -5.73 -26.65 6.17
CA ASP A 212 -5.63 -25.99 4.85
C ASP A 212 -5.99 -26.87 3.65
N THR A 213 -6.38 -28.12 3.93
CA THR A 213 -6.71 -29.08 2.88
C THR A 213 -7.96 -29.88 3.26
N ILE A 214 -9.04 -29.64 2.53
CA ILE A 214 -10.30 -30.31 2.79
C ILE A 214 -10.48 -31.43 1.77
N THR A 215 -10.86 -32.63 2.22
CA THR A 215 -11.13 -33.75 1.32
C THR A 215 -12.61 -34.09 1.33
N ILE A 216 -13.18 -34.14 0.13
CA ILE A 216 -14.61 -34.37 -0.02
C ILE A 216 -14.72 -35.56 -0.95
N GLU A 217 -15.38 -36.62 -0.48
CA GLU A 217 -15.67 -37.76 -1.33
C GLU A 217 -17.15 -37.72 -1.64
N GLY A 218 -17.45 -37.51 -2.92
CA GLY A 218 -18.81 -37.20 -3.35
C GLY A 218 -19.77 -38.38 -3.28
N VAL A 219 -21.05 -38.06 -3.09
CA VAL A 219 -22.11 -39.04 -3.07
C VAL A 219 -23.19 -38.60 -4.06
N GLU A 220 -24.05 -39.53 -4.46
CA GLU A 220 -25.12 -39.25 -5.41
C GLU A 220 -26.19 -38.33 -4.87
N ARG A 221 -26.56 -38.52 -3.60
CA ARG A 221 -27.61 -37.72 -2.98
C ARG A 221 -27.39 -37.47 -1.48
N LEU A 222 -27.79 -36.29 -1.02
CA LEU A 222 -27.73 -36.04 0.40
C LEU A 222 -29.13 -36.21 1.01
N GLY A 223 -29.18 -36.62 2.27
CA GLY A 223 -30.45 -36.91 2.93
C GLY A 223 -31.04 -35.71 3.67
N GLY A 224 -31.16 -35.86 4.99
CA GLY A 224 -31.50 -34.76 5.86
C GLY A 224 -30.88 -35.05 7.21
N GLY A 225 -31.27 -34.30 8.22
CA GLY A 225 -30.75 -34.54 9.55
C GLY A 225 -30.84 -33.32 10.44
N TYR A 226 -30.04 -33.35 11.50
CA TYR A 226 -30.10 -32.32 12.54
C TYR A 226 -28.72 -31.71 12.70
N HIS A 227 -28.67 -30.41 12.99
CA HIS A 227 -27.39 -29.75 13.25
C HIS A 227 -27.62 -28.51 14.06
N GLU A 228 -26.87 -28.40 15.15
CA GLU A 228 -26.87 -27.19 15.97
C GLU A 228 -25.68 -26.29 15.61
N VAL A 229 -25.98 -25.09 15.12
CA VAL A 229 -24.97 -24.13 14.63
C VAL A 229 -24.05 -23.73 15.78
N VAL A 230 -22.75 -23.61 15.48
CA VAL A 230 -21.72 -23.12 16.41
C VAL A 230 -22.04 -21.70 16.91
N ALA A 231 -21.61 -21.37 18.13
CA ALA A 231 -21.81 -20.03 18.74
C ALA A 231 -21.14 -18.94 17.87
N ASP A 232 -21.64 -17.69 17.94
CA ASP A 232 -21.09 -16.58 17.15
C ASP A 232 -19.87 -15.98 17.86
N ARG A 233 -18.70 -16.27 17.34
CA ARG A 233 -17.46 -15.83 17.96
C ARG A 233 -17.29 -14.32 17.88
N ILE A 234 -17.91 -13.71 16.85
CA ILE A 234 -17.83 -12.27 16.62
C ILE A 234 -18.80 -11.51 17.52
N GLU A 235 -19.99 -12.07 17.78
CA GLU A 235 -20.85 -11.51 18.82
C GLU A 235 -20.15 -11.63 20.18
N THR A 236 -19.50 -12.77 20.41
CA THR A 236 -18.73 -12.97 21.65
C THR A 236 -17.67 -11.89 21.83
N GLY A 237 -16.72 -11.82 20.92
CA GLY A 237 -15.76 -10.72 20.88
C GLY A 237 -16.35 -9.33 21.08
N THR A 238 -17.46 -9.05 20.41
CA THR A 238 -18.08 -7.73 20.49
C THR A 238 -18.52 -7.36 21.91
N PHE A 239 -19.10 -8.33 22.64
CA PHE A 239 -19.52 -8.07 23.99
C PHE A 239 -18.36 -7.99 24.97
N LEU A 240 -17.36 -8.85 24.77
CA LEU A 240 -16.14 -8.76 25.57
C LEU A 240 -15.48 -7.39 25.43
N VAL A 241 -15.44 -6.84 24.21
CA VAL A 241 -14.87 -5.50 23.97
C VAL A 241 -15.72 -4.41 24.63
N ALA A 242 -17.05 -4.59 24.56
CA ALA A 242 -17.99 -3.71 25.24
C ALA A 242 -17.63 -3.58 26.73
N ALA A 243 -17.38 -4.72 27.39
CA ALA A 243 -16.95 -4.79 28.79
C ALA A 243 -15.61 -4.08 29.02
N ALA A 244 -14.61 -4.41 28.17
CA ALA A 244 -13.25 -3.85 28.28
C ALA A 244 -13.18 -2.33 28.12
N VAL A 245 -13.84 -1.80 27.10
CA VAL A 245 -13.78 -0.37 26.78
C VAL A 245 -14.59 0.44 27.81
N SER A 246 -15.55 -0.21 28.48
CA SER A 246 -16.32 0.44 29.53
C SER A 246 -15.82 0.16 30.96
N GLY A 247 -14.80 -0.68 31.10
CA GLY A 247 -14.21 -0.94 32.41
C GLY A 247 -15.03 -1.91 33.27
N GLY A 248 -15.86 -2.70 32.62
CA GLY A 248 -16.75 -3.61 33.34
C GLY A 248 -16.37 -5.07 33.33
N LYS A 249 -17.34 -5.90 33.70
CA LYS A 249 -17.18 -7.35 33.77
C LYS A 249 -18.39 -8.04 33.15
N ILE A 250 -18.13 -9.06 32.35
CA ILE A 250 -19.18 -9.76 31.65
C ILE A 250 -18.86 -11.24 31.52
N VAL A 251 -19.91 -12.06 31.57
CA VAL A 251 -19.85 -13.47 31.27
C VAL A 251 -20.70 -13.66 30.00
N CYS A 252 -20.05 -14.20 28.98
CA CYS A 252 -20.71 -14.59 27.73
C CYS A 252 -20.97 -16.07 27.82
N LYS A 253 -22.25 -16.44 27.80
CA LYS A 253 -22.66 -17.83 27.97
C LYS A 253 -23.00 -18.48 26.62
N ASN A 254 -22.83 -19.80 26.56
CA ASN A 254 -23.09 -20.58 25.34
C ASN A 254 -22.10 -20.23 24.23
N THR A 255 -20.86 -20.00 24.62
CA THR A 255 -19.79 -19.73 23.66
C THR A 255 -18.60 -20.61 24.03
N LYS A 256 -17.51 -20.53 23.26
CA LYS A 256 -16.35 -21.36 23.52
C LYS A 256 -15.08 -20.62 23.15
N ALA A 257 -14.12 -20.63 24.06
CA ALA A 257 -12.83 -19.95 23.89
C ALA A 257 -11.99 -20.38 22.67
N HIS A 258 -12.15 -21.63 22.22
CA HIS A 258 -11.34 -22.13 21.10
C HIS A 258 -11.65 -21.42 19.77
N LEU A 259 -12.80 -20.74 19.71
CA LEU A 259 -13.25 -20.01 18.51
C LEU A 259 -12.62 -18.62 18.35
N LEU A 260 -12.03 -18.09 19.42
CA LEU A 260 -11.44 -16.73 19.39
C LEU A 260 -10.18 -16.52 20.24
N GLU A 261 -9.24 -17.47 20.19
CA GLU A 261 -8.04 -17.37 21.02
C GLU A 261 -7.26 -16.08 20.73
N ALA A 262 -7.19 -15.69 19.45
CA ALA A 262 -6.52 -14.43 19.03
C ALA A 262 -7.11 -13.17 19.66
N VAL A 263 -8.45 -13.10 19.69
CA VAL A 263 -9.14 -11.97 20.30
C VAL A 263 -8.93 -11.96 21.83
N LEU A 264 -9.05 -13.14 22.45
CA LEU A 264 -8.84 -13.31 23.90
C LEU A 264 -7.45 -12.87 24.34
N ALA A 265 -6.42 -13.27 23.57
CA ALA A 265 -5.02 -12.94 23.87
C ALA A 265 -4.75 -11.44 23.80
N LYS A 266 -5.35 -10.80 22.79
CA LYS A 266 -5.33 -9.35 22.64
C LYS A 266 -6.09 -8.60 23.75
N LEU A 267 -7.21 -9.16 24.21
CA LEU A 267 -7.95 -8.55 25.32
C LEU A 267 -7.13 -8.60 26.63
N GLU A 268 -6.42 -9.72 26.84
CA GLU A 268 -5.37 -9.81 27.85
C GLU A 268 -4.19 -8.85 27.65
N GLU A 269 -3.68 -8.75 26.41
CA GLU A 269 -2.63 -7.81 26.09
C GLU A 269 -3.09 -6.41 26.47
N ALA A 270 -4.37 -6.14 26.26
CA ALA A 270 -4.97 -4.86 26.56
C ALA A 270 -5.26 -4.65 28.06
N GLY A 271 -4.91 -5.66 28.87
CA GLY A 271 -4.94 -5.55 30.34
C GLY A 271 -6.15 -6.12 31.03
N ALA A 272 -6.99 -6.83 30.26
CA ALA A 272 -8.24 -7.40 30.77
C ALA A 272 -7.98 -8.75 31.42
N ASP A 273 -8.78 -9.11 32.43
CA ASP A 273 -8.73 -10.43 33.06
C ASP A 273 -9.74 -11.35 32.40
N VAL A 274 -9.25 -12.25 31.55
CA VAL A 274 -10.08 -13.12 30.77
C VAL A 274 -10.07 -14.51 31.44
N GLN A 275 -11.25 -15.05 31.76
CA GLN A 275 -11.37 -16.42 32.26
C GLN A 275 -12.32 -17.17 31.35
N THR A 276 -12.18 -18.48 31.25
CA THR A 276 -13.02 -19.31 30.39
C THR A 276 -13.52 -20.57 31.13
N GLY A 277 -14.65 -21.09 30.66
CA GLY A 277 -15.18 -22.35 31.19
C GLY A 277 -15.51 -23.29 30.04
N ASP A 278 -16.29 -24.32 30.35
CA ASP A 278 -16.65 -25.31 29.34
C ASP A 278 -17.43 -24.68 28.18
N ASP A 279 -18.41 -23.84 28.50
CA ASP A 279 -19.11 -23.08 27.46
C ASP A 279 -19.40 -21.62 27.86
N TRP A 280 -18.43 -20.99 28.48
CA TRP A 280 -18.48 -19.56 28.76
C TRP A 280 -17.11 -18.90 28.70
N ILE A 281 -17.12 -17.59 28.51
CA ILE A 281 -15.93 -16.74 28.61
C ILE A 281 -16.35 -15.51 29.40
N SER A 282 -15.49 -15.11 30.33
CA SER A 282 -15.73 -13.90 31.07
C SER A 282 -14.54 -12.95 30.90
N LEU A 283 -14.84 -11.66 30.93
CA LEU A 283 -13.81 -10.65 30.95
C LEU A 283 -14.08 -9.72 32.13
N ASP A 284 -13.04 -9.41 32.90
CA ASP A 284 -13.16 -8.43 33.97
C ASP A 284 -12.15 -7.30 33.77
N MET A 285 -12.64 -6.08 33.77
CA MET A 285 -11.79 -4.92 33.52
C MET A 285 -11.73 -4.03 34.76
N THR A 286 -12.51 -4.41 35.78
CA THR A 286 -12.70 -3.57 36.97
C THR A 286 -11.38 -3.31 37.66
N GLY A 287 -11.07 -2.04 37.89
CA GLY A 287 -9.81 -1.64 38.52
C GLY A 287 -8.57 -1.85 37.67
N ARG A 288 -8.75 -1.97 36.35
CA ARG A 288 -7.66 -2.28 35.41
C ARG A 288 -7.48 -1.19 34.37
N GLU A 289 -6.23 -0.96 33.96
CA GLU A 289 -5.95 0.07 32.96
C GLU A 289 -5.98 -0.51 31.53
N LEU A 290 -6.74 0.15 30.64
CA LEU A 290 -6.82 -0.27 29.23
C LEU A 290 -5.59 0.22 28.46
N LYS A 291 -4.79 -0.72 27.93
CA LYS A 291 -3.62 -0.37 27.09
C LYS A 291 -3.86 -0.75 25.63
N ALA A 292 -3.36 0.09 24.72
CA ALA A 292 -3.51 -0.13 23.28
C ALA A 292 -2.72 -1.37 22.85
N VAL A 293 -3.21 -2.02 21.80
CA VAL A 293 -2.51 -3.17 21.21
C VAL A 293 -2.36 -2.99 19.71
N ASN A 294 -1.40 -3.67 19.11
CA ASN A 294 -1.31 -3.72 17.64
C ASN A 294 -1.99 -4.98 17.16
N ILE A 295 -2.69 -4.84 16.05
CA ILE A 295 -3.52 -5.88 15.53
C ILE A 295 -3.23 -5.95 14.04
N ARG A 296 -3.15 -7.17 13.53
CA ARG A 296 -3.05 -7.36 12.09
C ARG A 296 -4.12 -8.42 11.71
N THR A 297 -5.12 -8.02 10.95
CA THR A 297 -6.14 -8.96 10.51
C THR A 297 -5.53 -9.99 9.57
N ALA A 298 -6.03 -11.22 9.61
CA ALA A 298 -5.55 -12.31 8.76
C ALA A 298 -6.57 -13.43 8.87
N PRO A 299 -6.48 -14.44 8.00
CA PRO A 299 -7.45 -15.55 8.14
C PRO A 299 -7.30 -16.31 9.45
N HIS A 300 -8.42 -16.89 9.89
CA HIS A 300 -8.44 -17.77 11.05
C HIS A 300 -7.28 -18.75 11.04
N PRO A 301 -6.64 -18.96 12.22
CA PRO A 301 -7.02 -18.51 13.57
C PRO A 301 -6.41 -17.17 14.03
N ALA A 302 -5.96 -16.35 13.08
CA ALA A 302 -5.44 -15.05 13.47
C ALA A 302 -6.61 -14.12 13.83
N PHE A 303 -6.30 -12.88 14.22
CA PHE A 303 -7.30 -11.90 14.58
C PHE A 303 -8.21 -11.64 13.39
N PRO A 304 -9.53 -11.72 13.59
CA PRO A 304 -10.53 -11.63 12.49
C PRO A 304 -10.86 -10.19 12.06
N THR A 305 -10.92 -9.97 10.74
CA THR A 305 -11.41 -8.68 10.21
C THR A 305 -12.78 -8.30 10.83
N ASP A 306 -13.60 -9.28 11.19
CA ASP A 306 -14.92 -8.97 11.77
C ASP A 306 -14.88 -8.36 13.18
N MET A 307 -13.73 -8.46 13.84
CA MET A 307 -13.47 -7.81 15.12
C MET A 307 -12.66 -6.49 15.05
N GLN A 308 -12.26 -6.12 13.84
CA GLN A 308 -11.28 -5.05 13.68
C GLN A 308 -11.84 -3.67 14.03
N ALA A 309 -13.07 -3.38 13.59
CA ALA A 309 -13.72 -2.12 13.93
C ALA A 309 -13.89 -1.99 15.46
N GLN A 310 -14.29 -3.08 16.12
CA GLN A 310 -14.49 -3.10 17.54
C GLN A 310 -13.19 -2.83 18.31
N PHE A 311 -12.08 -3.35 17.78
CA PHE A 311 -10.78 -3.10 18.38
C PHE A 311 -10.16 -1.75 18.06
N THR A 312 -10.58 -1.13 16.94
CA THR A 312 -10.25 0.25 16.63
C THR A 312 -10.82 1.12 17.73
N LEU A 313 -12.09 0.91 18.08
CA LEU A 313 -12.69 1.62 19.22
C LEU A 313 -11.91 1.40 20.51
N LEU A 314 -11.58 0.15 20.82
CA LEU A 314 -10.81 -0.16 22.05
C LEU A 314 -9.49 0.60 22.13
N ASN A 315 -8.74 0.58 21.04
CA ASN A 315 -7.46 1.27 20.98
C ASN A 315 -7.68 2.77 21.11
N MET A 316 -8.74 3.27 20.49
CA MET A 316 -9.04 4.71 20.53
C MET A 316 -9.20 5.17 21.96
N MET A 317 -9.91 4.37 22.75
CA MET A 317 -10.15 4.66 24.15
C MET A 317 -8.97 4.29 25.07
N ALA A 318 -8.23 3.24 24.74
CA ALA A 318 -7.06 2.83 25.54
C ALA A 318 -5.92 3.83 25.56
N LYS A 319 -5.13 3.79 26.62
CA LYS A 319 -3.89 4.58 26.69
C LYS A 319 -2.82 4.00 25.80
N GLY A 320 -2.28 4.88 24.95
CA GLY A 320 -1.24 4.53 24.00
C GLY A 320 -1.73 4.62 22.56
N SER A 321 -0.80 4.59 21.63
CA SER A 321 -1.17 4.41 20.23
C SER A 321 -1.37 2.92 20.01
N GLY A 322 -2.11 2.58 18.97
CA GLY A 322 -2.40 1.20 18.64
C GLY A 322 -2.59 1.17 17.15
N ILE A 323 -1.85 0.27 16.51
CA ILE A 323 -1.79 0.19 15.06
C ILE A 323 -2.65 -0.98 14.61
N ILE A 324 -3.62 -0.71 13.76
CA ILE A 324 -4.43 -1.77 13.18
C ILE A 324 -4.17 -1.86 11.69
N THR A 325 -3.65 -3.00 11.24
CA THR A 325 -3.43 -3.24 9.82
C THR A 325 -4.44 -4.26 9.29
N GLU A 326 -5.09 -3.89 8.21
CA GLU A 326 -6.14 -4.68 7.63
C GLU A 326 -5.56 -5.32 6.39
N THR A 327 -5.39 -6.64 6.41
CA THR A 327 -4.91 -7.36 5.22
C THR A 327 -6.05 -8.04 4.45
N ILE A 328 -7.25 -8.09 5.04
CA ILE A 328 -8.43 -8.72 4.36
C ILE A 328 -9.24 -7.76 3.48
N PHE A 329 -9.86 -6.76 4.09
CA PHE A 329 -10.58 -5.73 3.36
C PHE A 329 -9.86 -4.42 3.59
N GLU A 330 -9.00 -4.05 2.65
CA GLU A 330 -8.06 -2.94 2.81
C GLU A 330 -8.71 -1.56 3.01
N ASN A 331 -10.00 -1.42 2.73
CA ASN A 331 -10.71 -0.16 3.03
C ASN A 331 -11.81 -0.23 4.09
N ARG A 332 -11.72 -1.20 4.99
CA ARG A 332 -12.76 -1.34 6.02
C ARG A 332 -12.53 -0.36 7.18
N PHE A 333 -12.50 0.94 6.89
CA PHE A 333 -12.27 1.90 7.98
C PHE A 333 -13.33 3.00 8.02
N MET A 334 -14.52 2.66 7.52
CA MET A 334 -15.63 3.59 7.47
C MET A 334 -16.17 4.03 8.84
N HIS A 335 -16.00 3.20 9.86
CA HIS A 335 -16.33 3.56 11.24
C HIS A 335 -15.47 4.68 11.82
N ILE A 336 -14.27 4.85 11.28
CA ILE A 336 -13.34 5.83 11.87
C ILE A 336 -13.83 7.27 11.73
N PRO A 337 -14.15 7.74 10.50
CA PRO A 337 -14.74 9.07 10.35
C PRO A 337 -15.99 9.32 11.22
N GLU A 338 -16.87 8.31 11.38
CA GLU A 338 -17.99 8.36 12.34
C GLU A 338 -17.52 8.48 13.82
N LEU A 339 -16.54 7.68 14.20
CA LEU A 339 -16.00 7.79 15.56
C LEU A 339 -15.32 9.15 15.79
N GLN A 340 -14.69 9.67 14.73
CA GLN A 340 -14.07 10.99 14.79
C GLN A 340 -15.12 12.10 14.97
N ARG A 341 -16.31 11.91 14.42
CA ARG A 341 -17.45 12.79 14.75
C ARG A 341 -17.80 12.80 16.25
N MET A 342 -17.55 11.68 16.95
CA MET A 342 -17.69 11.59 18.41
C MET A 342 -16.39 11.99 19.17
N GLY A 343 -15.38 12.48 18.46
CA GLY A 343 -14.15 12.94 19.13
C GLY A 343 -13.03 11.93 19.35
N ALA A 344 -13.15 10.75 18.73
CA ALA A 344 -12.08 9.77 18.68
C ALA A 344 -10.95 10.32 17.84
N HIS A 345 -9.71 9.94 18.16
CA HIS A 345 -8.55 10.31 17.31
C HIS A 345 -7.87 9.13 16.66
N ALA A 346 -7.60 9.24 15.36
CA ALA A 346 -6.92 8.19 14.60
C ALA A 346 -6.44 8.79 13.30
N GLU A 347 -5.37 8.21 12.75
CA GLU A 347 -4.90 8.54 11.41
C GLU A 347 -5.11 7.29 10.55
N ILE A 348 -5.38 7.48 9.27
CA ILE A 348 -5.52 6.33 8.38
C ILE A 348 -4.42 6.47 7.35
N GLU A 349 -3.57 5.45 7.25
CA GLU A 349 -2.56 5.46 6.22
C GLU A 349 -2.61 4.18 5.41
N GLY A 350 -3.31 4.24 4.28
CA GLY A 350 -3.45 3.07 3.40
C GLY A 350 -4.41 2.10 4.07
N ASN A 351 -3.94 0.88 4.28
CA ASN A 351 -4.68 -0.16 4.99
C ASN A 351 -4.33 -0.21 6.49
N THR A 352 -3.66 0.83 6.98
CA THR A 352 -3.27 0.92 8.38
C THR A 352 -3.94 2.10 9.06
N ALA A 353 -4.62 1.82 10.17
CA ALA A 353 -5.13 2.86 11.01
C ALA A 353 -4.29 2.96 12.28
N ILE A 354 -3.92 4.19 12.63
CA ILE A 354 -3.12 4.39 13.86
C ILE A 354 -4.01 5.14 14.84
N CYS A 355 -4.41 4.43 15.88
CA CYS A 355 -5.38 4.96 16.83
C CYS A 355 -4.69 5.77 17.92
N GLY A 356 -5.12 7.01 18.08
CA GLY A 356 -4.50 7.92 19.04
C GLY A 356 -5.20 7.84 20.39
N ASP A 357 -5.03 8.88 21.18
CA ASP A 357 -5.75 8.98 22.43
C ASP A 357 -6.79 10.06 22.33
N THR A 358 -7.84 9.89 23.11
CA THR A 358 -8.83 10.91 23.27
C THR A 358 -9.15 10.97 24.75
N ASP A 359 -9.67 12.11 25.20
CA ASP A 359 -10.09 12.27 26.59
C ASP A 359 -11.41 11.57 26.87
N GLY A 360 -12.16 11.25 25.81
CA GLY A 360 -13.47 10.63 25.95
C GLY A 360 -14.31 11.01 24.76
N LEU A 361 -15.37 10.24 24.53
CA LEU A 361 -16.26 10.52 23.42
C LEU A 361 -17.43 11.41 23.81
N SER A 362 -18.05 11.99 22.80
CA SER A 362 -19.11 12.97 22.93
C SER A 362 -20.18 12.63 21.90
N GLY A 363 -21.39 12.36 22.38
CA GLY A 363 -22.48 11.88 21.54
C GLY A 363 -22.76 12.76 20.35
N ALA A 364 -23.02 12.12 19.21
CA ALA A 364 -23.32 12.82 17.97
C ALA A 364 -24.17 11.92 17.10
N GLN A 365 -24.69 12.46 16.01
CA GLN A 365 -25.38 11.65 15.02
C GLN A 365 -24.34 11.00 14.12
N VAL A 366 -24.48 9.69 13.95
CA VAL A 366 -23.52 8.91 13.17
C VAL A 366 -24.27 7.84 12.38
N MET A 367 -23.62 7.37 11.33
CA MET A 367 -24.30 6.49 10.42
C MET A 367 -23.60 5.15 10.27
N ALA A 368 -24.35 4.11 10.58
CA ALA A 368 -24.03 2.73 10.28
C ALA A 368 -23.84 2.55 8.76
N THR A 369 -22.80 1.83 8.35
CA THR A 369 -22.58 1.55 6.91
C THR A 369 -22.28 0.08 6.62
N ASP A 370 -21.85 -0.65 7.62
CA ASP A 370 -21.64 -2.08 7.46
C ASP A 370 -21.82 -2.69 8.82
N LEU A 371 -22.09 -3.99 8.83
CA LEU A 371 -22.35 -4.74 10.06
C LEU A 371 -21.51 -4.32 11.27
N ARG A 372 -20.19 -4.54 11.19
CA ARG A 372 -19.32 -4.38 12.35
C ARG A 372 -18.97 -2.92 12.66
N ALA A 373 -19.03 -2.04 11.66
CA ALA A 373 -18.85 -0.59 11.87
C ALA A 373 -19.96 -0.11 12.76
N SER A 374 -21.15 -0.63 12.49
CA SER A 374 -22.34 -0.29 13.27
C SER A 374 -22.17 -0.73 14.71
N ALA A 375 -21.80 -1.98 14.95
CA ALA A 375 -21.73 -2.47 16.32
C ALA A 375 -20.76 -1.62 17.17
N SER A 376 -19.66 -1.20 16.56
CA SER A 376 -18.68 -0.37 17.23
CA SER A 376 -18.67 -0.37 17.26
C SER A 376 -19.23 1.03 17.55
N LEU A 377 -20.10 1.55 16.66
CA LEU A 377 -20.80 2.82 16.86
C LEU A 377 -21.81 2.73 17.98
N VAL A 378 -22.53 1.61 18.04
CA VAL A 378 -23.45 1.44 19.16
C VAL A 378 -22.68 1.43 20.48
N ILE A 379 -21.62 0.62 20.57
CA ILE A 379 -20.78 0.54 21.78
C ILE A 379 -20.21 1.90 22.19
N ALA A 380 -19.71 2.67 21.22
CA ALA A 380 -19.17 3.99 21.49
C ALA A 380 -20.26 4.87 22.08
N GLY A 381 -21.49 4.72 21.59
CA GLY A 381 -22.62 5.54 22.08
C GLY A 381 -22.89 5.25 23.55
N CYS A 382 -22.78 3.97 23.94
CA CYS A 382 -22.92 3.55 25.34
C CYS A 382 -21.88 4.19 26.30
N ILE A 383 -20.67 4.48 25.81
CA ILE A 383 -19.56 5.07 26.62
C ILE A 383 -19.33 6.60 26.41
N ALA A 384 -20.00 7.19 25.44
CA ALA A 384 -19.87 8.64 25.18
C ALA A 384 -20.63 9.51 26.19
N LYS A 385 -20.26 10.79 26.30
CA LYS A 385 -21.05 11.74 27.09
C LYS A 385 -22.23 12.21 26.24
N GLY A 386 -23.44 12.01 26.77
CA GLY A 386 -24.64 12.51 26.11
C GLY A 386 -25.33 11.53 25.18
N GLU A 387 -26.03 12.06 24.17
CA GLU A 387 -26.88 11.26 23.33
C GLU A 387 -26.27 11.06 21.96
N THR A 388 -26.15 9.79 21.57
CA THR A 388 -25.71 9.40 20.26
C THR A 388 -26.92 8.86 19.52
N ILE A 389 -27.05 9.23 18.25
CA ILE A 389 -28.04 8.62 17.39
C ILE A 389 -27.32 7.85 16.30
N VAL A 390 -27.49 6.52 16.30
CA VAL A 390 -26.96 5.68 15.21
C VAL A 390 -28.07 5.40 14.18
N ASP A 391 -27.91 5.94 12.97
CA ASP A 391 -28.92 5.83 11.92
C ASP A 391 -28.63 4.61 11.06
N ARG A 392 -29.65 4.15 10.32
CA ARG A 392 -29.50 3.05 9.37
C ARG A 392 -29.07 1.75 10.06
N ILE A 393 -29.60 1.50 11.26
CA ILE A 393 -29.23 0.32 12.06
C ILE A 393 -29.72 -1.01 11.48
N TYR A 394 -30.48 -0.97 10.38
CA TYR A 394 -30.81 -2.22 9.68
C TYR A 394 -29.52 -3.00 9.34
N HIS A 395 -28.42 -2.28 9.12
CA HIS A 395 -27.11 -2.93 8.96
C HIS A 395 -26.74 -3.83 10.11
N ILE A 396 -26.95 -3.35 11.34
CA ILE A 396 -26.65 -4.15 12.52
CA ILE A 396 -26.67 -4.15 12.55
C ILE A 396 -27.57 -5.40 12.63
N ASP A 397 -28.86 -5.23 12.31
CA ASP A 397 -29.86 -6.31 12.39
C ASP A 397 -29.63 -7.41 11.37
N ARG A 398 -28.81 -7.11 10.37
CA ARG A 398 -28.32 -8.13 9.45
C ARG A 398 -27.42 -9.11 10.19
N GLY A 399 -26.69 -8.62 11.19
CA GLY A 399 -25.64 -9.43 11.83
C GLY A 399 -25.74 -9.76 13.31
N TYR A 400 -26.60 -9.06 14.05
CA TYR A 400 -26.79 -9.29 15.49
C TYR A 400 -28.27 -9.53 15.85
N ASP A 401 -28.52 -10.53 16.68
CA ASP A 401 -29.85 -10.83 17.21
C ASP A 401 -30.16 -9.86 18.37
N LYS A 402 -30.95 -8.82 18.08
CA LYS A 402 -31.49 -7.92 19.10
C LYS A 402 -30.41 -7.43 20.08
N ILE A 403 -29.41 -6.75 19.51
CA ILE A 403 -28.24 -6.28 20.23
C ILE A 403 -28.66 -5.32 21.33
N GLU A 404 -29.73 -4.58 21.09
CA GLU A 404 -30.18 -3.60 22.06
C GLU A 404 -30.80 -4.24 23.31
N ASP A 405 -31.32 -5.45 23.19
CA ASP A 405 -31.84 -6.19 24.35
C ASP A 405 -30.70 -6.72 25.22
N LYS A 406 -29.67 -7.19 24.54
CA LYS A 406 -28.51 -7.72 25.20
C LYS A 406 -27.73 -6.60 25.87
N LEU A 407 -27.62 -5.43 25.22
CA LEU A 407 -26.93 -4.28 25.82
C LEU A 407 -27.73 -3.72 27.02
N THR A 408 -29.05 -3.56 26.88
CA THR A 408 -29.94 -3.22 28.00
C THR A 408 -29.71 -4.12 29.23
N ALA A 409 -29.57 -5.42 29.04
CA ALA A 409 -29.30 -6.36 30.14
C ALA A 409 -27.92 -6.17 30.79
N LEU A 410 -27.04 -5.45 30.10
CA LEU A 410 -25.72 -5.10 30.66
C LEU A 410 -25.70 -3.67 31.23
N GLY A 411 -26.86 -3.02 31.19
CA GLY A 411 -27.05 -1.73 31.85
C GLY A 411 -27.06 -0.52 30.94
N ALA A 412 -26.99 -0.73 29.63
CA ALA A 412 -27.04 0.37 28.64
C ALA A 412 -28.43 1.00 28.52
N ASN A 413 -28.46 2.28 28.16
CA ASN A 413 -29.69 2.99 27.86
C ASN A 413 -29.77 3.21 26.35
N ILE A 414 -30.51 2.32 25.68
CA ILE A 414 -30.59 2.33 24.23
C ILE A 414 -32.02 2.04 23.80
N GLU A 415 -32.52 2.89 22.90
CA GLU A 415 -33.88 2.77 22.41
C GLU A 415 -33.86 2.55 20.91
N ARG A 416 -34.60 1.55 20.43
CA ARG A 416 -34.84 1.42 19.01
C ARG A 416 -35.95 2.39 18.65
N VAL A 417 -35.68 3.32 17.73
CA VAL A 417 -36.71 4.30 17.30
C VAL A 417 -37.08 4.12 15.83
N HIS A 418 -38.38 4.16 15.55
CA HIS A 418 -38.89 4.02 14.17
C HIS A 418 -39.06 5.36 13.48
N SER A 419 -39.51 5.34 12.23
CA SER A 419 -39.77 6.58 11.49
C SER A 419 -41.20 6.66 10.94
N MET B 1 -37.32 7.23 -6.99
CA MET B 1 -35.85 7.08 -7.19
C MET B 1 -35.50 6.98 -8.68
N ASP B 2 -34.95 8.06 -9.24
CA ASP B 2 -34.67 8.12 -10.67
C ASP B 2 -33.57 7.14 -11.11
N LYS B 3 -33.73 6.62 -12.33
CA LYS B 3 -32.78 5.72 -12.99
C LYS B 3 -32.58 6.20 -14.41
N PHE B 4 -31.44 5.86 -15.02
CA PHE B 4 -31.33 5.96 -16.47
C PHE B 4 -31.62 4.61 -17.12
N ARG B 5 -32.47 4.61 -18.15
CA ARG B 5 -32.66 3.44 -19.01
C ARG B 5 -31.96 3.73 -20.33
N ILE B 6 -30.96 2.92 -20.65
CA ILE B 6 -30.10 3.15 -21.82
C ILE B 6 -30.14 1.98 -22.80
N GLN B 7 -30.30 2.31 -24.10
CA GLN B 7 -30.23 1.33 -25.20
C GLN B 7 -28.87 1.46 -25.87
N GLY B 8 -28.05 0.44 -25.68
CA GLY B 8 -26.67 0.51 -26.14
C GLY B 8 -26.65 0.50 -27.64
N SER B 9 -25.59 1.06 -28.23
CA SER B 9 -25.43 1.02 -29.66
C SER B 9 -23.96 0.92 -30.00
N ASP B 10 -23.68 0.33 -31.16
CA ASP B 10 -22.33 0.30 -31.70
C ASP B 10 -22.09 1.49 -32.62
N LYS B 11 -23.11 2.33 -32.82
CA LYS B 11 -22.97 3.56 -33.56
C LYS B 11 -22.25 4.61 -32.69
N PRO B 12 -21.17 5.19 -33.21
CA PRO B 12 -20.36 6.09 -32.39
C PRO B 12 -21.14 7.31 -31.86
N LEU B 13 -20.75 7.80 -30.68
CA LEU B 13 -21.28 9.06 -30.20
C LEU B 13 -20.56 10.16 -30.94
N SER B 14 -21.31 11.07 -31.56
CA SER B 14 -20.71 12.13 -32.35
C SER B 14 -21.51 13.44 -32.40
N GLY B 15 -20.80 14.54 -32.61
CA GLY B 15 -21.43 15.85 -32.73
C GLY B 15 -20.72 16.85 -31.87
N GLU B 16 -21.49 17.69 -31.20
CA GLU B 16 -20.92 18.68 -30.30
C GLU B 16 -21.68 18.77 -29.00
N VAL B 17 -21.02 19.34 -28.01
CA VAL B 17 -21.63 19.60 -26.72
C VAL B 17 -21.09 20.93 -26.22
N THR B 18 -21.93 21.63 -25.48
CA THR B 18 -21.49 22.86 -24.85
C THR B 18 -21.16 22.57 -23.40
N ILE B 19 -19.92 22.86 -23.03
CA ILE B 19 -19.44 22.56 -21.67
C ILE B 19 -19.92 23.63 -20.70
N SER B 20 -20.52 23.16 -19.60
CA SER B 20 -20.99 23.96 -18.48
C SER B 20 -19.85 24.43 -17.60
N GLY B 21 -20.16 25.36 -16.69
CA GLY B 21 -19.17 25.91 -15.76
C GLY B 21 -18.79 24.83 -14.77
N ALA B 22 -17.61 24.97 -14.17
CA ALA B 22 -17.07 23.95 -13.27
C ALA B 22 -17.81 23.87 -11.93
N LYS B 23 -18.44 22.73 -11.66
CA LYS B 23 -18.96 22.39 -10.34
C LYS B 23 -18.00 22.79 -9.20
N ASN B 24 -16.75 22.36 -9.33
CA ASN B 24 -15.74 22.51 -8.29
C ASN B 24 -15.16 23.92 -8.23
N ALA B 25 -15.61 24.80 -9.11
CA ALA B 25 -15.34 26.24 -8.98
C ALA B 25 -16.58 27.00 -8.53
N ALA B 26 -17.75 26.64 -9.08
CA ALA B 26 -19.04 27.18 -8.63
C ALA B 26 -19.22 27.03 -7.12
N LEU B 27 -19.02 25.81 -6.61
CA LEU B 27 -19.19 25.51 -5.19
C LEU B 27 -18.32 26.35 -4.22
N PRO B 28 -16.99 26.36 -4.39
CA PRO B 28 -16.20 27.20 -3.49
C PRO B 28 -16.48 28.72 -3.69
N ILE B 29 -16.69 29.15 -4.92
CA ILE B 29 -17.00 30.56 -5.22
C ILE B 29 -18.33 30.97 -4.52
N LEU B 30 -19.36 30.10 -4.60
CA LEU B 30 -20.61 30.32 -3.86
C LEU B 30 -20.45 30.38 -2.35
N PHE B 31 -19.62 29.51 -1.77
CA PHE B 31 -19.27 29.68 -0.34
C PHE B 31 -18.42 30.92 -0.04
N ALA B 32 -17.50 31.27 -0.95
CA ALA B 32 -16.69 32.49 -0.81
C ALA B 32 -17.59 33.74 -0.73
N SER B 33 -18.73 33.71 -1.40
CA SER B 33 -19.65 34.86 -1.46
C SER B 33 -20.25 35.27 -0.12
N LEU B 34 -20.10 34.39 0.88
CA LEU B 34 -20.43 34.71 2.27
C LEU B 34 -19.57 35.86 2.82
N LEU B 35 -18.40 36.08 2.19
CA LEU B 35 -17.46 37.16 2.52
C LEU B 35 -17.92 38.52 1.96
N ALA B 36 -18.72 38.48 0.89
CA ALA B 36 -19.09 39.67 0.13
C ALA B 36 -20.20 40.44 0.82
N GLU B 37 -19.97 41.74 1.03
CA GLU B 37 -20.96 42.59 1.68
C GLU B 37 -21.95 43.21 0.69
N GLU B 38 -21.59 43.19 -0.59
CA GLU B 38 -22.46 43.73 -1.63
C GLU B 38 -23.02 42.62 -2.54
N PRO B 39 -24.08 42.94 -3.32
CA PRO B 39 -24.58 42.00 -4.33
C PRO B 39 -23.51 41.39 -5.26
N VAL B 40 -23.66 40.10 -5.52
CA VAL B 40 -22.70 39.32 -6.29
C VAL B 40 -23.44 38.56 -7.40
N GLU B 41 -22.88 38.59 -8.60
CA GLU B 41 -23.43 37.77 -9.66
C GLU B 41 -22.41 36.75 -10.14
N VAL B 42 -22.80 35.49 -10.10
CA VAL B 42 -21.91 34.41 -10.56
C VAL B 42 -22.52 33.80 -11.83
N ALA B 43 -21.94 34.13 -12.99
CA ALA B 43 -22.36 33.60 -14.30
C ALA B 43 -21.83 32.17 -14.63
N ASN B 44 -22.44 31.56 -15.65
CA ASN B 44 -22.09 30.23 -16.14
C ASN B 44 -22.06 29.18 -15.02
N VAL B 45 -23.12 29.17 -14.22
CA VAL B 45 -23.23 28.21 -13.12
C VAL B 45 -24.12 27.05 -13.53
N PRO B 46 -23.54 25.82 -13.56
CA PRO B 46 -24.25 24.64 -14.07
C PRO B 46 -25.42 24.35 -13.15
N LYS B 47 -26.44 23.67 -13.66
CA LYS B 47 -27.57 23.33 -12.79
C LYS B 47 -27.40 21.96 -12.16
N LEU B 48 -27.01 21.94 -10.90
CA LEU B 48 -26.67 20.71 -10.21
C LEU B 48 -27.30 20.69 -8.81
N ARG B 49 -27.62 19.49 -8.33
CA ARG B 49 -28.20 19.39 -6.98
C ARG B 49 -27.25 19.86 -5.88
N ASP B 50 -25.94 19.75 -6.11
CA ASP B 50 -24.96 20.37 -5.21
C ASP B 50 -25.05 21.91 -5.17
N VAL B 51 -25.30 22.53 -6.32
CA VAL B 51 -25.54 23.99 -6.39
C VAL B 51 -26.84 24.31 -5.62
N ASP B 52 -27.89 23.52 -5.85
CA ASP B 52 -29.14 23.62 -5.08
C ASP B 52 -28.95 23.54 -3.57
N THR B 53 -28.13 22.59 -3.09
CA THR B 53 -27.88 22.44 -1.65
C THR B 53 -27.13 23.67 -1.11
N THR B 54 -26.15 24.13 -1.87
CA THR B 54 -25.37 25.31 -1.52
C THR B 54 -26.27 26.54 -1.35
N MET B 55 -26.99 26.90 -2.41
CA MET B 55 -27.94 28.04 -2.39
C MET B 55 -28.88 27.96 -1.20
N GLU B 56 -29.22 26.74 -0.83
CA GLU B 56 -30.15 26.43 0.24
C GLU B 56 -29.48 26.62 1.61
N LEU B 57 -28.19 26.30 1.70
CA LEU B 57 -27.42 26.59 2.92
C LEU B 57 -27.15 28.08 3.06
N LEU B 58 -26.87 28.74 1.93
CA LEU B 58 -26.65 30.20 1.91
C LEU B 58 -27.92 30.93 2.37
N LYS B 59 -29.07 30.43 1.93
CA LYS B 59 -30.40 30.89 2.31
C LYS B 59 -30.67 30.64 3.80
N ARG B 60 -30.33 29.45 4.28
CA ARG B 60 -30.42 29.12 5.70
C ARG B 60 -29.57 30.06 6.55
N LEU B 61 -28.43 30.51 6.02
CA LEU B 61 -27.52 31.37 6.76
C LEU B 61 -27.96 32.84 6.74
N GLY B 62 -28.93 33.17 5.90
CA GLY B 62 -29.48 34.53 5.82
C GLY B 62 -29.14 35.31 4.57
N ALA B 63 -28.47 34.69 3.59
CA ALA B 63 -28.22 35.35 2.32
C ALA B 63 -29.48 35.31 1.46
N GLU B 64 -29.63 36.26 0.54
CA GLU B 64 -30.68 36.16 -0.47
C GLU B 64 -30.11 35.59 -1.75
N VAL B 65 -30.79 34.60 -2.31
CA VAL B 65 -30.26 33.84 -3.44
C VAL B 65 -31.34 33.56 -4.48
N SER B 66 -30.97 33.73 -5.76
CA SER B 66 -31.81 33.31 -6.90
C SER B 66 -30.91 32.88 -8.07
N ARG B 67 -31.46 32.19 -9.07
CA ARG B 67 -30.61 31.67 -10.18
C ARG B 67 -31.24 31.57 -11.60
N ASN B 68 -30.40 31.10 -12.53
CA ASN B 68 -30.75 30.57 -13.88
C ASN B 68 -29.95 31.15 -15.02
N GLY B 69 -28.77 30.57 -15.22
CA GLY B 69 -27.72 31.17 -16.02
C GLY B 69 -26.69 31.59 -15.00
N SER B 70 -26.96 32.73 -14.37
CA SER B 70 -26.17 33.24 -13.26
C SER B 70 -26.83 32.84 -11.94
N VAL B 71 -26.06 32.84 -10.87
CA VAL B 71 -26.60 32.79 -9.51
C VAL B 71 -26.40 34.18 -8.91
N HIS B 72 -27.44 34.71 -8.28
CA HIS B 72 -27.33 36.01 -7.60
C HIS B 72 -27.32 35.80 -6.12
N ILE B 73 -26.37 36.45 -5.45
CA ILE B 73 -26.25 36.35 -4.00
C ILE B 73 -26.15 37.74 -3.42
N ASP B 74 -26.91 37.98 -2.36
CA ASP B 74 -26.77 39.15 -1.51
C ASP B 74 -26.59 38.63 -0.08
N ALA B 75 -25.35 38.62 0.38
CA ALA B 75 -25.00 38.00 1.66
C ALA B 75 -24.80 39.05 2.74
N SER B 76 -25.13 40.30 2.39
CA SER B 76 -25.11 41.42 3.35
C SER B 76 -25.85 41.09 4.65
N GLY B 77 -26.96 40.35 4.56
CA GLY B 77 -27.78 40.03 5.73
C GLY B 77 -27.54 38.70 6.42
N VAL B 78 -26.42 38.03 6.12
CA VAL B 78 -26.11 36.79 6.84
C VAL B 78 -26.15 36.98 8.35
N ASN B 79 -26.93 36.14 9.01
CA ASN B 79 -27.22 36.26 10.44
C ASN B 79 -27.26 34.91 11.18
N ASP B 80 -27.00 33.81 10.45
CA ASP B 80 -26.84 32.50 11.10
C ASP B 80 -25.48 31.90 10.72
N PHE B 81 -24.97 31.01 11.56
CA PHE B 81 -23.55 30.67 11.51
C PHE B 81 -23.25 29.17 11.59
N CYS B 82 -24.30 28.36 11.45
CA CYS B 82 -24.17 26.90 11.56
C CYS B 82 -24.56 26.20 10.27
N ALA B 83 -23.70 25.31 9.76
CA ALA B 83 -24.09 24.38 8.70
C ALA B 83 -24.51 23.03 9.33
N PRO B 84 -25.83 22.73 9.33
CA PRO B 84 -26.41 21.60 10.08
C PRO B 84 -26.01 20.21 9.57
N TYR B 85 -26.08 19.22 10.46
CA TYR B 85 -25.79 17.82 10.13
C TYR B 85 -26.50 17.35 8.86
N ASP B 86 -27.79 17.67 8.71
CA ASP B 86 -28.60 17.15 7.59
C ASP B 86 -28.20 17.67 6.20
N LEU B 87 -27.65 18.88 6.13
CA LEU B 87 -27.21 19.43 4.85
C LEU B 87 -25.78 19.04 4.53
N VAL B 88 -24.94 18.93 5.57
CA VAL B 88 -23.55 18.52 5.40
C VAL B 88 -23.43 17.06 4.98
N LYS B 89 -24.35 16.21 5.46
CA LYS B 89 -24.32 14.79 5.08
C LYS B 89 -24.80 14.60 3.63
N THR B 90 -25.58 15.54 3.13
CA THR B 90 -25.93 15.53 1.71
C THR B 90 -24.79 16.02 0.79
N MET B 91 -24.01 17.01 1.25
CA MET B 91 -22.78 17.40 0.54
C MET B 91 -21.67 17.94 1.46
N ARG B 92 -20.53 17.26 1.46
CA ARG B 92 -19.42 17.68 2.34
C ARG B 92 -18.77 19.03 1.99
N ALA B 93 -18.99 19.53 0.77
CA ALA B 93 -18.49 20.86 0.38
C ALA B 93 -18.98 21.96 1.34
N SER B 94 -20.05 21.66 2.09
CA SER B 94 -20.56 22.55 3.13
CA SER B 94 -20.57 22.51 3.17
C SER B 94 -19.47 23.02 4.09
N ILE B 95 -18.39 22.23 4.20
CA ILE B 95 -17.27 22.56 5.09
C ILE B 95 -16.63 23.92 4.75
N TRP B 96 -16.78 24.37 3.50
CA TRP B 96 -16.28 25.70 3.09
C TRP B 96 -17.03 26.88 3.67
N ALA B 97 -18.17 26.62 4.31
CA ALA B 97 -18.93 27.67 4.99
C ALA B 97 -18.09 28.21 6.15
N LEU B 98 -17.36 27.33 6.82
CA LEU B 98 -16.63 27.64 8.06
C LEU B 98 -15.67 28.83 7.95
N GLY B 99 -14.71 28.76 7.02
CA GLY B 99 -13.73 29.86 6.80
C GLY B 99 -14.33 31.25 6.65
N PRO B 100 -15.26 31.44 5.68
CA PRO B 100 -15.90 32.75 5.52
C PRO B 100 -16.57 33.24 6.79
N LEU B 101 -17.33 32.37 7.45
CA LEU B 101 -18.08 32.77 8.65
C LEU B 101 -17.17 33.26 9.79
N VAL B 102 -16.11 32.50 10.10
CA VAL B 102 -15.17 32.95 11.11
CA VAL B 102 -15.09 32.89 11.09
C VAL B 102 -14.37 34.20 10.69
N ALA B 103 -13.98 34.31 9.41
CA ALA B 103 -13.26 35.49 8.89
C ALA B 103 -14.13 36.74 8.96
N ARG B 104 -15.38 36.61 8.56
CA ARG B 104 -16.26 37.76 8.52
C ARG B 104 -16.91 38.08 9.88
N PHE B 105 -17.40 37.06 10.58
CA PHE B 105 -18.25 37.27 11.77
C PHE B 105 -17.63 36.85 13.09
N GLY B 106 -16.43 36.26 13.04
CA GLY B 106 -15.76 35.78 14.26
C GLY B 106 -16.28 34.47 14.84
N LYS B 107 -17.28 33.87 14.18
CA LYS B 107 -17.84 32.58 14.63
C LYS B 107 -18.39 31.75 13.46
N GLY B 108 -18.42 30.43 13.63
CA GLY B 108 -18.96 29.53 12.62
C GLY B 108 -18.94 28.13 13.15
N GLN B 109 -19.88 27.32 12.69
CA GLN B 109 -19.92 25.90 13.00
C GLN B 109 -20.35 25.11 11.78
N VAL B 110 -19.56 24.11 11.44
CA VAL B 110 -19.95 23.17 10.39
C VAL B 110 -19.87 21.76 10.97
N SER B 111 -20.88 20.96 10.61
CA SER B 111 -20.93 19.55 10.97
C SER B 111 -19.69 18.88 10.37
N LEU B 112 -19.04 18.00 11.13
CA LEU B 112 -17.83 17.33 10.65
C LEU B 112 -18.27 16.25 9.69
N PRO B 113 -17.81 16.33 8.42
CA PRO B 113 -18.24 15.31 7.44
C PRO B 113 -17.99 13.89 7.98
N GLY B 114 -18.90 12.96 7.70
CA GLY B 114 -18.72 11.55 8.10
C GLY B 114 -17.91 10.77 7.07
N GLY B 115 -18.04 9.44 7.08
CA GLY B 115 -17.31 8.58 6.14
C GLY B 115 -17.70 8.71 4.68
N CYS B 116 -16.72 8.51 3.80
CA CYS B 116 -16.91 8.49 2.36
C CYS B 116 -16.23 7.23 1.86
N ALA B 117 -16.91 6.49 1.00
CA ALA B 117 -16.44 5.18 0.53
C ALA B 117 -15.12 5.23 -0.28
N ILE B 118 -14.86 6.35 -0.95
CA ILE B 118 -13.68 6.48 -1.82
C ILE B 118 -12.33 6.57 -1.08
N GLY B 119 -12.37 6.78 0.23
CA GLY B 119 -11.15 6.80 1.03
C GLY B 119 -11.23 7.76 2.21
N ALA B 120 -10.19 7.79 3.03
CA ALA B 120 -10.16 8.67 4.20
C ALA B 120 -10.14 10.12 3.75
N ARG B 121 -11.11 10.90 4.23
CA ARG B 121 -11.18 12.33 3.83
C ARG B 121 -11.23 13.24 5.07
N PRO B 122 -10.16 13.21 5.90
CA PRO B 122 -10.22 14.05 7.11
C PRO B 122 -10.17 15.55 6.75
N VAL B 123 -10.53 16.42 7.68
CA VAL B 123 -10.50 17.87 7.39
C VAL B 123 -9.60 18.66 8.32
N ASP B 124 -8.62 17.94 8.87
CA ASP B 124 -7.60 18.48 9.77
C ASP B 124 -6.82 19.65 9.20
N LEU B 125 -6.59 19.68 7.88
CA LEU B 125 -5.84 20.77 7.26
C LEU B 125 -6.65 22.06 7.21
N HIS B 126 -7.96 21.93 7.04
CA HIS B 126 -8.85 23.10 7.19
C HIS B 126 -8.80 23.67 8.59
N ILE B 127 -8.97 22.80 9.59
CA ILE B 127 -8.98 23.20 10.99
C ILE B 127 -7.67 23.85 11.41
N HIS B 128 -6.55 23.24 11.04
CA HIS B 128 -5.24 23.72 11.48
CA HIS B 128 -5.21 23.68 11.44
C HIS B 128 -4.83 24.95 10.73
N GLY B 129 -5.27 25.07 9.47
CA GLY B 129 -5.02 26.31 8.72
C GLY B 129 -5.76 27.50 9.33
N LEU B 130 -7.01 27.29 9.71
CA LEU B 130 -7.80 28.33 10.41
C LEU B 130 -7.25 28.64 11.80
N GLU B 131 -6.71 27.60 12.47
CA GLU B 131 -6.04 27.78 13.76
C GLU B 131 -4.86 28.74 13.65
N GLN B 132 -4.05 28.52 12.62
CA GLN B 132 -2.88 29.34 12.33
C GLN B 132 -3.20 30.77 11.92
N LEU B 133 -4.39 30.98 11.35
CA LEU B 133 -4.92 32.32 11.14
C LEU B 133 -5.49 32.95 12.43
N GLY B 134 -5.48 32.18 13.52
CA GLY B 134 -5.88 32.69 14.82
C GLY B 134 -7.22 32.20 15.36
N ALA B 135 -7.83 31.18 14.74
CA ALA B 135 -9.09 30.63 15.28
C ALA B 135 -8.85 29.65 16.43
N THR B 136 -9.79 29.63 17.38
CA THR B 136 -9.92 28.57 18.40
C THR B 136 -11.01 27.63 17.89
N ILE B 137 -10.67 26.35 17.74
CA ILE B 137 -11.61 25.37 17.21
C ILE B 137 -11.81 24.22 18.20
N LYS B 138 -13.06 23.86 18.43
CA LYS B 138 -13.35 22.67 19.23
C LYS B 138 -14.34 21.79 18.48
N LEU B 139 -14.37 20.51 18.81
CA LEU B 139 -15.32 19.56 18.27
C LEU B 139 -16.35 19.26 19.34
N GLU B 140 -17.62 19.54 19.05
CA GLU B 140 -18.72 19.34 20.02
C GLU B 140 -20.00 18.83 19.39
N GLU B 141 -20.50 17.69 19.88
CA GLU B 141 -21.74 17.12 19.38
C GLU B 141 -21.64 16.86 17.86
N GLY B 142 -20.44 16.54 17.39
CA GLY B 142 -20.20 16.34 15.97
C GLY B 142 -20.02 17.61 15.15
N TYR B 143 -19.92 18.77 15.81
CA TYR B 143 -19.76 20.07 15.13
C TYR B 143 -18.38 20.63 15.33
N VAL B 144 -17.76 21.07 14.23
CA VAL B 144 -16.55 21.81 14.34
C VAL B 144 -16.97 23.24 14.69
N LYS B 145 -16.55 23.73 15.85
CA LYS B 145 -16.95 25.08 16.30
C LYS B 145 -15.76 26.02 16.29
N ALA B 146 -15.89 27.12 15.55
CA ALA B 146 -14.75 28.01 15.39
C ALA B 146 -15.09 29.38 15.96
N GLU B 147 -14.11 29.96 16.64
CA GLU B 147 -14.23 31.33 17.21
C GLU B 147 -12.95 32.12 16.99
N VAL B 148 -13.08 33.43 16.79
CA VAL B 148 -11.92 34.32 16.88
C VAL B 148 -12.41 35.65 17.49
N ASP B 149 -11.59 36.23 18.36
CA ASP B 149 -11.93 37.52 18.93
C ASP B 149 -11.36 38.66 18.06
N GLY B 150 -12.23 39.33 17.31
CA GLY B 150 -11.78 40.30 16.31
C GLY B 150 -11.47 39.60 14.99
N ARG B 151 -10.54 40.18 14.23
CA ARG B 151 -10.14 39.62 12.93
C ARG B 151 -9.12 38.51 13.04
N LEU B 152 -9.15 37.61 12.06
CA LEU B 152 -8.08 36.68 11.82
C LEU B 152 -6.80 37.45 11.52
N LYS B 153 -5.66 36.85 11.83
CA LYS B 153 -4.38 37.50 11.62
C LYS B 153 -3.58 36.67 10.63
N GLY B 154 -3.06 37.35 9.62
CA GLY B 154 -2.26 36.71 8.60
C GLY B 154 -1.08 35.94 9.16
N ALA B 155 -0.73 34.84 8.52
CA ALA B 155 0.41 34.05 8.96
C ALA B 155 1.01 33.32 7.80
N HIS B 156 2.22 32.81 8.03
CA HIS B 156 2.90 31.97 7.09
C HIS B 156 2.47 30.55 7.40
N ILE B 157 1.72 29.96 6.47
CA ILE B 157 1.19 28.62 6.68
C ILE B 157 1.77 27.67 5.65
N VAL B 158 2.49 26.66 6.12
CA VAL B 158 3.02 25.60 5.27
C VAL B 158 2.10 24.40 5.40
N MET B 159 1.28 24.17 4.38
CA MET B 159 0.39 23.04 4.36
C MET B 159 1.24 21.79 4.41
N ASP B 160 0.88 20.91 5.34
CA ASP B 160 1.47 19.59 5.54
C ASP B 160 1.43 18.75 4.26
N LYS B 161 0.28 18.84 3.59
CA LYS B 161 -0.06 18.07 2.39
C LYS B 161 -0.80 18.99 1.41
N VAL B 162 -0.83 18.60 0.15
CA VAL B 162 -1.61 19.32 -0.87
C VAL B 162 -3.09 18.94 -0.78
N SER B 163 -3.91 19.97 -0.57
CA SER B 163 -5.34 19.85 -0.44
C SER B 163 -6.04 20.98 -1.20
N VAL B 164 -6.94 20.61 -2.10
CA VAL B 164 -7.73 21.59 -2.85
C VAL B 164 -8.59 22.34 -1.85
N GLY B 165 -9.35 21.57 -1.07
CA GLY B 165 -10.26 22.10 -0.07
C GLY B 165 -9.69 22.99 1.02
N ALA B 166 -8.59 22.59 1.63
CA ALA B 166 -7.97 23.36 2.69
C ALA B 166 -7.21 24.59 2.14
N THR B 167 -6.74 24.49 0.88
CA THR B 167 -6.22 25.67 0.17
C THR B 167 -7.31 26.71 -0.01
N ILE B 168 -8.46 26.27 -0.49
CA ILE B 168 -9.61 27.13 -0.65
CA ILE B 168 -9.64 27.11 -0.65
C ILE B 168 -10.01 27.72 0.70
N THR B 169 -10.10 26.89 1.75
CA THR B 169 -10.45 27.33 3.11
C THR B 169 -9.53 28.43 3.63
N VAL B 170 -8.22 28.21 3.62
CA VAL B 170 -7.35 29.25 4.13
C VAL B 170 -7.20 30.47 3.20
N MET B 171 -7.15 30.29 1.88
CA MET B 171 -7.11 31.41 0.93
C MET B 171 -8.26 32.40 1.17
N CYS B 172 -9.48 31.88 1.18
CA CYS B 172 -10.70 32.66 1.36
C CYS B 172 -10.78 33.39 2.71
N ALA B 173 -10.61 32.65 3.82
CA ALA B 173 -10.57 33.24 5.17
C ALA B 173 -9.50 34.33 5.30
N ALA B 174 -8.34 34.09 4.68
CA ALA B 174 -7.20 35.01 4.67
C ALA B 174 -7.50 36.38 4.06
N THR B 175 -8.47 36.43 3.15
CA THR B 175 -8.85 37.69 2.51
C THR B 175 -9.30 38.77 3.51
N LEU B 176 -9.84 38.36 4.66
CA LEU B 176 -10.24 39.32 5.71
C LEU B 176 -9.33 39.36 6.93
N ALA B 177 -8.19 38.66 6.86
CA ALA B 177 -7.21 38.61 7.95
C ALA B 177 -6.40 39.92 8.00
N GLU B 178 -5.88 40.25 9.19
CA GLU B 178 -4.96 41.39 9.32
C GLU B 178 -3.58 41.02 8.80
N GLY B 179 -3.12 41.77 7.81
CA GLY B 179 -1.79 41.57 7.24
C GLY B 179 -1.73 40.56 6.11
N THR B 180 -0.56 39.98 5.93
CA THR B 180 -0.31 39.12 4.79
C THR B 180 -0.29 37.66 5.20
N THR B 181 -0.94 36.85 4.39
CA THR B 181 -0.90 35.39 4.58
C THR B 181 -0.05 34.83 3.43
N VAL B 182 0.89 33.96 3.76
CA VAL B 182 1.66 33.25 2.76
C VAL B 182 1.34 31.77 2.89
N LEU B 183 0.58 31.24 1.93
CA LEU B 183 0.20 29.83 1.95
C LEU B 183 1.15 29.04 1.06
N GLU B 184 1.96 28.19 1.69
CA GLU B 184 2.95 27.40 0.98
C GLU B 184 2.42 26.00 0.78
N ASN B 185 2.90 25.30 -0.26
CA ASN B 185 2.34 24.00 -0.66
C ASN B 185 0.83 24.04 -1.02
N ALA B 186 0.40 25.14 -1.64
CA ALA B 186 -1.00 25.34 -2.06
C ALA B 186 -1.38 24.46 -3.24
N ALA B 187 -2.64 24.01 -3.29
CA ALA B 187 -3.07 23.28 -4.48
C ALA B 187 -3.18 24.26 -5.66
N ARG B 188 -2.93 23.76 -6.88
CA ARG B 188 -2.82 24.64 -8.04
C ARG B 188 -3.95 24.46 -9.07
N GLU B 189 -4.99 23.72 -8.69
CA GLU B 189 -6.18 23.41 -9.50
C GLU B 189 -6.79 24.69 -10.09
N PRO B 190 -7.25 24.64 -11.36
CA PRO B 190 -7.85 25.81 -12.04
C PRO B 190 -8.95 26.50 -11.24
N GLU B 191 -9.69 25.71 -10.45
CA GLU B 191 -10.76 26.20 -9.57
C GLU B 191 -10.21 26.97 -8.35
N ILE B 192 -8.96 26.73 -7.99
CA ILE B 192 -8.28 27.56 -6.98
C ILE B 192 -7.96 28.93 -7.62
N VAL B 193 -7.44 28.91 -8.84
CA VAL B 193 -7.25 30.15 -9.61
C VAL B 193 -8.57 30.89 -9.81
N ASP B 194 -9.61 30.18 -10.23
CA ASP B 194 -10.90 30.80 -10.56
C ASP B 194 -11.55 31.39 -9.32
N THR B 195 -11.38 30.70 -8.18
CA THR B 195 -11.84 31.22 -6.88
C THR B 195 -11.08 32.48 -6.46
N ALA B 196 -9.76 32.44 -6.55
CA ALA B 196 -8.92 33.62 -6.36
C ALA B 196 -9.33 34.80 -7.25
N ASN B 197 -9.61 34.51 -8.53
CA ASN B 197 -10.02 35.54 -9.49
C ASN B 197 -11.39 36.13 -9.11
N PHE B 198 -12.28 35.28 -8.63
CA PHE B 198 -13.50 35.71 -7.99
C PHE B 198 -13.23 36.58 -6.77
N LEU B 199 -12.36 36.10 -5.88
CA LEU B 199 -12.03 36.87 -4.66
C LEU B 199 -11.49 38.27 -5.05
N ASN B 200 -10.58 38.35 -6.00
CA ASN B 200 -10.07 39.65 -6.47
C ASN B 200 -11.17 40.53 -7.08
N ALA B 201 -12.08 39.92 -7.85
CA ALA B 201 -13.23 40.64 -8.43
C ALA B 201 -14.12 41.30 -7.35
N ILE B 202 -14.16 40.67 -6.17
CA ILE B 202 -14.93 41.03 -4.99
C ILE B 202 -14.25 42.17 -4.20
N GLY B 203 -12.97 42.41 -4.50
CA GLY B 203 -12.13 43.37 -3.77
C GLY B 203 -10.90 42.83 -3.03
N ALA B 204 -10.61 41.53 -3.16
CA ALA B 204 -9.49 40.92 -2.43
C ALA B 204 -8.16 41.12 -3.13
N LYS B 205 -7.09 40.72 -2.46
CA LYS B 205 -5.75 40.88 -2.99
C LYS B 205 -5.09 39.54 -2.83
N VAL B 206 -5.40 38.65 -3.78
CA VAL B 206 -4.79 37.33 -3.87
C VAL B 206 -3.89 37.30 -5.11
N SER B 207 -2.65 36.87 -4.92
CA SER B 207 -1.75 36.58 -6.03
C SER B 207 -1.04 35.23 -5.83
N GLY B 208 -0.37 34.75 -6.88
CA GLY B 208 0.33 33.47 -6.83
C GLY B 208 -0.60 32.27 -6.94
N MET B 209 -1.88 32.51 -7.23
CA MET B 209 -2.77 31.39 -7.54
C MET B 209 -2.30 30.69 -8.82
N GLY B 210 -2.37 29.36 -8.84
CA GLY B 210 -1.76 28.58 -9.91
C GLY B 210 -0.36 28.10 -9.55
N THR B 211 0.22 28.70 -8.51
CA THR B 211 1.55 28.36 -8.06
C THR B 211 1.47 27.68 -6.70
N ASP B 212 2.57 27.07 -6.25
CA ASP B 212 2.56 26.42 -4.94
C ASP B 212 2.58 27.37 -3.70
N THR B 213 2.60 28.67 -3.96
CA THR B 213 2.60 29.73 -2.92
C THR B 213 1.63 30.87 -3.28
N ILE B 214 0.55 30.95 -2.52
CA ILE B 214 -0.47 31.98 -2.72
C ILE B 214 -0.31 33.01 -1.64
N THR B 215 -0.28 34.27 -2.07
CA THR B 215 -0.10 35.39 -1.15
C THR B 215 -1.38 36.17 -1.08
N ILE B 216 -1.83 36.33 0.16
CA ILE B 216 -3.05 37.06 0.42
C ILE B 216 -2.74 38.26 1.28
N GLU B 217 -3.05 39.44 0.77
CA GLU B 217 -2.89 40.65 1.55
C GLU B 217 -4.29 41.04 2.02
N GLY B 218 -4.53 40.88 3.31
CA GLY B 218 -5.86 41.04 3.86
C GLY B 218 -6.43 42.45 3.76
N VAL B 219 -7.75 42.52 3.57
CA VAL B 219 -8.50 43.78 3.63
C VAL B 219 -9.59 43.60 4.68
N GLU B 220 -10.20 44.71 5.08
CA GLU B 220 -11.19 44.68 6.17
C GLU B 220 -12.56 44.21 5.75
N ARG B 221 -12.91 44.44 4.48
CA ARG B 221 -14.24 44.07 4.00
C ARG B 221 -14.21 43.82 2.49
N LEU B 222 -15.03 42.89 2.04
CA LEU B 222 -15.14 42.65 0.61
C LEU B 222 -16.47 43.15 0.05
N GLY B 223 -16.40 43.67 -1.17
CA GLY B 223 -17.53 44.29 -1.82
C GLY B 223 -18.39 43.29 -2.55
N GLY B 224 -18.45 43.42 -3.86
CA GLY B 224 -19.30 42.57 -4.69
C GLY B 224 -18.85 42.72 -6.11
N GLY B 225 -19.65 42.21 -7.04
CA GLY B 225 -19.32 42.28 -8.45
C GLY B 225 -19.72 41.05 -9.24
N TYR B 226 -19.04 40.89 -10.37
CA TYR B 226 -19.37 39.89 -11.38
C TYR B 226 -18.23 38.91 -11.61
N HIS B 227 -18.57 37.62 -11.78
CA HIS B 227 -17.59 36.60 -12.16
C HIS B 227 -18.17 35.55 -13.07
N GLU B 228 -17.49 35.24 -14.16
CA GLU B 228 -17.93 34.10 -14.98
C GLU B 228 -17.15 32.83 -14.61
N VAL B 229 -17.85 31.76 -14.23
CA VAL B 229 -17.18 30.53 -13.76
C VAL B 229 -16.39 29.90 -14.90
N VAL B 230 -15.19 29.39 -14.60
CA VAL B 230 -14.39 28.64 -15.58
C VAL B 230 -15.17 27.42 -16.10
N ALA B 231 -14.91 27.01 -17.34
CA ALA B 231 -15.43 25.75 -17.89
C ALA B 231 -15.15 24.57 -16.97
N ASP B 232 -15.96 23.52 -17.08
CA ASP B 232 -15.75 22.31 -16.30
C ASP B 232 -14.81 21.36 -17.04
N ARG B 233 -13.62 21.16 -16.50
CA ARG B 233 -12.62 20.37 -17.22
C ARG B 233 -12.90 18.88 -17.15
N ILE B 234 -13.61 18.46 -16.11
CA ILE B 234 -13.93 17.06 -15.92
C ILE B 234 -15.08 16.66 -16.83
N GLU B 235 -16.12 17.49 -16.86
CA GLU B 235 -17.19 17.37 -17.85
C GLU B 235 -16.58 17.30 -19.26
N THR B 236 -15.71 18.26 -19.61
CA THR B 236 -14.98 18.20 -20.89
C THR B 236 -14.31 16.82 -21.12
N GLY B 237 -13.46 16.38 -20.19
CA GLY B 237 -12.84 15.08 -20.34
C GLY B 237 -13.85 13.94 -20.53
N THR B 238 -14.94 13.98 -19.76
CA THR B 238 -15.95 12.92 -19.78
C THR B 238 -16.53 12.71 -21.17
N PHE B 239 -16.76 13.83 -21.87
CA PHE B 239 -17.33 13.75 -23.20
C PHE B 239 -16.26 13.35 -24.18
N LEU B 240 -15.07 13.88 -24.00
CA LEU B 240 -13.98 13.47 -24.88
C LEU B 240 -13.79 11.95 -24.78
N VAL B 241 -13.82 11.43 -23.55
CA VAL B 241 -13.73 9.96 -23.32
C VAL B 241 -14.87 9.17 -23.97
N ALA B 242 -16.08 9.72 -23.91
CA ALA B 242 -17.26 9.10 -24.54
C ALA B 242 -17.07 8.92 -26.03
N ALA B 243 -16.52 9.95 -26.68
CA ALA B 243 -16.20 9.93 -28.10
C ALA B 243 -15.14 8.89 -28.41
N ALA B 244 -14.07 8.88 -27.61
CA ALA B 244 -12.98 7.90 -27.78
C ALA B 244 -13.44 6.46 -27.60
N VAL B 245 -14.18 6.20 -26.53
CA VAL B 245 -14.58 4.84 -26.19
C VAL B 245 -15.64 4.32 -27.15
N SER B 246 -16.34 5.23 -27.84
CA SER B 246 -17.42 4.84 -28.76
C SER B 246 -16.99 4.79 -30.23
N GLY B 247 -15.76 5.24 -30.51
CA GLY B 247 -15.26 5.33 -31.90
C GLY B 247 -15.70 6.60 -32.61
N GLY B 248 -16.21 7.59 -31.85
CA GLY B 248 -16.85 8.77 -32.45
C GLY B 248 -16.03 10.05 -32.57
N LYS B 249 -16.73 11.13 -32.96
CA LYS B 249 -16.13 12.45 -33.14
C LYS B 249 -16.97 13.54 -32.47
N ILE B 250 -16.34 14.30 -31.57
CA ILE B 250 -17.04 15.24 -30.72
C ILE B 250 -16.30 16.57 -30.68
N VAL B 251 -17.04 17.67 -30.76
CA VAL B 251 -16.47 19.00 -30.51
C VAL B 251 -17.03 19.52 -29.18
N CYS B 252 -16.15 19.72 -28.20
CA CYS B 252 -16.49 20.34 -26.92
C CYS B 252 -16.34 21.84 -27.05
N LYS B 253 -17.43 22.58 -26.81
CA LYS B 253 -17.39 24.03 -26.98
C LYS B 253 -17.50 24.73 -25.64
N ASN B 254 -16.98 25.95 -25.58
CA ASN B 254 -16.96 26.77 -24.35
C ASN B 254 -16.09 26.15 -23.27
N THR B 255 -14.97 25.58 -23.70
CA THR B 255 -13.99 24.99 -22.80
C THR B 255 -12.59 25.45 -23.25
N LYS B 256 -11.54 25.05 -22.55
CA LYS B 256 -10.15 25.42 -22.90
C LYS B 256 -9.09 24.38 -22.58
N ALA B 257 -8.17 24.16 -23.52
CA ALA B 257 -7.14 23.10 -23.45
C ALA B 257 -6.22 23.14 -22.21
N HIS B 258 -5.87 24.36 -21.76
CA HIS B 258 -4.92 24.51 -20.65
C HIS B 258 -5.48 24.03 -19.32
N LEU B 259 -6.78 23.74 -19.28
CA LEU B 259 -7.43 23.19 -18.09
C LEU B 259 -7.17 21.70 -17.92
N LEU B 260 -6.84 21.02 -19.02
CA LEU B 260 -6.72 19.56 -19.04
C LEU B 260 -5.64 18.97 -19.94
N GLU B 261 -4.46 19.61 -19.95
CA GLU B 261 -3.36 19.16 -20.79
C GLU B 261 -3.00 17.69 -20.53
N ALA B 262 -2.92 17.26 -19.27
CA ALA B 262 -2.70 15.84 -18.91
C ALA B 262 -3.73 14.86 -19.52
N VAL B 263 -5.02 15.17 -19.42
CA VAL B 263 -6.09 14.34 -20.04
C VAL B 263 -5.91 14.29 -21.57
N LEU B 264 -5.83 15.47 -22.21
CA LEU B 264 -5.56 15.56 -23.64
C LEU B 264 -4.34 14.72 -24.08
N ALA B 265 -3.26 14.79 -23.30
CA ALA B 265 -2.05 14.02 -23.62
C ALA B 265 -2.33 12.53 -23.57
N LYS B 266 -3.07 12.10 -22.53
CA LYS B 266 -3.41 10.68 -22.38
C LYS B 266 -4.33 10.23 -23.51
N LEU B 267 -5.25 11.10 -23.92
CA LEU B 267 -6.17 10.76 -25.01
C LEU B 267 -5.42 10.56 -26.34
N GLU B 268 -4.44 11.43 -26.62
CA GLU B 268 -3.56 11.25 -27.79
C GLU B 268 -2.77 9.96 -27.71
N GLU B 269 -2.20 9.70 -26.54
CA GLU B 269 -1.47 8.49 -26.29
C GLU B 269 -2.38 7.26 -26.50
N ALA B 270 -3.66 7.42 -26.20
CA ALA B 270 -4.62 6.36 -26.36
C ALA B 270 -5.05 6.27 -27.82
N GLY B 271 -4.58 7.22 -28.64
CA GLY B 271 -4.60 7.07 -30.09
C GLY B 271 -5.61 7.95 -30.82
N ALA B 272 -6.13 8.93 -30.11
CA ALA B 272 -7.19 9.80 -30.60
C ALA B 272 -6.56 11.01 -31.26
N ASP B 273 -7.30 11.62 -32.20
CA ASP B 273 -6.92 12.88 -32.85
C ASP B 273 -7.55 14.07 -32.12
N VAL B 274 -6.73 14.70 -31.27
CA VAL B 274 -7.15 15.83 -30.46
C VAL B 274 -6.71 17.15 -31.13
N GLN B 275 -7.65 18.07 -31.35
CA GLN B 275 -7.35 19.39 -31.92
C GLN B 275 -7.94 20.45 -30.99
N THR B 276 -7.36 21.65 -31.00
CA THR B 276 -7.81 22.73 -30.11
C THR B 276 -7.94 24.08 -30.80
N GLY B 277 -8.83 24.92 -30.27
CA GLY B 277 -8.98 26.31 -30.71
C GLY B 277 -9.08 27.19 -29.49
N ASP B 278 -9.56 28.42 -29.67
CA ASP B 278 -9.60 29.42 -28.60
C ASP B 278 -10.49 29.00 -27.44
N ASP B 279 -11.68 28.50 -27.75
CA ASP B 279 -12.66 28.12 -26.73
C ASP B 279 -13.32 26.76 -27.04
N TRP B 280 -12.57 25.88 -27.69
CA TRP B 280 -13.08 24.55 -28.02
C TRP B 280 -12.01 23.50 -28.04
N ILE B 281 -12.40 22.25 -27.80
CA ILE B 281 -11.52 21.11 -28.01
C ILE B 281 -12.31 20.02 -28.74
N SER B 282 -11.72 19.41 -29.75
CA SER B 282 -12.36 18.27 -30.40
C SER B 282 -11.54 16.99 -30.23
N LEU B 283 -12.24 15.86 -30.18
CA LEU B 283 -11.61 14.56 -30.28
C LEU B 283 -12.21 13.79 -31.46
N ASP B 284 -11.36 13.21 -32.29
CA ASP B 284 -11.82 12.34 -33.37
C ASP B 284 -11.19 10.96 -33.27
N MET B 285 -12.02 9.94 -33.13
CA MET B 285 -11.55 8.57 -33.02
C MET B 285 -11.79 7.75 -34.31
N THR B 286 -12.34 8.42 -35.34
CA THR B 286 -12.74 7.77 -36.61
C THR B 286 -11.57 7.07 -37.29
N GLY B 287 -11.72 5.77 -37.53
CA GLY B 287 -10.69 4.89 -38.13
C GLY B 287 -9.43 4.66 -37.29
N ARG B 288 -9.56 4.78 -35.96
CA ARG B 288 -8.40 4.78 -35.09
C ARG B 288 -8.54 3.74 -33.99
N GLU B 289 -7.44 3.02 -33.71
CA GLU B 289 -7.39 2.02 -32.66
C GLU B 289 -7.26 2.69 -31.29
N LEU B 290 -8.15 2.34 -30.38
CA LEU B 290 -8.05 2.74 -28.98
C LEU B 290 -6.99 1.86 -28.33
N LYS B 291 -6.02 2.49 -27.67
CA LYS B 291 -4.91 1.80 -27.03
C LYS B 291 -4.89 2.15 -25.55
N ALA B 292 -4.69 1.16 -24.67
CA ALA B 292 -4.63 1.43 -23.22
C ALA B 292 -3.46 2.36 -22.88
N VAL B 293 -3.62 3.11 -21.79
CA VAL B 293 -2.56 3.98 -21.27
C VAL B 293 -2.43 3.76 -19.76
N ASN B 294 -1.29 4.10 -19.21
CA ASN B 294 -1.12 4.07 -17.76
C ASN B 294 -1.35 5.44 -17.18
N ILE B 295 -1.93 5.49 -16.00
CA ILE B 295 -2.33 6.74 -15.37
C ILE B 295 -1.96 6.75 -13.90
N ARG B 296 -1.41 7.86 -13.44
CA ARG B 296 -1.23 8.06 -12.02
C ARG B 296 -1.92 9.38 -11.59
N THR B 297 -2.99 9.27 -10.80
CA THR B 297 -3.68 10.47 -10.32
C THR B 297 -2.73 11.23 -9.38
N ALA B 298 -2.75 12.55 -9.46
CA ALA B 298 -1.93 13.41 -8.58
C ALA B 298 -2.53 14.79 -8.64
N PRO B 299 -2.05 15.74 -7.82
CA PRO B 299 -2.71 17.05 -7.95
C PRO B 299 -2.44 17.80 -9.26
N HIS B 300 -3.31 18.75 -9.60
CA HIS B 300 -3.17 19.46 -10.88
C HIS B 300 -1.77 20.06 -10.96
N PRO B 301 -1.12 20.11 -12.16
CA PRO B 301 -1.58 19.82 -13.54
C PRO B 301 -1.45 18.36 -13.98
N ALA B 302 -1.22 17.45 -13.04
CA ALA B 302 -1.24 16.01 -13.37
C ALA B 302 -2.64 15.52 -13.68
N PHE B 303 -2.78 14.27 -14.13
CA PHE B 303 -4.07 13.66 -14.41
C PHE B 303 -4.94 13.61 -13.14
N PRO B 304 -6.16 14.18 -13.21
CA PRO B 304 -7.06 14.36 -12.05
C PRO B 304 -7.76 13.07 -11.58
N THR B 305 -7.85 12.84 -10.28
CA THR B 305 -8.67 11.74 -9.77
C THR B 305 -10.10 11.77 -10.38
N ASP B 306 -10.61 12.96 -10.69
CA ASP B 306 -12.00 13.10 -11.16
C ASP B 306 -12.24 12.56 -12.58
N MET B 307 -11.15 12.27 -13.29
CA MET B 307 -11.18 11.61 -14.61
C MET B 307 -10.79 10.13 -14.57
N GLN B 308 -10.51 9.62 -13.38
CA GLN B 308 -9.96 8.28 -13.23
C GLN B 308 -10.93 7.16 -13.56
N ALA B 309 -12.17 7.26 -13.07
CA ALA B 309 -13.15 6.22 -13.36
C ALA B 309 -13.46 6.12 -14.87
N GLN B 310 -13.47 7.28 -15.52
CA GLN B 310 -13.71 7.41 -16.96
C GLN B 310 -12.59 6.76 -17.76
N PHE B 311 -11.37 6.98 -17.30
CA PHE B 311 -10.24 6.34 -17.94
C PHE B 311 -10.11 4.87 -17.57
N THR B 312 -10.71 4.45 -16.45
CA THR B 312 -10.82 3.02 -16.17
C THR B 312 -11.63 2.38 -17.28
N LEU B 313 -12.78 2.95 -17.59
CA LEU B 313 -13.58 2.48 -18.75
C LEU B 313 -12.85 2.49 -20.11
N LEU B 314 -12.21 3.62 -20.42
CA LEU B 314 -11.38 3.70 -21.63
C LEU B 314 -10.41 2.53 -21.67
N ASN B 315 -9.68 2.28 -20.57
CA ASN B 315 -8.69 1.20 -20.56
C ASN B 315 -9.33 -0.17 -20.69
N MET B 316 -10.47 -0.37 -20.04
CA MET B 316 -11.18 -1.65 -20.13
C MET B 316 -11.59 -1.98 -21.55
N MET B 317 -11.90 -0.95 -22.32
CA MET B 317 -12.34 -1.12 -23.71
C MET B 317 -11.19 -1.14 -24.69
N ALA B 318 -10.14 -0.37 -24.41
CA ALA B 318 -8.95 -0.33 -25.23
C ALA B 318 -8.25 -1.69 -25.34
N LYS B 319 -7.49 -1.91 -26.41
CA LYS B 319 -6.65 -3.11 -26.47
C LYS B 319 -5.40 -2.86 -25.65
N GLY B 320 -5.07 -3.83 -24.83
CA GLY B 320 -3.92 -3.77 -23.96
C GLY B 320 -4.31 -3.60 -22.50
N SER B 321 -3.38 -3.96 -21.63
CA SER B 321 -3.55 -3.75 -20.22
C SER B 321 -3.22 -2.31 -19.93
N GLY B 322 -3.96 -1.70 -19.03
CA GLY B 322 -3.77 -0.31 -18.65
C GLY B 322 -3.77 -0.20 -17.14
N ILE B 323 -2.71 0.38 -16.59
CA ILE B 323 -2.55 0.52 -15.16
C ILE B 323 -2.99 1.90 -14.67
N ILE B 324 -3.97 1.91 -13.76
CA ILE B 324 -4.38 3.13 -13.10
C ILE B 324 -4.04 3.11 -11.60
N THR B 325 -3.21 4.06 -11.16
CA THR B 325 -2.90 4.22 -9.75
C THR B 325 -3.44 5.51 -9.16
N GLU B 326 -4.22 5.35 -8.08
CA GLU B 326 -4.85 6.42 -7.34
C GLU B 326 -3.95 6.80 -6.15
N THR B 327 -3.44 8.02 -6.15
CA THR B 327 -2.67 8.53 -5.00
C THR B 327 -3.49 9.53 -4.20
N ILE B 328 -4.66 9.90 -4.73
CA ILE B 328 -5.55 10.86 -4.08
C ILE B 328 -6.60 10.14 -3.21
N PHE B 329 -7.46 9.36 -3.84
CA PHE B 329 -8.51 8.64 -3.12
C PHE B 329 -8.29 7.14 -3.31
N GLU B 330 -7.62 6.54 -2.33
CA GLU B 330 -7.02 5.21 -2.51
C GLU B 330 -8.01 4.04 -2.66
N ASN B 331 -9.28 4.27 -2.35
CA ASN B 331 -10.33 3.26 -2.56
C ASN B 331 -11.38 3.65 -3.60
N ARG B 332 -11.03 4.51 -4.58
CA ARG B 332 -12.02 5.04 -5.51
C ARG B 332 -12.18 4.11 -6.72
N PHE B 333 -12.55 2.88 -6.46
CA PHE B 333 -12.72 1.90 -7.54
C PHE B 333 -14.07 1.22 -7.44
N MET B 334 -15.07 1.94 -6.96
CA MET B 334 -16.38 1.34 -6.80
C MET B 334 -17.09 1.16 -8.13
N HIS B 335 -16.71 1.95 -9.13
CA HIS B 335 -17.15 1.71 -10.52
C HIS B 335 -16.77 0.36 -11.10
N ILE B 336 -15.63 -0.19 -10.70
CA ILE B 336 -15.13 -1.46 -11.30
C ILE B 336 -16.06 -2.68 -11.11
N PRO B 337 -16.44 -3.01 -9.86
CA PRO B 337 -17.43 -4.10 -9.74
C PRO B 337 -18.72 -3.89 -10.55
N GLU B 338 -19.14 -2.64 -10.72
CA GLU B 338 -20.34 -2.36 -11.54
C GLU B 338 -20.08 -2.64 -13.03
N LEU B 339 -18.96 -2.12 -13.56
CA LEU B 339 -18.46 -2.47 -14.90
C LEU B 339 -18.26 -3.99 -15.13
N GLN B 340 -17.80 -4.70 -14.10
CA GLN B 340 -17.63 -6.15 -14.21
C GLN B 340 -18.97 -6.88 -14.38
N ARG B 341 -20.03 -6.33 -13.78
CA ARG B 341 -21.41 -6.86 -13.95
C ARG B 341 -21.84 -6.78 -15.45
N MET B 342 -21.28 -5.79 -16.15
CA MET B 342 -21.49 -5.58 -17.60
C MET B 342 -20.46 -6.28 -18.49
N GLY B 343 -19.54 -7.03 -17.87
CA GLY B 343 -18.58 -7.80 -18.64
C GLY B 343 -17.20 -7.19 -18.84
N ALA B 344 -16.94 -6.06 -18.22
CA ALA B 344 -15.59 -5.49 -18.22
C ALA B 344 -14.63 -6.37 -17.39
N HIS B 345 -13.35 -6.37 -17.76
CA HIS B 345 -12.33 -7.07 -16.97
C HIS B 345 -11.29 -6.17 -16.35
N ALA B 346 -11.03 -6.38 -15.06
CA ALA B 346 -9.98 -5.66 -14.34
C ALA B 346 -9.66 -6.35 -13.02
N GLU B 347 -8.51 -5.96 -12.49
CA GLU B 347 -8.00 -6.53 -11.26
C GLU B 347 -7.68 -5.33 -10.37
N ILE B 348 -8.05 -5.40 -9.09
CA ILE B 348 -7.74 -4.33 -8.13
C ILE B 348 -6.77 -4.85 -7.08
N GLU B 349 -5.57 -4.26 -7.01
CA GLU B 349 -4.65 -4.52 -5.89
C GLU B 349 -4.24 -3.23 -5.21
N GLY B 350 -4.76 -3.06 -4.01
CA GLY B 350 -4.50 -1.87 -3.20
C GLY B 350 -5.10 -0.67 -3.90
N ASN B 351 -4.24 0.27 -4.31
CA ASN B 351 -4.67 1.54 -4.92
C ASN B 351 -4.37 1.57 -6.40
N THR B 352 -4.22 0.38 -6.96
CA THR B 352 -3.93 0.20 -8.37
C THR B 352 -4.96 -0.72 -9.03
N ALA B 353 -5.50 -0.25 -10.13
CA ALA B 353 -6.39 -1.07 -10.93
C ALA B 353 -5.68 -1.43 -12.21
N ILE B 354 -5.62 -2.72 -12.48
CA ILE B 354 -5.02 -3.19 -13.70
C ILE B 354 -6.19 -3.56 -14.60
N CYS B 355 -6.45 -2.71 -15.58
CA CYS B 355 -7.53 -2.92 -16.54
C CYS B 355 -7.09 -3.89 -17.61
N GLY B 356 -7.90 -4.93 -17.81
CA GLY B 356 -7.62 -5.98 -18.81
C GLY B 356 -8.40 -5.74 -20.10
N ASP B 357 -8.72 -6.82 -20.79
CA ASP B 357 -9.40 -6.75 -22.08
C ASP B 357 -10.78 -7.36 -22.00
N THR B 358 -11.72 -6.82 -22.79
CA THR B 358 -13.05 -7.43 -22.93
C THR B 358 -13.49 -7.35 -24.38
N ASP B 359 -14.26 -8.34 -24.82
CA ASP B 359 -14.89 -8.32 -26.17
C ASP B 359 -15.92 -7.21 -26.35
N GLY B 360 -16.49 -6.73 -25.24
CA GLY B 360 -17.51 -5.71 -25.31
C GLY B 360 -18.37 -5.84 -24.08
N LEU B 361 -19.20 -4.84 -23.85
CA LEU B 361 -20.06 -4.80 -22.70
C LEU B 361 -21.43 -5.37 -23.03
N SER B 362 -22.10 -5.81 -21.99
CA SER B 362 -23.43 -6.37 -22.05
C SER B 362 -24.26 -5.58 -21.05
N GLY B 363 -25.42 -5.07 -21.48
CA GLY B 363 -26.26 -4.27 -20.61
C GLY B 363 -26.74 -5.02 -19.38
N ALA B 364 -26.72 -4.35 -18.24
CA ALA B 364 -27.11 -4.94 -16.96
C ALA B 364 -27.61 -3.84 -16.03
N GLN B 365 -28.26 -4.24 -14.93
CA GLN B 365 -28.61 -3.28 -13.89
C GLN B 365 -27.38 -3.04 -13.05
N VAL B 366 -27.01 -1.78 -12.95
CA VAL B 366 -25.84 -1.36 -12.19
C VAL B 366 -26.21 -0.21 -11.25
N MET B 367 -25.33 0.09 -10.32
CA MET B 367 -25.63 1.12 -9.36
C MET B 367 -24.53 2.15 -9.20
N ALA B 368 -24.92 3.38 -9.53
CA ALA B 368 -24.18 4.59 -9.27
C ALA B 368 -23.93 4.70 -7.74
N THR B 369 -22.68 5.03 -7.38
CA THR B 369 -22.25 5.14 -5.97
C THR B 369 -21.62 6.49 -5.65
N ASP B 370 -20.95 7.06 -6.64
CA ASP B 370 -20.31 8.36 -6.50
C ASP B 370 -20.35 9.05 -7.83
N LEU B 371 -20.20 10.36 -7.80
CA LEU B 371 -20.43 11.15 -8.98
C LEU B 371 -19.76 10.59 -10.25
N ARG B 372 -18.44 10.37 -10.21
CA ARG B 372 -17.69 10.04 -11.41
C ARG B 372 -17.86 8.57 -11.85
N ALA B 373 -17.98 7.67 -10.88
CA ALA B 373 -18.40 6.32 -11.17
C ALA B 373 -19.73 6.34 -11.92
N SER B 374 -20.72 7.08 -11.42
CA SER B 374 -21.99 7.20 -12.14
C SER B 374 -21.80 7.50 -13.61
N ALA B 375 -20.99 8.52 -13.94
CA ALA B 375 -20.85 8.94 -15.33
C ALA B 375 -20.20 7.84 -16.19
N SER B 376 -19.20 7.13 -15.64
CA SER B 376 -18.54 6.04 -16.37
CA SER B 376 -18.54 6.03 -16.36
C SER B 376 -19.55 4.92 -16.70
N LEU B 377 -20.50 4.67 -15.79
CA LEU B 377 -21.54 3.65 -16.00
C LEU B 377 -22.54 4.04 -17.09
N VAL B 378 -22.87 5.33 -17.17
CA VAL B 378 -23.73 5.84 -18.25
C VAL B 378 -23.07 5.65 -19.63
N ILE B 379 -21.82 6.11 -19.78
CA ILE B 379 -21.08 5.92 -21.05
C ILE B 379 -20.99 4.43 -21.43
N ALA B 380 -20.67 3.58 -20.44
CA ALA B 380 -20.64 2.12 -20.62
C ALA B 380 -21.98 1.60 -21.15
N GLY B 381 -23.09 2.08 -20.59
CA GLY B 381 -24.42 1.69 -21.07
C GLY B 381 -24.68 2.09 -22.51
N CYS B 382 -24.20 3.26 -22.91
CA CYS B 382 -24.33 3.75 -24.29
C CYS B 382 -23.62 2.84 -25.29
N ILE B 383 -22.57 2.16 -24.86
CA ILE B 383 -21.71 1.37 -25.77
C ILE B 383 -21.91 -0.16 -25.62
N ALA B 384 -22.76 -0.56 -24.67
CA ALA B 384 -22.97 -1.98 -24.39
C ALA B 384 -24.01 -2.55 -25.35
N LYS B 385 -24.09 -3.88 -25.39
CA LYS B 385 -25.16 -4.59 -26.09
C LYS B 385 -26.40 -4.64 -25.19
N GLY B 386 -27.53 -4.20 -25.72
CA GLY B 386 -28.78 -4.35 -24.99
C GLY B 386 -29.04 -3.20 -24.06
N GLU B 387 -29.81 -3.49 -23.01
CA GLU B 387 -30.34 -2.46 -22.12
C GLU B 387 -29.58 -2.40 -20.81
N THR B 388 -29.18 -1.19 -20.42
CA THR B 388 -28.55 -0.94 -19.10
C THR B 388 -29.49 -0.11 -18.24
N ILE B 389 -29.68 -0.52 -16.99
CA ILE B 389 -30.39 0.31 -16.01
C ILE B 389 -29.35 0.82 -15.00
N VAL B 390 -29.18 2.14 -14.94
CA VAL B 390 -28.30 2.77 -13.95
C VAL B 390 -29.17 3.32 -12.82
N ASP B 391 -29.09 2.67 -11.66
CA ASP B 391 -29.89 3.07 -10.52
C ASP B 391 -29.22 4.19 -9.70
N ARG B 392 -30.03 4.93 -8.94
CA ARG B 392 -29.54 6.01 -8.05
C ARG B 392 -28.70 7.04 -8.78
N ILE B 393 -29.22 7.50 -9.92
CA ILE B 393 -28.49 8.46 -10.74
C ILE B 393 -28.51 9.88 -10.15
N TYR B 394 -29.23 10.11 -9.06
CA TYR B 394 -29.10 11.40 -8.37
C TYR B 394 -27.62 11.75 -8.06
N HIS B 395 -26.77 10.73 -7.88
CA HIS B 395 -25.30 10.93 -7.75
C HIS B 395 -24.76 11.72 -8.89
N ILE B 396 -25.18 11.35 -10.11
CA ILE B 396 -24.72 11.97 -11.34
C ILE B 396 -25.21 13.43 -11.45
N ASP B 397 -26.46 13.67 -11.05
CA ASP B 397 -27.08 15.02 -11.02
C ASP B 397 -26.42 15.95 -9.99
N ARG B 398 -25.63 15.39 -9.08
CA ARG B 398 -24.82 16.19 -8.17
C ARG B 398 -23.73 16.97 -8.89
N GLY B 399 -23.26 16.42 -10.01
CA GLY B 399 -22.06 16.94 -10.67
C GLY B 399 -22.10 17.20 -12.17
N TYR B 400 -23.12 16.66 -12.83
CA TYR B 400 -23.32 16.88 -14.26
C TYR B 400 -24.69 17.51 -14.51
N ASP B 401 -24.73 18.59 -15.29
CA ASP B 401 -26.00 19.25 -15.61
C ASP B 401 -26.72 18.54 -16.77
N LYS B 402 -27.69 17.70 -16.43
CA LYS B 402 -28.59 17.00 -17.39
C LYS B 402 -27.84 16.26 -18.49
N ILE B 403 -26.96 15.38 -18.04
CA ILE B 403 -26.09 14.62 -18.89
C ILE B 403 -26.87 13.86 -19.97
N GLU B 404 -28.10 13.46 -19.69
CA GLU B 404 -28.90 12.74 -20.67
C GLU B 404 -29.27 13.60 -21.89
N ASP B 405 -29.49 14.90 -21.68
CA ASP B 405 -29.73 15.81 -22.82
C ASP B 405 -28.50 15.92 -23.71
N LYS B 406 -27.33 16.04 -23.09
CA LYS B 406 -26.09 16.16 -23.87
C LYS B 406 -25.79 14.87 -24.66
N LEU B 407 -26.03 13.72 -24.03
CA LEU B 407 -25.72 12.42 -24.64
C LEU B 407 -26.69 12.09 -25.78
N THR B 408 -27.99 12.37 -25.57
CA THR B 408 -28.99 12.34 -26.65
C THR B 408 -28.60 13.16 -27.88
N ALA B 409 -28.08 14.37 -27.67
CA ALA B 409 -27.64 15.23 -28.78
C ALA B 409 -26.41 14.68 -29.51
N LEU B 410 -25.79 13.65 -28.94
CA LEU B 410 -24.68 12.96 -29.59
C LEU B 410 -25.15 11.62 -30.18
N GLY B 411 -26.43 11.32 -30.03
CA GLY B 411 -27.01 10.13 -30.66
C GLY B 411 -27.33 9.01 -29.70
N ALA B 412 -27.03 9.19 -28.42
CA ALA B 412 -27.32 8.14 -27.42
C ALA B 412 -28.82 7.92 -27.24
N ASN B 413 -29.20 6.71 -26.81
CA ASN B 413 -30.58 6.40 -26.48
C ASN B 413 -30.72 6.19 -24.98
N ILE B 414 -31.13 7.24 -24.29
CA ILE B 414 -31.14 7.25 -22.83
C ILE B 414 -32.37 8.00 -22.30
N GLU B 415 -33.03 7.38 -21.33
CA GLU B 415 -34.25 7.93 -20.80
C GLU B 415 -34.16 8.03 -19.28
N ARG B 416 -34.50 9.18 -18.73
CA ARG B 416 -34.73 9.28 -17.29
C ARG B 416 -36.08 8.67 -16.95
N VAL B 417 -36.06 7.65 -16.09
CA VAL B 417 -37.29 7.05 -15.62
C VAL B 417 -37.46 7.32 -14.12
N HIS B 418 -38.63 7.79 -13.72
CA HIS B 418 -38.90 8.16 -12.33
C HIS B 418 -39.54 6.99 -11.62
N SER B 419 -39.48 6.99 -10.28
CA SER B 419 -40.15 5.95 -9.48
C SER B 419 -40.39 6.43 -8.04
N MET C 1 35.90 -11.31 -6.08
CA MET C 1 34.42 -11.51 -6.06
C MET C 1 33.95 -12.35 -7.25
N ASP C 2 33.35 -13.51 -6.96
CA ASP C 2 32.82 -14.39 -8.00
C ASP C 2 31.71 -13.74 -8.88
N LYS C 3 31.68 -14.08 -10.16
CA LYS C 3 30.64 -13.62 -11.10
C LYS C 3 30.30 -14.79 -11.99
N PHE C 4 29.10 -14.81 -12.56
CA PHE C 4 28.81 -15.77 -13.64
C PHE C 4 28.88 -15.03 -14.98
N ARG C 5 29.56 -15.65 -15.94
CA ARG C 5 29.53 -15.21 -17.31
C ARG C 5 28.69 -16.22 -18.08
N ILE C 6 27.64 -15.72 -18.72
CA ILE C 6 26.67 -16.60 -19.34
C ILE C 6 26.45 -16.13 -20.78
N GLN C 7 26.51 -17.09 -21.69
CA GLN C 7 26.22 -16.90 -23.10
C GLN C 7 24.83 -17.48 -23.32
N GLY C 8 23.88 -16.64 -23.71
CA GLY C 8 22.50 -17.07 -23.83
C GLY C 8 22.22 -17.82 -25.12
N SER C 9 21.09 -18.51 -25.17
CA SER C 9 20.72 -19.33 -26.31
C SER C 9 19.19 -19.46 -26.47
N ASP C 10 18.76 -19.76 -27.69
CA ASP C 10 17.36 -20.08 -28.02
C ASP C 10 17.05 -21.56 -27.84
N LYS C 11 18.08 -22.36 -27.62
CA LYS C 11 17.93 -23.78 -27.36
C LYS C 11 17.28 -23.92 -25.98
N PRO C 12 16.36 -24.89 -25.81
CA PRO C 12 15.70 -25.14 -24.52
C PRO C 12 16.66 -25.65 -23.46
N LEU C 13 16.35 -25.40 -22.18
CA LEU C 13 17.08 -25.99 -21.08
C LEU C 13 16.39 -27.32 -20.76
N SER C 14 17.09 -28.42 -20.99
CA SER C 14 16.46 -29.71 -20.97
C SER C 14 17.36 -30.77 -20.35
N GLY C 15 16.74 -31.75 -19.71
CA GLY C 15 17.48 -32.84 -19.10
C GLY C 15 16.93 -33.15 -17.74
N GLU C 16 17.80 -33.60 -16.85
CA GLU C 16 17.41 -33.95 -15.49
C GLU C 16 18.29 -33.22 -14.51
N VAL C 17 17.76 -32.98 -13.32
CA VAL C 17 18.52 -32.39 -12.23
C VAL C 17 18.11 -33.10 -10.95
N THR C 18 19.04 -33.20 -10.01
CA THR C 18 18.75 -33.84 -8.76
C THR C 18 18.63 -32.72 -7.74
N ILE C 19 17.51 -32.71 -7.02
CA ILE C 19 17.20 -31.65 -6.06
C ILE C 19 17.93 -31.91 -4.75
N SER C 20 18.60 -30.86 -4.27
CA SER C 20 19.29 -30.89 -2.98
C SER C 20 18.31 -30.78 -1.79
N GLY C 21 18.81 -31.04 -0.58
CA GLY C 21 17.96 -30.87 0.61
C GLY C 21 17.71 -29.38 0.79
N ALA C 22 16.60 -29.04 1.44
CA ALA C 22 16.18 -27.67 1.61
C ALA C 22 17.07 -26.90 2.58
N LYS C 23 17.66 -25.82 2.08
CA LYS C 23 18.35 -24.85 2.92
C LYS C 23 17.48 -24.48 4.13
N ASN C 24 16.21 -24.19 3.86
CA ASN C 24 15.31 -23.69 4.90
C ASN C 24 14.91 -24.75 5.92
N ALA C 25 15.24 -26.02 5.65
CA ALA C 25 15.13 -27.06 6.69
C ALA C 25 16.48 -27.32 7.33
N ALA C 26 17.52 -27.41 6.51
CA ALA C 26 18.86 -27.69 7.04
C ALA C 26 19.25 -26.74 8.18
N LEU C 27 19.10 -25.43 7.94
CA LEU C 27 19.51 -24.38 8.87
C LEU C 27 18.78 -24.48 10.25
N PRO C 28 17.43 -24.42 10.26
CA PRO C 28 16.79 -24.55 11.60
C PRO C 28 17.07 -25.90 12.29
N ILE C 29 17.19 -26.98 11.53
CA ILE C 29 17.61 -28.28 12.10
C ILE C 29 19.00 -28.25 12.76
N LEU C 30 19.96 -27.59 12.11
CA LEU C 30 21.32 -27.49 12.66
C LEU C 30 21.36 -26.70 13.96
N PHE C 31 20.51 -25.70 14.08
CA PHE C 31 20.47 -24.90 15.28
C PHE C 31 19.73 -25.69 16.36
N ALA C 32 18.75 -26.49 15.95
CA ALA C 32 18.03 -27.37 16.89
C ALA C 32 18.97 -28.42 17.53
N SER C 33 20.03 -28.78 16.81
CA SER C 33 20.99 -29.77 17.32
CA SER C 33 21.03 -29.75 17.30
C SER C 33 21.69 -29.27 18.58
N LEU C 34 21.60 -27.96 18.85
CA LEU C 34 22.11 -27.39 20.11
C LEU C 34 21.41 -27.98 21.35
N LEU C 35 20.19 -28.51 21.14
CA LEU C 35 19.37 -29.13 22.18
C LEU C 35 19.84 -30.54 22.53
N ALA C 36 20.52 -31.18 21.58
CA ALA C 36 20.83 -32.62 21.67
C ALA C 36 22.08 -32.88 22.50
N GLU C 37 21.99 -33.87 23.41
CA GLU C 37 23.11 -34.21 24.29
C GLU C 37 23.98 -35.32 23.72
N GLU C 38 23.44 -36.02 22.72
CA GLU C 38 24.17 -37.11 22.06
C GLU C 38 24.36 -36.77 20.58
N PRO C 39 25.36 -37.40 19.92
CA PRO C 39 25.66 -37.15 18.50
C PRO C 39 24.44 -37.19 17.57
N VAL C 40 24.46 -36.32 16.58
CA VAL C 40 23.38 -36.19 15.60
C VAL C 40 23.97 -36.31 14.20
N GLU C 41 23.28 -37.08 13.34
CA GLU C 41 23.61 -37.04 11.91
C GLU C 41 22.46 -36.46 11.11
N VAL C 42 22.75 -35.42 10.32
CA VAL C 42 21.75 -34.79 9.46
C VAL C 42 22.17 -35.08 8.03
N ALA C 43 21.38 -35.82 7.28
CA ALA C 43 21.76 -36.22 5.93
C ALA C 43 21.05 -35.36 4.90
N ASN C 44 21.54 -35.39 3.67
CA ASN C 44 20.94 -34.61 2.58
C ASN C 44 21.01 -33.09 2.84
N VAL C 45 22.11 -32.64 3.43
CA VAL C 45 22.36 -31.23 3.67
C VAL C 45 23.13 -30.64 2.49
N PRO C 46 22.54 -29.61 1.83
CA PRO C 46 23.19 -28.98 0.68
C PRO C 46 24.50 -28.32 1.10
N LYS C 47 25.48 -28.31 0.21
CA LYS C 47 26.69 -27.51 0.42
C LYS C 47 26.41 -26.02 0.06
N LEU C 48 26.27 -25.19 1.10
CA LEU C 48 25.89 -23.77 0.94
C LEU C 48 26.76 -22.90 1.81
N ARG C 49 26.89 -21.62 1.46
CA ARG C 49 27.62 -20.69 2.31
C ARG C 49 26.96 -20.58 3.68
N ASP C 50 25.62 -20.59 3.71
CA ASP C 50 24.87 -20.50 4.97
C ASP C 50 25.03 -21.70 5.91
N VAL C 51 25.07 -22.90 5.35
CA VAL C 51 25.45 -24.08 6.11
C VAL C 51 26.87 -23.92 6.69
N ASP C 52 27.81 -23.44 5.89
CA ASP C 52 29.17 -23.23 6.40
C ASP C 52 29.22 -22.25 7.59
N THR C 53 28.52 -21.11 7.47
CA THR C 53 28.38 -20.13 8.56
C THR C 53 27.74 -20.77 9.82
N THR C 54 26.66 -21.52 9.61
CA THR C 54 26.00 -22.29 10.68
C THR C 54 26.99 -23.18 11.42
N MET C 55 27.75 -23.98 10.68
CA MET C 55 28.72 -24.89 11.29
C MET C 55 29.77 -24.10 12.08
N GLU C 56 30.23 -22.95 11.55
CA GLU C 56 31.21 -22.16 12.30
C GLU C 56 30.66 -21.65 13.63
N LEU C 57 29.42 -21.17 13.61
CA LEU C 57 28.72 -20.73 14.82
C LEU C 57 28.62 -21.85 15.85
N LEU C 58 28.17 -23.03 15.42
CA LEU C 58 28.09 -24.19 16.29
C LEU C 58 29.46 -24.53 16.92
N LYS C 59 30.54 -24.43 16.13
CA LYS C 59 31.91 -24.67 16.65
C LYS C 59 32.29 -23.68 17.72
N ARG C 60 32.05 -22.39 17.46
CA ARG C 60 32.39 -21.35 18.42
C ARG C 60 31.58 -21.46 19.70
N LEU C 61 30.42 -22.12 19.60
CA LEU C 61 29.60 -22.43 20.79
C LEU C 61 30.13 -23.65 21.55
N GLY C 62 31.07 -24.39 20.95
CA GLY C 62 31.64 -25.57 21.61
C GLY C 62 31.11 -26.92 21.15
N ALA C 63 30.32 -26.95 20.07
CA ALA C 63 29.91 -28.24 19.49
C ALA C 63 31.00 -28.81 18.58
N GLU C 64 31.06 -30.14 18.45
CA GLU C 64 31.95 -30.77 17.48
C GLU C 64 31.17 -31.00 16.21
N VAL C 65 31.65 -30.41 15.11
CA VAL C 65 30.93 -30.41 13.83
C VAL C 65 31.81 -30.85 12.65
N SER C 66 31.33 -31.82 11.86
CA SER C 66 31.98 -32.15 10.60
C SER C 66 30.97 -32.42 9.50
N ARG C 67 31.39 -32.27 8.26
CA ARG C 67 30.50 -32.60 7.16
C ARG C 67 31.18 -33.25 5.97
N ASN C 68 30.41 -34.09 5.29
CA ASN C 68 30.45 -34.20 3.83
C ASN C 68 29.04 -34.32 3.21
N GLY C 69 28.54 -35.53 2.89
CA GLY C 69 27.13 -35.66 2.46
C GLY C 69 26.16 -35.30 3.60
N SER C 70 26.54 -35.73 4.81
CA SER C 70 25.80 -35.41 6.01
C SER C 70 26.56 -34.35 6.79
N VAL C 71 25.89 -33.72 7.74
CA VAL C 71 26.59 -32.97 8.79
C VAL C 71 26.46 -33.77 10.10
N HIS C 72 27.58 -33.98 10.79
CA HIS C 72 27.54 -34.62 12.11
C HIS C 72 27.75 -33.58 13.16
N ILE C 73 26.87 -33.57 14.16
CA ILE C 73 27.01 -32.65 15.27
C ILE C 73 27.13 -33.39 16.59
N ASP C 74 28.09 -33.00 17.43
CA ASP C 74 28.06 -33.43 18.84
C ASP C 74 28.06 -32.17 19.69
N ALA C 75 26.90 -31.88 20.28
CA ALA C 75 26.68 -30.66 21.08
C ALA C 75 26.74 -30.91 22.59
N SER C 76 27.33 -32.04 22.98
CA SER C 76 27.42 -32.43 24.41
C SER C 76 28.30 -31.46 25.18
N GLY C 77 29.32 -30.92 24.54
CA GLY C 77 30.23 -30.01 25.23
C GLY C 77 30.00 -28.52 24.97
N VAL C 78 28.79 -28.13 24.57
CA VAL C 78 28.50 -26.68 24.33
C VAL C 78 28.73 -25.88 25.61
N ASN C 79 29.51 -24.80 25.50
CA ASN C 79 30.10 -24.13 26.65
C ASN C 79 30.32 -22.64 26.38
N ASP C 80 29.85 -22.20 25.22
CA ASP C 80 29.70 -20.77 24.93
C ASP C 80 28.29 -20.48 24.38
N PHE C 81 27.76 -19.29 24.68
CA PHE C 81 26.32 -19.04 24.56
C PHE C 81 25.95 -17.76 23.80
N CYS C 82 26.90 -17.25 23.00
CA CYS C 82 26.70 -16.03 22.21
C CYS C 82 26.92 -16.21 20.71
N ALA C 83 25.99 -15.65 19.91
CA ALA C 83 26.18 -15.52 18.47
C ALA C 83 26.64 -14.08 18.12
N PRO C 84 27.96 -13.90 17.87
CA PRO C 84 28.57 -12.55 17.74
C PRO C 84 28.08 -11.77 16.52
N TYR C 85 28.27 -10.45 16.53
CA TYR C 85 27.78 -9.58 15.45
C TYR C 85 28.38 -10.00 14.11
N ASP C 86 29.66 -10.36 14.15
CA ASP C 86 30.46 -10.68 12.98
C ASP C 86 29.93 -11.86 12.17
N LEU C 87 29.18 -12.76 12.83
CA LEU C 87 28.57 -13.91 12.18
C LEU C 87 27.11 -13.66 11.80
N VAL C 88 26.36 -13.07 12.73
CA VAL C 88 24.96 -12.68 12.48
C VAL C 88 24.79 -11.77 11.27
N LYS C 89 25.66 -10.76 11.14
CA LYS C 89 25.58 -9.85 10.01
C LYS C 89 25.68 -10.61 8.67
N THR C 90 26.41 -11.71 8.65
CA THR C 90 26.51 -12.55 7.45
C THR C 90 25.25 -13.40 7.17
N MET C 91 24.47 -13.71 8.21
CA MET C 91 23.23 -14.47 8.02
C MET C 91 22.30 -14.39 9.23
N ARG C 92 21.09 -13.94 8.97
CA ARG C 92 20.14 -13.68 10.05
C ARG C 92 19.60 -14.94 10.71
N ALA C 93 19.65 -16.07 10.00
CA ALA C 93 19.21 -17.34 10.52
C ALA C 93 19.90 -17.70 11.86
N SER C 94 21.02 -17.03 12.14
CA SER C 94 21.76 -17.21 13.39
CA SER C 94 21.76 -17.22 13.39
C SER C 94 20.90 -16.91 14.63
N ILE C 95 19.81 -16.19 14.44
CA ILE C 95 18.86 -15.90 15.52
C ILE C 95 18.30 -17.20 16.14
N TRP C 96 18.20 -18.25 15.33
CA TRP C 96 17.75 -19.59 15.78
C TRP C 96 18.58 -20.24 16.84
N ALA C 97 19.77 -19.72 17.13
CA ALA C 97 20.60 -20.22 18.23
C ALA C 97 20.07 -19.82 19.62
N LEU C 98 19.29 -18.74 19.67
CA LEU C 98 18.80 -18.18 20.92
C LEU C 98 17.88 -19.11 21.74
N GLY C 99 16.82 -19.61 21.10
CA GLY C 99 15.87 -20.53 21.71
C GLY C 99 16.52 -21.80 22.25
N PRO C 100 17.30 -22.51 21.40
CA PRO C 100 17.88 -23.73 21.97
C PRO C 100 18.81 -23.49 23.15
N LEU C 101 19.60 -22.41 23.10
CA LEU C 101 20.54 -22.12 24.15
C LEU C 101 19.82 -21.82 25.48
N VAL C 102 18.77 -20.99 25.44
CA VAL C 102 18.02 -20.65 26.67
C VAL C 102 17.27 -21.87 27.22
N ALA C 103 16.71 -22.69 26.31
CA ALA C 103 15.99 -23.91 26.69
C ALA C 103 16.86 -24.97 27.39
N ARG C 104 18.09 -25.15 26.91
CA ARG C 104 18.94 -26.20 27.44
C ARG C 104 19.90 -25.70 28.52
N PHE C 105 20.38 -24.48 28.34
CA PHE C 105 21.37 -23.92 29.23
C PHE C 105 20.86 -22.80 30.13
N GLY C 106 19.68 -22.25 29.83
CA GLY C 106 19.13 -21.18 30.69
C GLY C 106 19.66 -19.79 30.37
N LYS C 107 20.56 -19.71 29.40
CA LYS C 107 21.13 -18.42 28.95
C LYS C 107 21.57 -18.51 27.49
N GLY C 108 21.33 -17.43 26.74
CA GLY C 108 21.81 -17.31 25.36
C GLY C 108 21.73 -15.87 24.85
N GLN C 109 22.65 -15.49 23.95
CA GLN C 109 22.61 -14.17 23.30
C GLN C 109 22.93 -14.23 21.81
N VAL C 110 22.20 -13.45 21.03
CA VAL C 110 22.42 -13.31 19.59
C VAL C 110 22.30 -11.82 19.23
N SER C 111 23.22 -11.32 18.39
CA SER C 111 23.09 -10.01 17.79
C SER C 111 21.71 -9.85 17.10
N LEU C 112 21.03 -8.72 17.30
CA LEU C 112 19.78 -8.44 16.56
C LEU C 112 20.09 -8.17 15.08
N PRO C 113 19.40 -8.86 14.14
CA PRO C 113 19.70 -8.62 12.72
C PRO C 113 19.46 -7.16 12.34
N GLY C 114 20.26 -6.63 11.41
CA GLY C 114 19.99 -5.27 10.93
C GLY C 114 19.02 -5.26 9.77
N GLY C 115 19.12 -4.20 8.94
CA GLY C 115 18.26 -4.03 7.76
C GLY C 115 18.33 -5.04 6.63
N CYS C 116 17.22 -5.19 5.92
CA CYS C 116 17.17 -6.08 4.76
C CYS C 116 16.44 -5.33 3.68
N ALA C 117 17.01 -5.34 2.49
CA ALA C 117 16.46 -4.61 1.34
C ALA C 117 15.03 -5.03 0.95
N ILE C 118 14.69 -6.30 1.11
CA ILE C 118 13.40 -6.84 0.64
C ILE C 118 12.15 -6.48 1.50
N GLY C 119 12.37 -5.85 2.66
CA GLY C 119 11.29 -5.51 3.58
C GLY C 119 11.73 -5.49 5.04
N ALA C 120 10.88 -4.95 5.91
CA ALA C 120 11.10 -4.98 7.35
C ALA C 120 11.04 -6.41 7.88
N ARG C 121 12.07 -6.80 8.62
CA ARG C 121 12.19 -8.18 9.16
C ARG C 121 12.47 -8.25 10.68
N PRO C 122 11.57 -7.65 11.48
CA PRO C 122 11.67 -7.69 12.94
C PRO C 122 11.63 -9.14 13.48
N VAL C 123 12.11 -9.34 14.70
CA VAL C 123 12.07 -10.66 15.34
C VAL C 123 11.33 -10.61 16.68
N ASP C 124 10.46 -9.63 16.80
CA ASP C 124 9.56 -9.50 17.96
C ASP C 124 8.79 -10.79 18.32
N LEU C 125 8.38 -11.54 17.30
CA LEU C 125 7.65 -12.80 17.52
C LEU C 125 8.52 -13.88 18.18
N HIS C 126 9.79 -13.97 17.78
CA HIS C 126 10.80 -14.82 18.46
C HIS C 126 10.96 -14.43 19.91
N ILE C 127 11.27 -13.16 20.14
CA ILE C 127 11.44 -12.61 21.49
C ILE C 127 10.22 -12.84 22.40
N HIS C 128 9.03 -12.49 21.93
CA HIS C 128 7.84 -12.59 22.75
C HIS C 128 7.44 -14.02 22.92
N GLY C 129 7.71 -14.85 21.92
CA GLY C 129 7.51 -16.29 22.05
C GLY C 129 8.33 -16.91 23.18
N LEU C 130 9.60 -16.55 23.25
CA LEU C 130 10.45 -17.02 24.33
C LEU C 130 10.07 -16.41 25.71
N GLU C 131 9.63 -15.15 25.74
CA GLU C 131 9.13 -14.59 27.02
C GLU C 131 7.92 -15.35 27.54
N GLN C 132 7.04 -15.79 26.65
CA GLN C 132 5.86 -16.55 27.08
C GLN C 132 6.19 -17.96 27.58
N LEU C 133 7.42 -18.41 27.33
CA LEU C 133 7.87 -19.68 27.85
C LEU C 133 8.64 -19.48 29.16
N GLY C 134 8.80 -18.24 29.61
CA GLY C 134 9.46 -17.99 30.89
C GLY C 134 10.82 -17.33 30.85
N ALA C 135 11.31 -17.03 29.64
CA ALA C 135 12.58 -16.35 29.47
C ALA C 135 12.47 -14.85 29.70
N THR C 136 13.53 -14.29 30.31
CA THR C 136 13.68 -12.84 30.45
C THR C 136 14.63 -12.36 29.36
N ILE C 137 14.19 -11.41 28.55
CA ILE C 137 14.99 -10.93 27.41
C ILE C 137 15.27 -9.42 27.48
N LYS C 138 16.52 -9.05 27.27
CA LYS C 138 16.92 -7.65 27.20
C LYS C 138 17.73 -7.41 25.93
N LEU C 139 17.71 -6.18 25.41
CA LEU C 139 18.57 -5.80 24.29
C LEU C 139 19.67 -4.88 24.83
N GLU C 140 20.91 -5.36 24.79
CA GLU C 140 22.05 -4.63 25.30
C GLU C 140 23.16 -4.63 24.28
N GLU C 141 23.60 -3.44 23.89
CA GLU C 141 24.67 -3.27 22.89
C GLU C 141 24.48 -4.09 21.62
N GLY C 142 23.27 -4.03 21.06
CA GLY C 142 22.99 -4.76 19.84
C GLY C 142 22.75 -6.27 20.00
N TYR C 143 22.80 -6.78 21.22
CA TYR C 143 22.59 -8.22 21.44
C TYR C 143 21.27 -8.49 22.14
N VAL C 144 20.50 -9.44 21.58
CA VAL C 144 19.33 -9.98 22.28
C VAL C 144 19.80 -10.98 23.34
N LYS C 145 19.58 -10.66 24.61
CA LYS C 145 20.09 -11.49 25.73
C LYS C 145 18.96 -12.11 26.52
N ALA C 146 18.96 -13.44 26.58
CA ALA C 146 17.86 -14.18 27.21
C ALA C 146 18.34 -15.04 28.39
N GLU C 147 17.49 -15.17 29.41
CA GLU C 147 17.85 -15.85 30.65
CA GLU C 147 17.86 -15.85 30.63
C GLU C 147 16.62 -16.54 31.23
N VAL C 148 16.82 -17.71 31.83
CA VAL C 148 15.78 -18.31 32.69
C VAL C 148 16.50 -19.11 33.77
N ASP C 149 15.94 -19.09 34.98
CA ASP C 149 16.45 -19.83 36.12
C ASP C 149 15.78 -21.21 36.19
N GLY C 150 16.49 -22.24 35.77
CA GLY C 150 15.91 -23.58 35.65
C GLY C 150 15.27 -23.72 34.28
N ARG C 151 14.16 -24.44 34.19
CA ARG C 151 13.52 -24.76 32.90
C ARG C 151 12.55 -23.68 32.39
N LEU C 152 12.35 -23.68 31.08
CA LEU C 152 11.22 -22.97 30.50
C LEU C 152 9.93 -23.64 30.97
N LYS C 153 8.82 -22.92 30.85
CA LYS C 153 7.53 -23.38 31.31
C LYS C 153 6.62 -23.43 30.08
N GLY C 154 5.96 -24.56 29.90
CA GLY C 154 5.02 -24.74 28.78
C GLY C 154 3.92 -23.70 28.84
N ALA C 155 3.49 -23.21 27.69
CA ALA C 155 2.47 -22.17 27.63
C ALA C 155 1.65 -22.22 26.36
N HIS C 156 0.47 -21.63 26.43
CA HIS C 156 -0.41 -21.42 25.30
C HIS C 156 -0.06 -20.12 24.60
N ILE C 157 0.50 -20.24 23.41
CA ILE C 157 1.00 -19.07 22.67
C ILE C 157 0.22 -18.90 21.38
N VAL C 158 -0.51 -17.81 21.29
CA VAL C 158 -1.18 -17.42 20.04
C VAL C 158 -0.28 -16.44 19.30
N MET C 159 0.33 -16.89 18.21
CA MET C 159 1.23 -16.05 17.42
C MET C 159 0.42 -14.96 16.75
N ASP C 160 0.93 -13.71 16.83
CA ASP C 160 0.27 -12.53 16.29
CA ASP C 160 0.23 -12.54 16.29
C ASP C 160 0.11 -12.55 14.77
N LYS C 161 1.11 -13.12 14.11
CA LYS C 161 1.15 -13.23 12.67
C LYS C 161 1.77 -14.57 12.35
N VAL C 162 1.61 -15.02 11.12
CA VAL C 162 2.28 -16.24 10.68
C VAL C 162 3.74 -15.90 10.43
N SER C 163 4.64 -16.65 11.08
CA SER C 163 6.07 -16.51 10.87
C SER C 163 6.72 -17.88 10.89
N VAL C 164 7.33 -18.26 9.77
CA VAL C 164 8.13 -19.50 9.71
C VAL C 164 9.16 -19.52 10.85
N GLY C 165 9.89 -18.42 11.00
CA GLY C 165 11.02 -18.38 11.93
C GLY C 165 10.66 -18.41 13.39
N ALA C 166 9.59 -17.71 13.73
CA ALA C 166 9.22 -17.62 15.13
C ALA C 166 8.57 -18.92 15.58
N THR C 167 7.85 -19.58 14.66
CA THR C 167 7.28 -20.92 14.88
C THR C 167 8.38 -21.91 15.24
N ILE C 168 9.47 -21.84 14.51
CA ILE C 168 10.63 -22.69 14.74
CA ILE C 168 10.64 -22.69 14.74
C ILE C 168 11.25 -22.33 16.10
N THR C 169 11.42 -21.03 16.36
CA THR C 169 12.02 -20.62 17.63
C THR C 169 11.24 -21.14 18.84
N VAL C 170 9.92 -20.99 18.84
CA VAL C 170 9.18 -21.42 20.00
C VAL C 170 8.96 -22.92 20.05
N MET C 171 8.73 -23.55 18.92
CA MET C 171 8.68 -25.01 18.86
C MET C 171 9.91 -25.72 19.47
N CYS C 172 11.12 -25.36 19.03
CA CYS C 172 12.37 -25.99 19.49
C CYS C 172 12.65 -25.77 21.01
N ALA C 173 12.42 -24.55 21.48
CA ALA C 173 12.65 -24.17 22.88
C ALA C 173 11.69 -24.91 23.81
N ALA C 174 10.46 -25.08 23.33
CA ALA C 174 9.38 -25.75 24.04
C ALA C 174 9.65 -27.25 24.35
N THR C 175 10.48 -27.90 23.55
CA THR C 175 10.80 -29.33 23.71
C THR C 175 11.47 -29.71 25.05
N LEU C 176 12.03 -28.70 25.73
CA LEU C 176 12.69 -28.87 27.01
C LEU C 176 12.05 -28.05 28.14
N ALA C 177 10.92 -27.40 27.83
CA ALA C 177 10.14 -26.77 28.86
C ALA C 177 9.52 -27.84 29.76
N GLU C 178 9.15 -27.43 30.97
CA GLU C 178 8.34 -28.22 31.86
C GLU C 178 6.90 -28.02 31.41
N GLY C 179 6.20 -29.10 31.12
CA GLY C 179 4.79 -29.01 30.76
C GLY C 179 4.54 -28.97 29.26
N THR C 180 3.33 -28.60 28.89
CA THR C 180 2.90 -28.60 27.49
C THR C 180 2.78 -27.19 26.94
N THR C 181 3.36 -26.98 25.76
CA THR C 181 3.14 -25.80 24.95
C THR C 181 2.10 -26.06 23.85
N VAL C 182 1.20 -25.11 23.65
CA VAL C 182 0.29 -25.14 22.53
C VAL C 182 0.56 -23.85 21.75
N LEU C 183 1.07 -24.00 20.53
CA LEU C 183 1.43 -22.88 19.67
C LEU C 183 0.38 -22.71 18.57
N GLU C 184 -0.40 -21.64 18.68
CA GLU C 184 -1.51 -21.46 17.75
C GLU C 184 -1.12 -20.42 16.73
N ASN C 185 -1.74 -20.48 15.54
CA ASN C 185 -1.33 -19.66 14.40
C ASN C 185 0.08 -19.95 13.92
N ALA C 186 0.46 -21.21 14.03
CA ALA C 186 1.76 -21.68 13.61
C ALA C 186 1.83 -21.65 12.09
N ALA C 187 3.03 -21.39 11.59
CA ALA C 187 3.33 -21.54 10.18
C ALA C 187 3.31 -23.02 9.80
N ARG C 188 2.89 -23.30 8.56
CA ARG C 188 2.70 -24.66 8.10
C ARG C 188 3.73 -25.14 7.08
N GLU C 189 4.78 -24.35 6.83
CA GLU C 189 5.78 -24.66 5.77
C GLU C 189 6.41 -26.03 5.99
N PRO C 190 6.67 -26.79 4.90
CA PRO C 190 7.22 -28.15 5.09
C PRO C 190 8.49 -28.24 5.94
N GLU C 191 9.29 -27.17 5.95
CA GLU C 191 10.51 -27.10 6.78
C GLU C 191 10.20 -26.96 8.29
N ILE C 192 8.99 -26.50 8.62
CA ILE C 192 8.51 -26.66 10.00
C ILE C 192 8.14 -28.12 10.35
N VAL C 193 7.42 -28.80 9.45
CA VAL C 193 7.15 -30.23 9.62
C VAL C 193 8.50 -30.99 9.70
N ASP C 194 9.45 -30.67 8.82
CA ASP C 194 10.76 -31.35 8.82
C ASP C 194 11.55 -31.17 10.11
N THR C 195 11.53 -29.95 10.66
CA THR C 195 12.27 -29.67 11.89
C THR C 195 11.56 -30.35 13.07
N ALA C 196 10.23 -30.38 13.01
CA ALA C 196 9.44 -31.11 14.00
C ALA C 196 9.74 -32.60 13.96
N ASN C 197 9.80 -33.18 12.76
CA ASN C 197 10.19 -34.59 12.64
C ASN C 197 11.61 -34.82 13.17
N PHE C 198 12.49 -33.84 12.95
CA PHE C 198 13.85 -33.93 13.45
C PHE C 198 13.87 -33.95 14.98
N LEU C 199 13.17 -32.98 15.59
CA LEU C 199 13.07 -32.89 17.05
C LEU C 199 12.58 -34.20 17.66
N ASN C 200 11.54 -34.79 17.06
CA ASN C 200 11.02 -36.05 17.55
C ASN C 200 12.06 -37.17 17.41
N ALA C 201 12.85 -37.14 16.34
CA ALA C 201 13.89 -38.14 16.08
C ALA C 201 14.98 -38.13 17.15
N ILE C 202 15.10 -37.03 17.88
CA ILE C 202 16.09 -36.93 18.98
C ILE C 202 15.48 -36.95 20.40
N GLY C 203 14.18 -37.26 20.49
CA GLY C 203 13.50 -37.46 21.76
C GLY C 203 12.37 -36.51 22.15
N ALA C 204 12.07 -35.53 21.30
CA ALA C 204 11.02 -34.55 21.61
C ALA C 204 9.63 -35.13 21.43
N LYS C 205 8.62 -34.40 21.92
CA LYS C 205 7.22 -34.77 21.72
C LYS C 205 6.42 -33.65 21.03
N VAL C 206 6.62 -33.51 19.73
CA VAL C 206 5.98 -32.46 18.92
C VAL C 206 4.89 -33.07 18.03
N SER C 207 3.66 -32.57 18.15
CA SER C 207 2.58 -33.04 17.30
C SER C 207 1.82 -31.86 16.71
N GLY C 208 1.08 -32.12 15.63
CA GLY C 208 0.29 -31.11 14.93
C GLY C 208 1.08 -30.22 13.97
N MET C 209 2.38 -30.49 13.76
CA MET C 209 3.19 -29.75 12.76
C MET C 209 2.57 -29.89 11.37
N GLY C 210 2.58 -28.82 10.58
CA GLY C 210 1.89 -28.81 9.30
C GLY C 210 0.46 -28.30 9.39
N THR C 211 -0.03 -28.09 10.61
CA THR C 211 -1.32 -27.45 10.86
C THR C 211 -1.07 -26.13 11.60
N ASP C 212 -2.08 -25.28 11.73
CA ASP C 212 -1.82 -24.05 12.49
C ASP C 212 -1.65 -24.19 14.02
N THR C 213 -1.89 -25.38 14.57
CA THR C 213 -1.69 -25.56 16.01
C THR C 213 -0.68 -26.65 16.28
N ILE C 214 0.42 -26.26 16.90
CA ILE C 214 1.47 -27.22 17.23
C ILE C 214 1.51 -27.42 18.73
N THR C 215 1.46 -28.69 19.16
CA THR C 215 1.52 -29.03 20.56
C THR C 215 2.86 -29.71 20.91
N ILE C 216 3.54 -29.18 21.93
CA ILE C 216 4.84 -29.69 22.37
C ILE C 216 4.81 -30.11 23.85
N GLU C 217 4.96 -31.41 24.10
CA GLU C 217 5.12 -31.91 25.47
C GLU C 217 6.60 -31.92 25.84
N GLY C 218 6.98 -31.03 26.76
CA GLY C 218 8.36 -30.92 27.22
C GLY C 218 8.91 -32.23 27.80
N VAL C 219 10.17 -32.53 27.49
CA VAL C 219 10.94 -33.60 28.17
C VAL C 219 12.09 -32.96 28.92
N GLU C 220 12.79 -33.74 29.72
CA GLU C 220 13.92 -33.21 30.49
C GLU C 220 15.15 -32.99 29.63
N ARG C 221 15.40 -33.92 28.71
CA ARG C 221 16.62 -33.89 27.91
C ARG C 221 16.35 -34.47 26.52
N LEU C 222 17.07 -33.98 25.52
CA LEU C 222 17.05 -34.57 24.19
C LEU C 222 18.32 -35.39 23.98
N GLY C 223 18.20 -36.51 23.26
CA GLY C 223 19.32 -37.41 23.03
C GLY C 223 20.09 -37.11 21.76
N GLY C 224 19.96 -38.00 20.79
CA GLY C 224 20.65 -37.86 19.53
C GLY C 224 19.91 -38.69 18.51
N GLY C 225 20.41 -38.71 17.30
CA GLY C 225 19.77 -39.51 16.29
C GLY C 225 20.17 -39.19 14.88
N TYR C 226 19.26 -39.51 13.98
CA TYR C 226 19.48 -39.36 12.56
C TYR C 226 18.26 -38.71 11.92
N HIS C 227 18.50 -37.84 10.94
CA HIS C 227 17.40 -37.24 10.17
C HIS C 227 17.87 -36.88 8.80
N GLU C 228 17.10 -37.21 7.78
CA GLU C 228 17.42 -36.80 6.44
C GLU C 228 16.51 -35.61 6.05
N VAL C 229 17.13 -34.56 5.54
CA VAL C 229 16.48 -33.26 5.32
C VAL C 229 15.52 -33.35 4.14
N VAL C 230 14.34 -32.76 4.26
CA VAL C 230 13.36 -32.69 3.15
C VAL C 230 13.97 -32.07 1.88
N ALA C 231 13.52 -32.51 0.69
CA ALA C 231 13.86 -31.88 -0.61
C ALA C 231 13.60 -30.37 -0.58
N ASP C 232 14.42 -29.61 -1.32
CA ASP C 232 14.22 -28.17 -1.52
C ASP C 232 13.16 -27.83 -2.59
N ARG C 233 11.95 -27.49 -2.13
CA ARG C 233 10.87 -27.07 -3.01
C ARG C 233 11.14 -25.82 -3.85
N ILE C 234 11.97 -24.89 -3.36
CA ILE C 234 12.33 -23.70 -4.10
C ILE C 234 13.37 -23.94 -5.22
N GLU C 235 14.37 -24.77 -4.93
CA GLU C 235 15.28 -25.21 -5.99
C GLU C 235 14.45 -25.98 -7.04
N THR C 236 13.48 -26.81 -6.60
CA THR C 236 12.58 -27.53 -7.51
C THR C 236 11.87 -26.56 -8.44
N GLY C 237 11.28 -25.51 -7.86
CA GLY C 237 10.50 -24.56 -8.63
C GLY C 237 11.34 -23.76 -9.60
N THR C 238 12.55 -23.40 -9.16
CA THR C 238 13.51 -22.66 -9.98
C THR C 238 13.84 -23.41 -11.28
N PHE C 239 14.20 -24.68 -11.14
CA PHE C 239 14.54 -25.51 -12.29
C PHE C 239 13.36 -25.79 -13.20
N LEU C 240 12.17 -26.01 -12.64
CA LEU C 240 10.96 -26.12 -13.46
C LEU C 240 10.64 -24.81 -14.29
N VAL C 241 10.76 -23.65 -13.66
CA VAL C 241 10.66 -22.36 -14.36
C VAL C 241 11.71 -22.22 -15.48
N ALA C 242 12.98 -22.56 -15.16
CA ALA C 242 14.06 -22.58 -16.17
C ALA C 242 13.63 -23.34 -17.41
N ALA C 243 12.98 -24.49 -17.23
CA ALA C 243 12.40 -25.20 -18.38
C ALA C 243 11.26 -24.44 -19.07
N ALA C 244 10.28 -23.95 -18.29
CA ALA C 244 9.07 -23.35 -18.88
C ALA C 244 9.45 -22.15 -19.74
N VAL C 245 10.43 -21.40 -19.23
CA VAL C 245 10.82 -20.11 -19.77
C VAL C 245 11.75 -20.28 -20.99
N SER C 246 12.40 -21.44 -21.11
CA SER C 246 13.28 -21.72 -22.26
C SER C 246 12.66 -22.70 -23.27
N GLY C 247 11.47 -23.23 -22.94
CA GLY C 247 10.75 -24.12 -23.82
C GLY C 247 11.21 -25.56 -23.72
N GLY C 248 11.80 -25.89 -22.57
CA GLY C 248 12.46 -27.15 -22.39
C GLY C 248 11.62 -28.20 -21.72
N LYS C 249 12.25 -29.34 -21.46
CA LYS C 249 11.62 -30.47 -20.82
C LYS C 249 12.61 -30.92 -19.77
N ILE C 250 12.17 -30.96 -18.52
CA ILE C 250 13.10 -31.31 -17.45
C ILE C 250 12.47 -32.23 -16.40
N VAL C 251 13.23 -33.19 -15.91
CA VAL C 251 12.79 -34.02 -14.79
C VAL C 251 13.60 -33.65 -13.55
N CYS C 252 12.91 -33.28 -12.47
CA CYS C 252 13.56 -33.00 -11.17
C CYS C 252 13.50 -34.25 -10.31
N LYS C 253 14.64 -34.74 -9.83
CA LYS C 253 14.63 -35.99 -9.07
C LYS C 253 14.86 -35.70 -7.60
N ASN C 254 14.43 -36.61 -6.72
CA ASN C 254 14.63 -36.46 -5.26
C ASN C 254 13.80 -35.32 -4.69
N THR C 255 12.63 -35.10 -5.26
CA THR C 255 11.73 -34.05 -4.78
C THR C 255 10.32 -34.62 -4.61
N LYS C 256 9.35 -33.81 -4.20
CA LYS C 256 7.99 -34.31 -4.01
C LYS C 256 6.97 -33.23 -4.34
N ALA C 257 5.95 -33.59 -5.11
CA ALA C 257 4.91 -32.66 -5.55
C ALA C 257 4.18 -31.98 -4.40
N HIS C 258 3.93 -32.70 -3.31
CA HIS C 258 3.20 -32.17 -2.16
C HIS C 258 3.85 -31.00 -1.49
N LEU C 259 5.15 -30.82 -1.72
CA LEU C 259 5.89 -29.64 -1.25
C LEU C 259 5.57 -28.37 -2.05
N LEU C 260 5.05 -28.49 -3.28
CA LEU C 260 4.83 -27.28 -4.12
C LEU C 260 3.60 -27.26 -5.02
N GLU C 261 2.48 -27.75 -4.52
CA GLU C 261 1.22 -27.80 -5.29
C GLU C 261 0.80 -26.43 -5.88
N ALA C 262 0.94 -25.36 -5.10
CA ALA C 262 0.64 -24.01 -5.63
C ALA C 262 1.50 -23.62 -6.85
N VAL C 263 2.79 -23.94 -6.80
CA VAL C 263 3.68 -23.63 -7.93
C VAL C 263 3.27 -24.45 -9.18
N LEU C 264 3.03 -25.74 -8.98
CA LEU C 264 2.68 -26.65 -10.07
C LEU C 264 1.39 -26.24 -10.80
N ALA C 265 0.41 -25.76 -10.03
CA ALA C 265 -0.85 -25.28 -10.63
C ALA C 265 -0.64 -24.01 -11.47
N LYS C 266 0.30 -23.16 -11.06
CA LYS C 266 0.58 -21.95 -11.83
C LYS C 266 1.35 -22.28 -13.09
N LEU C 267 2.23 -23.26 -12.99
CA LEU C 267 2.97 -23.77 -14.16
C LEU C 267 2.03 -24.41 -15.18
N GLU C 268 0.98 -25.11 -14.71
CA GLU C 268 -0.05 -25.66 -15.61
C GLU C 268 -0.91 -24.58 -16.26
N GLU C 269 -1.26 -23.55 -15.48
CA GLU C 269 -1.93 -22.34 -15.98
C GLU C 269 -1.10 -21.58 -17.01
N ALA C 270 0.21 -21.57 -16.79
CA ALA C 270 1.18 -20.94 -17.70
C ALA C 270 1.32 -21.68 -19.05
N GLY C 271 0.70 -22.86 -19.16
CA GLY C 271 0.70 -23.63 -20.41
C GLY C 271 1.61 -24.85 -20.43
N ALA C 272 2.24 -25.16 -19.30
CA ALA C 272 3.19 -26.27 -19.18
C ALA C 272 2.50 -27.60 -18.90
N ASP C 273 3.15 -28.68 -19.30
CA ASP C 273 2.68 -30.01 -18.99
C ASP C 273 3.48 -30.59 -17.81
N VAL C 274 2.84 -30.63 -16.63
CA VAL C 274 3.48 -31.10 -15.39
C VAL C 274 3.03 -32.53 -15.08
N GLN C 275 3.96 -33.40 -14.71
CA GLN C 275 3.69 -34.77 -14.35
C GLN C 275 4.46 -35.07 -13.07
N THR C 276 3.95 -35.97 -12.25
CA THR C 276 4.64 -36.28 -11.00
C THR C 276 4.68 -37.79 -10.74
N GLY C 277 5.74 -38.24 -10.06
CA GLY C 277 5.85 -39.60 -9.52
C GLY C 277 6.10 -39.61 -8.02
N ASP C 278 6.46 -40.78 -7.49
CA ASP C 278 6.75 -40.93 -6.06
C ASP C 278 7.74 -39.87 -5.54
N ASP C 279 8.81 -39.65 -6.29
CA ASP C 279 9.92 -38.81 -5.84
C ASP C 279 10.53 -38.00 -6.98
N TRP C 280 9.69 -37.68 -7.95
CA TRP C 280 10.12 -36.85 -9.06
C TRP C 280 9.00 -35.98 -9.55
N ILE C 281 9.37 -34.92 -10.26
CA ILE C 281 8.43 -34.03 -10.94
C ILE C 281 9.06 -33.64 -12.26
N SER C 282 8.28 -33.66 -13.35
CA SER C 282 8.76 -33.09 -14.61
C SER C 282 7.86 -32.00 -15.17
N LEU C 283 8.44 -31.18 -16.03
CA LEU C 283 7.73 -30.14 -16.76
C LEU C 283 8.10 -30.24 -18.24
N ASP C 284 7.10 -30.21 -19.12
CA ASP C 284 7.35 -30.20 -20.56
C ASP C 284 6.71 -28.99 -21.21
N MET C 285 7.54 -28.15 -21.81
CA MET C 285 7.09 -26.96 -22.55
C MET C 285 7.20 -27.16 -24.08
N THR C 286 7.55 -28.37 -24.50
CA THR C 286 7.78 -28.66 -25.93
C THR C 286 6.56 -28.31 -26.77
N GLY C 287 6.73 -27.32 -27.65
CA GLY C 287 5.65 -26.86 -28.53
C GLY C 287 4.45 -26.24 -27.81
N ARG C 288 4.70 -25.64 -26.64
CA ARG C 288 3.64 -25.02 -25.88
C ARG C 288 3.91 -23.54 -25.74
N GLU C 289 2.86 -22.73 -25.73
CA GLU C 289 3.06 -21.31 -25.57
C GLU C 289 2.93 -20.90 -24.11
N LEU C 290 3.87 -20.08 -23.69
CA LEU C 290 3.91 -19.63 -22.30
C LEU C 290 2.85 -18.53 -22.12
N LYS C 291 1.94 -18.75 -21.19
CA LYS C 291 0.91 -17.77 -20.84
C LYS C 291 1.20 -17.14 -19.49
N ALA C 292 1.02 -15.83 -19.43
CA ALA C 292 1.09 -15.03 -18.19
C ALA C 292 0.15 -15.59 -17.12
N VAL C 293 0.56 -15.56 -15.85
CA VAL C 293 -0.31 -15.98 -14.75
C VAL C 293 -0.29 -14.91 -13.67
N ASN C 294 -1.37 -14.82 -12.89
CA ASN C 294 -1.36 -13.94 -11.72
C ASN C 294 -0.88 -14.67 -10.48
N ILE C 295 -0.18 -13.94 -9.60
CA ILE C 295 0.39 -14.52 -8.40
C ILE C 295 0.17 -13.64 -7.17
N ARG C 296 -0.20 -14.27 -6.07
CA ARG C 296 -0.28 -13.62 -4.77
CA ARG C 296 -0.26 -13.61 -4.78
C ARG C 296 0.50 -14.47 -3.77
N THR C 297 1.65 -13.98 -3.32
CA THR C 297 2.47 -14.73 -2.36
C THR C 297 1.79 -14.75 -1.00
N ALA C 298 2.02 -15.80 -0.21
CA ALA C 298 1.34 -15.97 1.09
C ALA C 298 1.93 -17.21 1.76
N PRO C 299 1.64 -17.44 3.05
CA PRO C 299 2.22 -18.58 3.76
C PRO C 299 1.80 -19.88 3.10
N HIS C 300 2.65 -20.89 3.20
CA HIS C 300 2.37 -22.22 2.66
C HIS C 300 1.08 -22.75 3.26
N PRO C 301 0.27 -23.48 2.46
CA PRO C 301 0.51 -23.99 1.10
C PRO C 301 0.17 -23.06 -0.10
N ALA C 302 0.05 -21.76 0.13
CA ALA C 302 -0.05 -20.80 -0.97
C ALA C 302 1.27 -20.68 -1.71
N PHE C 303 1.23 -19.96 -2.83
CA PHE C 303 2.44 -19.65 -3.59
C PHE C 303 3.53 -18.97 -2.72
N PRO C 304 4.77 -19.53 -2.70
CA PRO C 304 5.78 -19.02 -1.79
C PRO C 304 6.49 -17.78 -2.31
N THR C 305 6.84 -16.85 -1.42
CA THR C 305 7.68 -15.68 -1.78
C THR C 305 9.04 -16.06 -2.38
N ASP C 306 9.64 -17.15 -1.92
CA ASP C 306 10.88 -17.61 -2.52
C ASP C 306 10.78 -18.03 -4.01
N MET C 307 9.56 -18.07 -4.56
CA MET C 307 9.42 -18.41 -5.99
C MET C 307 8.97 -17.21 -6.83
N GLN C 308 8.84 -16.06 -6.20
CA GLN C 308 8.17 -14.90 -6.80
C GLN C 308 9.02 -14.22 -7.89
N ALA C 309 10.32 -14.08 -7.65
CA ALA C 309 11.26 -13.54 -8.64
C ALA C 309 11.33 -14.40 -9.91
N GLN C 310 11.41 -15.71 -9.71
CA GLN C 310 11.37 -16.68 -10.80
C GLN C 310 10.11 -16.54 -11.68
N PHE C 311 8.95 -16.43 -11.05
CA PHE C 311 7.71 -16.19 -11.81
C PHE C 311 7.58 -14.79 -12.38
N THR C 312 8.26 -13.82 -11.78
CA THR C 312 8.38 -12.51 -12.38
C THR C 312 9.00 -12.67 -13.75
N LEU C 313 10.12 -13.38 -13.81
CA LEU C 313 10.76 -13.68 -15.09
C LEU C 313 9.82 -14.42 -16.03
N LEU C 314 9.15 -15.47 -15.54
CA LEU C 314 8.22 -16.23 -16.36
C LEU C 314 7.16 -15.31 -17.00
N ASN C 315 6.55 -14.43 -16.20
CA ASN C 315 5.50 -13.52 -16.69
C ASN C 315 6.06 -12.49 -17.68
N MET C 316 7.30 -12.02 -17.43
CA MET C 316 7.97 -11.09 -18.34
C MET C 316 8.11 -11.63 -19.77
N MET C 317 8.49 -12.91 -19.86
CA MET C 317 8.66 -13.66 -21.12
C MET C 317 7.35 -14.16 -21.73
N ALA C 318 6.43 -14.61 -20.87
CA ALA C 318 5.14 -15.12 -21.30
C ALA C 318 4.33 -14.09 -22.10
N LYS C 319 3.46 -14.55 -22.99
CA LYS C 319 2.63 -13.60 -23.74
C LYS C 319 1.48 -13.15 -22.87
N GLY C 320 1.27 -11.83 -22.82
CA GLY C 320 0.24 -11.25 -21.96
C GLY C 320 0.78 -10.65 -20.67
N SER C 321 -0.06 -9.88 -20.01
CA SER C 321 0.35 -9.20 -18.80
C SER C 321 0.13 -10.14 -17.60
N GLY C 322 1.00 -10.07 -16.60
CA GLY C 322 0.91 -10.94 -15.42
C GLY C 322 1.12 -10.16 -14.12
N ILE C 323 0.22 -10.36 -13.16
CA ILE C 323 0.22 -9.58 -11.93
C ILE C 323 0.82 -10.39 -10.78
N ILE C 324 1.85 -9.82 -10.17
CA ILE C 324 2.51 -10.41 -9.03
C ILE C 324 2.38 -9.52 -7.80
N THR C 325 1.68 -10.02 -6.80
CA THR C 325 1.48 -9.28 -5.57
C THR C 325 2.14 -10.03 -4.42
N GLU C 326 2.97 -9.31 -3.70
CA GLU C 326 3.82 -9.85 -2.68
C GLU C 326 3.23 -9.43 -1.33
N THR C 327 2.80 -10.39 -0.52
CA THR C 327 2.25 -10.07 0.80
C THR C 327 3.17 -10.40 1.97
N ILE C 328 4.28 -11.08 1.69
CA ILE C 328 5.25 -11.46 2.72
C ILE C 328 6.36 -10.41 2.82
N PHE C 329 7.06 -10.20 1.72
CA PHE C 329 8.17 -9.28 1.64
C PHE C 329 7.85 -8.18 0.64
N GLU C 330 7.31 -7.09 1.17
CA GLU C 330 6.73 -6.02 0.37
C GLU C 330 7.67 -5.22 -0.55
N ASN C 331 8.98 -5.32 -0.34
CA ASN C 331 9.94 -4.72 -1.27
C ASN C 331 10.84 -5.71 -2.02
N ARG C 332 10.37 -6.94 -2.19
CA ARG C 332 11.15 -7.94 -2.88
C ARG C 332 11.04 -7.83 -4.42
N PHE C 333 11.41 -6.69 -4.99
CA PHE C 333 11.37 -6.52 -6.45
C PHE C 333 12.68 -6.03 -7.06
N MET C 334 13.77 -6.20 -6.32
CA MET C 334 15.08 -5.71 -6.76
C MET C 334 15.63 -6.41 -8.00
N HIS C 335 15.09 -7.57 -8.33
CA HIS C 335 15.47 -8.24 -9.55
C HIS C 335 14.91 -7.53 -10.75
N ILE C 336 13.77 -6.84 -10.61
CA ILE C 336 13.09 -6.22 -11.76
C ILE C 336 13.94 -5.14 -12.49
N PRO C 337 14.50 -4.15 -11.77
CA PRO C 337 15.37 -3.21 -12.49
C PRO C 337 16.59 -3.87 -13.18
N GLU C 338 17.14 -4.92 -12.58
CA GLU C 338 18.19 -5.70 -13.23
C GLU C 338 17.71 -6.37 -14.55
N LEU C 339 16.50 -6.95 -14.52
CA LEU C 339 15.86 -7.56 -15.69
C LEU C 339 15.51 -6.51 -16.77
N GLN C 340 15.15 -5.31 -16.32
CA GLN C 340 14.96 -4.22 -17.23
C GLN C 340 16.25 -3.85 -17.96
N ARG C 341 17.39 -3.99 -17.30
CA ARG C 341 18.69 -3.82 -18.00
C ARG C 341 18.86 -4.77 -19.21
N MET C 342 18.27 -5.96 -19.10
CA MET C 342 18.28 -6.93 -20.19
C MET C 342 17.10 -6.84 -21.18
N GLY C 343 16.27 -5.80 -21.11
CA GLY C 343 15.19 -5.63 -22.06
C GLY C 343 13.81 -6.12 -21.62
N ALA C 344 13.68 -6.61 -20.39
CA ALA C 344 12.36 -7.01 -19.88
C ALA C 344 11.50 -5.78 -19.59
N HIS C 345 10.18 -5.96 -19.65
CA HIS C 345 9.25 -4.87 -19.34
C HIS C 345 8.33 -5.23 -18.22
N ALA C 346 8.19 -4.29 -17.28
CA ALA C 346 7.35 -4.42 -16.09
C ALA C 346 7.18 -3.05 -15.44
N GLU C 347 6.08 -2.92 -14.71
CA GLU C 347 5.74 -1.75 -13.90
C GLU C 347 5.64 -2.22 -12.43
N ILE C 348 6.22 -1.46 -11.53
CA ILE C 348 6.11 -1.76 -10.10
C ILE C 348 5.26 -0.70 -9.41
N GLU C 349 4.18 -1.14 -8.73
CA GLU C 349 3.33 -0.22 -7.95
CA GLU C 349 3.29 -0.24 -7.98
C GLU C 349 3.03 -0.82 -6.57
N GLY C 350 3.64 -0.21 -5.55
CA GLY C 350 3.53 -0.74 -4.18
C GLY C 350 4.13 -2.15 -4.11
N ASN C 351 3.41 -3.08 -3.49
CA ASN C 351 3.85 -4.49 -3.43
C ASN C 351 3.38 -5.33 -4.64
N THR C 352 3.01 -4.66 -5.74
CA THR C 352 2.53 -5.29 -6.98
C THR C 352 3.42 -5.00 -8.22
N ALA C 353 3.93 -6.06 -8.86
CA ALA C 353 4.60 -5.93 -10.16
C ALA C 353 3.68 -6.41 -11.28
N ILE C 354 3.50 -5.57 -12.29
CA ILE C 354 2.69 -5.90 -13.46
C ILE C 354 3.70 -6.15 -14.57
N CYS C 355 3.82 -7.40 -14.96
CA CYS C 355 4.84 -7.81 -15.87
C CYS C 355 4.26 -7.64 -17.25
N GLY C 356 4.97 -6.91 -18.09
CA GLY C 356 4.52 -6.67 -19.46
C GLY C 356 5.09 -7.72 -20.37
N ASP C 357 5.23 -7.36 -21.64
CA ASP C 357 5.74 -8.24 -22.67
C ASP C 357 7.06 -7.73 -23.18
N THR C 358 7.87 -8.63 -23.67
CA THR C 358 9.13 -8.29 -24.32
C THR C 358 9.24 -9.24 -25.50
N ASP C 359 9.89 -8.85 -26.59
CA ASP C 359 10.09 -9.86 -27.61
C ASP C 359 11.46 -10.54 -27.49
N GLY C 360 12.25 -10.15 -26.48
CA GLY C 360 13.46 -10.88 -26.15
C GLY C 360 14.35 -10.15 -25.15
N LEU C 361 15.15 -10.92 -24.42
CA LEU C 361 16.18 -10.34 -23.55
C LEU C 361 17.52 -10.19 -24.27
N SER C 362 18.33 -9.27 -23.79
CA SER C 362 19.62 -8.95 -24.39
C SER C 362 20.62 -8.98 -23.24
N GLY C 363 21.79 -9.58 -23.47
CA GLY C 363 22.79 -9.75 -22.42
C GLY C 363 23.33 -8.44 -21.89
N ALA C 364 23.51 -8.36 -20.57
CA ALA C 364 24.03 -7.14 -19.95
C ALA C 364 24.71 -7.49 -18.65
N GLN C 365 25.35 -6.50 -18.06
CA GLN C 365 25.96 -6.66 -16.76
C GLN C 365 24.91 -6.35 -15.69
N VAL C 366 24.60 -7.35 -14.87
CA VAL C 366 23.60 -7.21 -13.83
C VAL C 366 24.17 -7.56 -12.45
N MET C 367 23.40 -7.24 -11.41
CA MET C 367 23.87 -7.28 -10.04
C MET C 367 22.91 -8.10 -9.20
N ALA C 368 23.40 -9.25 -8.73
CA ALA C 368 22.71 -10.08 -7.74
C ALA C 368 22.67 -9.35 -6.41
N THR C 369 21.54 -9.45 -5.70
CA THR C 369 21.38 -8.81 -4.39
C THR C 369 20.76 -9.73 -3.35
N ASP C 370 19.87 -10.62 -3.79
CA ASP C 370 19.30 -11.58 -2.88
C ASP C 370 19.29 -12.96 -3.52
N LEU C 371 19.13 -13.97 -2.70
CA LEU C 371 19.18 -15.36 -3.13
C LEU C 371 18.38 -15.69 -4.41
N ARG C 372 17.07 -15.43 -4.35
CA ARG C 372 16.11 -15.77 -5.41
C ARG C 372 16.17 -14.85 -6.63
N ALA C 373 16.52 -13.58 -6.41
CA ALA C 373 16.69 -12.64 -7.52
C ALA C 373 17.92 -13.01 -8.31
N SER C 374 19.00 -13.32 -7.60
CA SER C 374 20.21 -13.85 -8.22
C SER C 374 19.86 -15.02 -9.12
N ALA C 375 19.04 -15.94 -8.61
CA ALA C 375 18.61 -17.11 -9.39
C ALA C 375 17.89 -16.74 -10.68
N SER C 376 17.02 -15.72 -10.62
CA SER C 376 16.24 -15.30 -11.77
CA SER C 376 16.24 -15.31 -11.78
C SER C 376 17.10 -14.61 -12.84
N LEU C 377 18.09 -13.86 -12.38
CA LEU C 377 19.07 -13.20 -13.27
C LEU C 377 19.91 -14.23 -14.00
N VAL C 378 20.29 -15.30 -13.31
CA VAL C 378 21.03 -16.41 -13.93
C VAL C 378 20.23 -17.09 -15.08
N ILE C 379 18.98 -17.43 -14.80
CA ILE C 379 18.05 -17.97 -15.81
C ILE C 379 17.83 -17.02 -16.99
N ALA C 380 17.66 -15.74 -16.68
CA ALA C 380 17.50 -14.72 -17.70
C ALA C 380 18.69 -14.75 -18.65
N GLY C 381 19.88 -14.91 -18.07
CA GLY C 381 21.13 -14.91 -18.82
C GLY C 381 21.22 -16.10 -19.75
N CYS C 382 20.62 -17.21 -19.35
CA CYS C 382 20.60 -18.43 -20.15
C CYS C 382 19.74 -18.29 -21.41
N ILE C 383 18.71 -17.44 -21.36
CA ILE C 383 17.79 -17.25 -22.48
C ILE C 383 18.02 -15.93 -23.26
N ALA C 384 18.88 -15.06 -22.76
CA ALA C 384 19.11 -13.77 -23.42
C ALA C 384 19.93 -13.90 -24.70
N LYS C 385 19.89 -12.87 -25.54
CA LYS C 385 20.78 -12.77 -26.69
C LYS C 385 22.02 -12.04 -26.26
N GLY C 386 23.17 -12.70 -26.37
CA GLY C 386 24.43 -12.10 -26.02
C GLY C 386 25.03 -12.68 -24.75
N GLU C 387 25.98 -11.96 -24.20
CA GLU C 387 26.63 -12.33 -22.95
C GLU C 387 26.03 -11.57 -21.79
N THR C 388 25.65 -12.29 -20.75
CA THR C 388 25.29 -11.70 -19.47
C THR C 388 26.39 -11.95 -18.43
N ILE C 389 26.76 -10.91 -17.70
CA ILE C 389 27.60 -11.05 -16.50
C ILE C 389 26.72 -10.80 -15.25
N VAL C 390 26.67 -11.78 -14.32
CA VAL C 390 25.96 -11.57 -13.04
C VAL C 390 27.01 -11.36 -11.95
N ASP C 391 27.09 -10.15 -11.41
CA ASP C 391 28.09 -9.85 -10.38
C ASP C 391 27.58 -10.21 -8.99
N ARG C 392 28.51 -10.43 -8.07
CA ARG C 392 28.20 -10.74 -6.68
C ARG C 392 27.36 -12.01 -6.53
N ILE C 393 27.82 -13.10 -7.15
CA ILE C 393 27.02 -14.35 -7.10
C ILE C 393 27.13 -15.15 -5.80
N TYR C 394 27.95 -14.68 -4.88
CA TYR C 394 28.01 -15.34 -3.57
C TYR C 394 26.60 -15.40 -2.93
N HIS C 395 25.76 -14.39 -3.23
CA HIS C 395 24.32 -14.46 -2.86
C HIS C 395 23.65 -15.76 -3.25
N ILE C 396 23.94 -16.24 -4.45
CA ILE C 396 23.34 -17.46 -4.98
C ILE C 396 23.86 -18.68 -4.21
N ASP C 397 25.17 -18.70 -3.95
CA ASP C 397 25.82 -19.77 -3.17
C ASP C 397 25.35 -19.83 -1.71
N ARG C 398 24.65 -18.78 -1.25
CA ARG C 398 24.03 -18.82 0.06
C ARG C 398 22.89 -19.84 0.11
N GLY C 399 22.19 -20.00 -1.03
CA GLY C 399 21.04 -20.91 -1.05
C GLY C 399 20.86 -21.95 -2.13
N TYR C 400 21.77 -22.01 -3.11
CA TYR C 400 21.80 -23.08 -4.08
C TYR C 400 23.17 -23.75 -4.10
N ASP C 401 23.18 -25.07 -4.25
CA ASP C 401 24.42 -25.86 -4.30
C ASP C 401 24.91 -25.95 -5.75
N LYS C 402 26.00 -25.26 -6.07
CA LYS C 402 26.59 -25.23 -7.43
C LYS C 402 25.55 -25.17 -8.54
N ILE C 403 24.75 -24.12 -8.55
CA ILE C 403 23.68 -23.99 -9.54
C ILE C 403 24.21 -24.03 -10.98
N GLU C 404 25.41 -23.48 -11.21
CA GLU C 404 26.01 -23.52 -12.54
C GLU C 404 26.23 -24.96 -12.99
N ASP C 405 26.64 -25.83 -12.06
CA ASP C 405 26.83 -27.26 -12.39
C ASP C 405 25.55 -27.88 -12.93
N LYS C 406 24.45 -27.69 -12.19
CA LYS C 406 23.16 -28.24 -12.54
C LYS C 406 22.65 -27.63 -13.83
N LEU C 407 22.87 -26.33 -14.00
CA LEU C 407 22.47 -25.66 -15.24
C LEU C 407 23.30 -26.11 -16.44
N THR C 408 24.62 -26.22 -16.27
CA THR C 408 25.45 -26.73 -17.37
C THR C 408 24.93 -28.08 -17.81
N ALA C 409 24.52 -28.89 -16.84
CA ALA C 409 23.94 -30.20 -17.10
C ALA C 409 22.68 -30.11 -17.96
N LEU C 410 22.07 -28.92 -18.03
CA LEU C 410 20.87 -28.73 -18.86
C LEU C 410 21.11 -28.04 -20.21
N GLY C 411 22.36 -27.79 -20.55
CA GLY C 411 22.66 -27.17 -21.84
C GLY C 411 23.08 -25.72 -21.73
N ALA C 412 23.04 -25.17 -20.51
CA ALA C 412 23.47 -23.78 -20.26
C ALA C 412 24.97 -23.59 -20.48
N ASN C 413 25.32 -22.45 -21.07
CA ASN C 413 26.70 -22.02 -21.21
C ASN C 413 27.02 -20.98 -20.14
N ILE C 414 27.53 -21.45 -19.01
CA ILE C 414 27.78 -20.58 -17.85
C ILE C 414 29.10 -20.89 -17.13
N GLU C 415 29.84 -19.84 -16.84
CA GLU C 415 31.16 -19.97 -16.23
C GLU C 415 31.28 -19.12 -14.97
N ARG C 416 31.71 -19.73 -13.86
CA ARG C 416 32.12 -18.97 -12.67
C ARG C 416 33.49 -18.33 -12.85
N VAL C 417 33.55 -17.00 -12.80
CA VAL C 417 34.81 -16.27 -12.89
C VAL C 417 35.22 -15.71 -11.50
N HIS C 418 36.45 -16.01 -11.07
CA HIS C 418 36.95 -15.51 -9.78
C HIS C 418 37.92 -14.39 -10.01
N SER C 419 37.67 -13.23 -9.41
CA SER C 419 38.54 -12.08 -9.60
C SER C 419 39.21 -11.65 -8.29
N MET D 1 37.97 -0.09 4.15
CA MET D 1 36.57 0.33 4.42
C MET D 1 36.48 1.30 5.61
N ASP D 2 36.22 2.58 5.33
CA ASP D 2 36.06 3.58 6.39
C ASP D 2 34.83 3.30 7.27
N LYS D 3 35.00 3.49 8.56
CA LYS D 3 33.88 3.47 9.52
C LYS D 3 34.01 4.74 10.37
N PHE D 4 32.94 5.08 11.10
CA PHE D 4 33.03 6.09 12.15
C PHE D 4 32.97 5.38 13.51
N ARG D 5 33.82 5.82 14.42
CA ARG D 5 33.74 5.40 15.81
C ARG D 5 33.29 6.59 16.61
N ILE D 6 32.20 6.40 17.34
CA ILE D 6 31.54 7.52 17.97
C ILE D 6 31.36 7.24 19.45
N GLN D 7 31.83 8.16 20.29
CA GLN D 7 31.59 8.04 21.73
C GLN D 7 30.36 8.84 22.11
N GLY D 8 29.33 8.17 22.62
CA GLY D 8 28.05 8.84 22.90
C GLY D 8 28.10 9.80 24.08
N SER D 9 27.17 10.76 24.15
CA SER D 9 27.20 11.77 25.21
C SER D 9 25.84 12.37 25.47
N ASP D 10 25.60 12.79 26.72
CA ASP D 10 24.43 13.58 27.12
C ASP D 10 24.56 15.07 26.79
N LYS D 11 25.76 15.52 26.47
CA LYS D 11 25.99 16.93 26.20
C LYS D 11 25.29 17.39 24.92
N PRO D 12 24.72 18.61 24.94
CA PRO D 12 24.09 19.12 23.73
C PRO D 12 25.10 19.29 22.58
N LEU D 13 24.67 19.08 21.35
CA LEU D 13 25.49 19.44 20.19
C LEU D 13 25.17 20.88 19.89
N SER D 14 26.17 21.72 20.04
CA SER D 14 25.95 23.16 20.00
C SER D 14 27.11 23.88 19.36
N GLY D 15 26.78 24.98 18.71
CA GLY D 15 27.77 25.82 18.04
C GLY D 15 27.26 26.20 16.67
N GLU D 16 28.21 26.29 15.73
CA GLU D 16 27.96 26.83 14.41
C GLU D 16 28.50 25.89 13.33
N VAL D 17 27.82 25.85 12.20
CA VAL D 17 28.30 25.07 11.07
C VAL D 17 28.14 25.89 9.81
N THR D 18 29.10 25.79 8.90
CA THR D 18 28.95 26.43 7.61
C THR D 18 28.40 25.41 6.62
N ILE D 19 27.22 25.71 6.10
CA ILE D 19 26.51 24.82 5.17
C ILE D 19 27.15 24.85 3.78
N SER D 20 27.49 23.66 3.29
CA SER D 20 28.12 23.50 1.98
C SER D 20 27.12 23.61 0.82
N GLY D 21 27.63 23.80 -0.39
CA GLY D 21 26.78 23.80 -1.60
C GLY D 21 25.98 22.50 -1.74
N ALA D 22 24.81 22.61 -2.38
CA ALA D 22 23.92 21.44 -2.61
C ALA D 22 24.53 20.38 -3.51
N LYS D 23 24.73 19.20 -2.95
CA LYS D 23 24.99 18.01 -3.76
C LYS D 23 24.02 18.00 -4.97
N ASN D 24 22.71 18.07 -4.68
CA ASN D 24 21.70 17.88 -5.74
C ASN D 24 21.57 19.04 -6.72
N ALA D 25 22.32 20.13 -6.49
CA ALA D 25 22.49 21.19 -7.51
C ALA D 25 23.83 21.08 -8.20
N ALA D 26 24.87 20.70 -7.45
CA ALA D 26 26.21 20.56 -8.03
C ALA D 26 26.17 19.58 -9.18
N LEU D 27 25.52 18.44 -8.93
CA LEU D 27 25.58 17.30 -9.86
C LEU D 27 24.88 17.59 -11.18
N PRO D 28 23.64 18.13 -11.14
CA PRO D 28 23.05 18.36 -12.47
C PRO D 28 23.71 19.51 -13.23
N ILE D 29 24.20 20.50 -12.50
CA ILE D 29 24.95 21.62 -13.07
C ILE D 29 26.24 21.15 -13.74
N LEU D 30 26.96 20.19 -13.13
CA LEU D 30 28.21 19.67 -13.73
C LEU D 30 27.98 18.94 -15.06
N PHE D 31 26.90 18.15 -15.12
CA PHE D 31 26.48 17.49 -16.35
C PHE D 31 26.01 18.49 -17.40
N ALA D 32 25.30 19.52 -16.96
CA ALA D 32 24.82 20.61 -17.80
C ALA D 32 25.96 21.42 -18.45
N SER D 33 27.14 21.43 -17.82
CA SER D 33 28.32 22.09 -18.41
C SER D 33 28.79 21.39 -19.70
N LEU D 34 28.36 20.14 -19.92
CA LEU D 34 28.58 19.46 -21.20
C LEU D 34 28.00 20.20 -22.42
N LEU D 35 27.01 21.04 -22.15
CA LEU D 35 26.39 21.89 -23.16
C LEU D 35 27.29 23.06 -23.53
N ALA D 36 28.13 23.47 -22.57
CA ALA D 36 28.90 24.73 -22.66
C ALA D 36 30.09 24.62 -23.62
N GLU D 37 30.18 25.57 -24.54
CA GLU D 37 31.26 25.57 -25.52
C GLU D 37 32.50 26.30 -25.02
N GLU D 38 32.31 27.11 -23.98
CA GLU D 38 33.38 27.93 -23.42
C GLU D 38 33.58 27.65 -21.91
N PRO D 39 34.76 27.99 -21.36
CA PRO D 39 35.00 27.65 -19.94
C PRO D 39 33.93 28.09 -18.92
N VAL D 40 33.78 27.26 -17.89
CA VAL D 40 32.75 27.38 -16.86
C VAL D 40 33.40 27.24 -15.48
N GLU D 41 33.03 28.13 -14.57
CA GLU D 41 33.45 28.00 -13.17
C GLU D 41 32.22 27.78 -12.30
N VAL D 42 32.23 26.69 -11.55
CA VAL D 42 31.10 26.38 -10.68
C VAL D 42 31.60 26.49 -9.25
N ALA D 43 31.13 27.51 -8.53
CA ALA D 43 31.68 27.85 -7.24
C ALA D 43 30.82 27.27 -6.13
N ASN D 44 31.39 27.16 -4.91
CA ASN D 44 30.67 26.58 -3.77
C ASN D 44 30.24 25.13 -4.04
N VAL D 45 31.14 24.35 -4.62
CA VAL D 45 30.87 22.93 -4.82
C VAL D 45 31.45 22.12 -3.64
N PRO D 46 30.58 21.30 -2.97
CA PRO D 46 31.04 20.43 -1.90
C PRO D 46 32.05 19.37 -2.39
N LYS D 47 33.02 19.05 -1.54
CA LYS D 47 33.88 17.88 -1.81
C LYS D 47 33.11 16.59 -1.42
N LEU D 48 32.63 15.85 -2.42
CA LEU D 48 31.83 14.63 -2.23
C LEU D 48 32.32 13.59 -3.20
N ARG D 49 32.11 12.31 -2.90
CA ARG D 49 32.55 11.30 -3.85
C ARG D 49 31.80 11.40 -5.16
N ASP D 50 30.50 11.69 -5.09
CA ASP D 50 29.67 11.98 -6.29
C ASP D 50 30.14 13.15 -7.17
N VAL D 51 30.79 14.16 -6.58
CA VAL D 51 31.42 15.20 -7.38
C VAL D 51 32.67 14.62 -8.02
N ASP D 52 33.45 13.83 -7.28
CA ASP D 52 34.63 13.20 -7.86
C ASP D 52 34.29 12.29 -9.04
N THR D 53 33.23 11.50 -8.88
CA THR D 53 32.78 10.54 -9.90
C THR D 53 32.34 11.32 -11.17
N THR D 54 31.65 12.43 -10.95
CA THR D 54 31.15 13.30 -12.00
C THR D 54 32.32 13.92 -12.78
N MET D 55 33.28 14.47 -12.06
CA MET D 55 34.49 15.02 -12.68
C MET D 55 35.21 13.98 -13.54
N GLU D 56 35.33 12.75 -13.04
CA GLU D 56 35.97 11.68 -13.80
C GLU D 56 35.21 11.40 -15.09
N LEU D 57 33.87 11.37 -15.00
CA LEU D 57 33.05 11.11 -16.15
C LEU D 57 33.22 12.21 -17.22
N LEU D 58 33.21 13.48 -16.78
CA LEU D 58 33.40 14.62 -17.65
C LEU D 58 34.76 14.51 -18.38
N LYS D 59 35.78 14.15 -17.61
CA LYS D 59 37.14 13.93 -18.15
C LYS D 59 37.15 12.86 -19.24
N ARG D 60 36.49 11.74 -18.96
CA ARG D 60 36.33 10.63 -19.90
C ARG D 60 35.61 11.04 -21.19
N LEU D 61 34.71 12.01 -21.06
CA LEU D 61 33.94 12.50 -22.18
C LEU D 61 34.72 13.50 -23.05
N GLY D 62 35.80 14.03 -22.51
CA GLY D 62 36.73 14.90 -23.24
C GLY D 62 36.82 16.32 -22.73
N ALA D 63 36.03 16.64 -21.70
CA ALA D 63 36.11 17.94 -21.06
C ALA D 63 37.39 18.05 -20.22
N GLU D 64 37.91 19.25 -20.08
CA GLU D 64 39.05 19.52 -19.19
C GLU D 64 38.49 20.01 -17.87
N VAL D 65 38.92 19.40 -16.77
CA VAL D 65 38.29 19.60 -15.48
C VAL D 65 39.29 19.72 -14.33
N SER D 66 39.05 20.65 -13.41
CA SER D 66 39.86 20.76 -12.20
C SER D 66 39.02 21.37 -11.09
N ARG D 67 39.49 21.24 -9.85
CA ARG D 67 38.73 21.78 -8.73
C ARG D 67 39.55 22.27 -7.54
N ASN D 68 38.93 23.21 -6.80
CA ASN D 68 39.04 23.37 -5.33
C ASN D 68 38.33 24.54 -4.61
N GLY D 69 37.09 24.29 -4.21
CA GLY D 69 36.18 25.38 -3.80
C GLY D 69 35.24 25.55 -4.98
N SER D 70 35.84 25.92 -6.11
CA SER D 70 35.18 25.86 -7.42
C SER D 70 35.60 24.66 -8.22
N VAL D 71 34.72 24.25 -9.12
CA VAL D 71 35.08 23.33 -10.19
C VAL D 71 35.20 24.10 -11.51
N HIS D 72 36.31 23.92 -12.22
CA HIS D 72 36.50 24.48 -13.55
C HIS D 72 36.29 23.45 -14.63
N ILE D 73 35.41 23.78 -15.57
CA ILE D 73 35.13 22.94 -16.73
C ILE D 73 35.41 23.62 -18.06
N ASP D 74 36.11 22.92 -18.94
CA ASP D 74 36.17 23.31 -20.32
C ASP D 74 35.71 22.14 -21.21
N ALA D 75 34.46 22.22 -21.67
CA ALA D 75 33.85 21.18 -22.51
C ALA D 75 33.90 21.49 -24.01
N SER D 76 34.75 22.41 -24.43
CA SER D 76 34.87 22.73 -25.87
C SER D 76 35.24 21.54 -26.73
N GLY D 77 36.16 20.70 -26.24
CA GLY D 77 36.66 19.53 -26.99
C GLY D 77 36.08 18.19 -26.56
N VAL D 78 34.89 18.19 -25.96
CA VAL D 78 34.17 16.94 -25.67
C VAL D 78 34.08 16.11 -26.94
N ASN D 79 34.57 14.88 -26.89
CA ASN D 79 34.75 14.05 -28.10
C ASN D 79 34.42 12.59 -27.85
N ASP D 80 33.82 12.32 -26.70
CA ASP D 80 33.31 11.01 -26.39
C ASP D 80 31.88 11.16 -25.84
N PHE D 81 31.04 10.12 -26.02
CA PHE D 81 29.60 10.27 -25.75
C PHE D 81 28.94 9.10 -25.04
N CYS D 82 29.70 8.40 -24.20
CA CYS D 82 29.17 7.27 -23.45
C CYS D 82 29.57 7.35 -21.98
N ALA D 83 28.58 7.19 -21.09
CA ALA D 83 28.85 6.98 -19.66
C ALA D 83 28.91 5.45 -19.36
N PRO D 84 30.12 4.91 -19.11
CA PRO D 84 30.28 3.46 -18.98
C PRO D 84 29.56 2.87 -17.76
N TYR D 85 29.27 1.57 -17.80
CA TYR D 85 28.59 0.87 -16.70
C TYR D 85 29.32 1.04 -15.35
N ASP D 86 30.65 1.00 -15.40
CA ASP D 86 31.48 1.09 -14.20
C ASP D 86 31.32 2.41 -13.43
N LEU D 87 30.93 3.48 -14.14
CA LEU D 87 30.69 4.75 -13.50
C LEU D 87 29.23 4.96 -13.10
N VAL D 88 28.29 4.52 -13.95
CA VAL D 88 26.86 4.65 -13.63
C VAL D 88 26.50 3.83 -12.41
N LYS D 89 26.97 2.58 -12.35
CA LYS D 89 26.66 1.72 -11.23
C LYS D 89 27.14 2.29 -9.87
N THR D 90 28.16 3.15 -9.88
CA THR D 90 28.55 3.81 -8.63
C THR D 90 27.76 5.09 -8.38
N MET D 91 27.04 5.58 -9.40
CA MET D 91 26.35 6.88 -9.31
C MET D 91 25.28 7.03 -10.40
N ARG D 92 24.02 6.86 -10.02
CA ARG D 92 22.97 6.89 -11.03
C ARG D 92 22.77 8.30 -11.60
N ALA D 93 23.20 9.32 -10.87
CA ALA D 93 23.14 10.68 -11.37
C ALA D 93 23.80 10.81 -12.75
N SER D 94 24.63 9.82 -13.11
CA SER D 94 25.34 9.82 -14.38
CA SER D 94 25.34 9.77 -14.39
C SER D 94 24.37 9.76 -15.57
N ILE D 95 23.11 9.42 -15.30
CA ILE D 95 22.08 9.44 -16.35
C ILE D 95 21.89 10.85 -16.94
N TRP D 96 22.18 11.88 -16.16
CA TRP D 96 22.08 13.24 -16.67
C TRP D 96 23.02 13.59 -17.76
N ALA D 97 23.94 12.70 -18.15
CA ALA D 97 24.84 13.00 -19.27
C ALA D 97 24.13 12.83 -20.62
N LEU D 98 23.04 12.07 -20.63
CA LEU D 98 22.33 11.74 -21.88
C LEU D 98 21.70 12.96 -22.60
N GLY D 99 20.89 13.74 -21.90
CA GLY D 99 20.26 14.91 -22.50
C GLY D 99 21.24 15.90 -23.13
N PRO D 100 22.31 16.26 -22.38
CA PRO D 100 23.23 17.26 -22.97
C PRO D 100 24.04 16.74 -24.17
N LEU D 101 24.45 15.47 -24.16
CA LEU D 101 25.23 14.93 -25.27
C LEU D 101 24.41 14.86 -26.55
N VAL D 102 23.16 14.39 -26.45
CA VAL D 102 22.26 14.30 -27.61
C VAL D 102 21.89 15.70 -28.13
N ALA D 103 21.71 16.65 -27.22
CA ALA D 103 21.34 18.05 -27.51
C ALA D 103 22.42 18.81 -28.30
N ARG D 104 23.67 18.61 -27.90
CA ARG D 104 24.81 19.29 -28.50
C ARG D 104 25.44 18.51 -29.65
N PHE D 105 25.51 17.19 -29.53
CA PHE D 105 26.24 16.39 -30.50
C PHE D 105 25.37 15.44 -31.31
N GLY D 106 24.10 15.32 -30.93
CA GLY D 106 23.16 14.41 -31.60
C GLY D 106 23.30 12.94 -31.25
N LYS D 107 24.14 12.64 -30.25
CA LYS D 107 24.43 11.26 -29.87
C LYS D 107 24.96 11.18 -28.43
N GLY D 108 24.49 10.17 -27.70
CA GLY D 108 24.87 9.91 -26.31
C GLY D 108 24.33 8.57 -25.82
N GLN D 109 25.05 7.98 -24.87
CA GLN D 109 24.73 6.65 -24.34
C GLN D 109 25.06 6.65 -22.86
N VAL D 110 24.11 6.19 -22.05
CA VAL D 110 24.39 5.94 -20.64
CA VAL D 110 24.39 5.94 -20.64
C VAL D 110 23.81 4.58 -20.26
N SER D 111 24.54 3.84 -19.43
CA SER D 111 24.08 2.56 -18.93
C SER D 111 22.80 2.79 -18.12
N LEU D 112 21.77 1.96 -18.33
CA LEU D 112 20.52 2.08 -17.54
C LEU D 112 20.80 1.74 -16.09
N PRO D 113 20.40 2.59 -15.12
CA PRO D 113 20.65 2.25 -13.70
C PRO D 113 20.01 0.95 -13.24
N GLY D 114 20.69 0.25 -12.32
CA GLY D 114 20.19 -1.00 -11.74
C GLY D 114 19.22 -0.74 -10.59
N GLY D 115 19.01 -1.76 -9.77
CA GLY D 115 18.14 -1.68 -8.58
C GLY D 115 18.69 -0.82 -7.45
N CYS D 116 17.77 -0.28 -6.66
CA CYS D 116 18.10 0.54 -5.50
C CYS D 116 17.12 0.09 -4.45
N ALA D 117 17.62 -0.10 -3.22
CA ALA D 117 16.83 -0.69 -2.14
C ALA D 117 15.67 0.19 -1.68
N ILE D 118 15.85 1.50 -1.81
CA ILE D 118 14.85 2.47 -1.29
C ILE D 118 13.52 2.49 -2.04
N GLY D 119 13.51 1.90 -3.24
CA GLY D 119 12.33 1.96 -4.08
C GLY D 119 12.60 1.72 -5.54
N ALA D 120 11.52 1.58 -6.29
CA ALA D 120 11.56 1.49 -7.75
C ALA D 120 12.01 2.82 -8.31
N ARG D 121 13.09 2.82 -9.08
CA ARG D 121 13.59 4.07 -9.65
C ARG D 121 13.77 4.02 -11.16
N PRO D 122 12.67 3.85 -11.92
CA PRO D 122 12.76 3.86 -13.40
C PRO D 122 13.16 5.22 -13.97
N VAL D 123 13.60 5.26 -15.23
CA VAL D 123 13.97 6.52 -15.89
C VAL D 123 13.19 6.72 -17.17
N ASP D 124 12.00 6.11 -17.22
CA ASP D 124 11.10 6.24 -18.38
C ASP D 124 10.73 7.70 -18.72
N LEU D 125 10.66 8.55 -17.69
CA LEU D 125 10.28 9.95 -17.89
C LEU D 125 11.38 10.75 -18.58
N HIS D 126 12.65 10.40 -18.33
CA HIS D 126 13.81 10.96 -19.08
C HIS D 126 13.77 10.55 -20.52
N ILE D 127 13.59 9.23 -20.75
CA ILE D 127 13.53 8.65 -22.08
C ILE D 127 12.37 9.24 -22.88
N HIS D 128 11.17 9.26 -22.34
CA HIS D 128 10.05 9.75 -23.10
CA HIS D 128 10.01 9.77 -23.08
C HIS D 128 10.14 11.24 -23.32
N GLY D 129 10.77 11.94 -22.36
CA GLY D 129 11.05 13.37 -22.49
C GLY D 129 12.00 13.73 -23.62
N LEU D 130 13.12 13.03 -23.74
CA LEU D 130 13.99 13.23 -24.88
C LEU D 130 13.31 12.79 -26.18
N GLU D 131 12.51 11.71 -26.13
CA GLU D 131 11.78 11.26 -27.33
C GLU D 131 10.85 12.33 -27.90
N GLN D 132 10.23 13.09 -27.00
CA GLN D 132 9.29 14.13 -27.39
C GLN D 132 10.00 15.38 -27.94
N LEU D 133 11.28 15.53 -27.60
CA LEU D 133 12.14 16.59 -28.19
C LEU D 133 12.74 16.15 -29.52
N GLY D 134 12.55 14.88 -29.86
CA GLY D 134 12.87 14.41 -31.21
C GLY D 134 13.97 13.38 -31.30
N ALA D 135 14.49 12.97 -30.14
CA ALA D 135 15.54 11.95 -30.08
C ALA D 135 14.94 10.56 -30.19
N THR D 136 15.68 9.66 -30.83
CA THR D 136 15.28 8.27 -30.92
C THR D 136 16.13 7.52 -29.93
N ILE D 137 15.48 6.69 -29.13
CA ILE D 137 16.14 6.03 -28.00
C ILE D 137 15.90 4.53 -28.09
N LYS D 138 16.97 3.76 -27.90
CA LYS D 138 16.85 2.31 -27.79
C LYS D 138 17.72 1.82 -26.65
N LEU D 139 17.43 0.62 -26.18
CA LEU D 139 18.21 -0.03 -25.10
C LEU D 139 18.96 -1.19 -25.71
N GLU D 140 20.28 -1.15 -25.61
CA GLU D 140 21.13 -2.18 -26.19
C GLU D 140 22.25 -2.48 -25.23
N GLU D 141 22.38 -3.74 -24.85
CA GLU D 141 23.47 -4.21 -23.99
C GLU D 141 23.41 -3.56 -22.61
N GLY D 142 22.23 -3.12 -22.22
CA GLY D 142 22.10 -2.43 -20.94
C GLY D 142 22.36 -0.94 -21.01
N TYR D 143 22.63 -0.42 -22.22
CA TYR D 143 22.80 1.02 -22.48
C TYR D 143 21.59 1.71 -23.10
N VAL D 144 21.22 2.85 -22.52
CA VAL D 144 20.25 3.74 -23.13
C VAL D 144 20.98 4.52 -24.22
N LYS D 145 20.64 4.30 -25.49
CA LYS D 145 21.28 5.01 -26.60
C LYS D 145 20.35 6.02 -27.28
N ALA D 146 20.71 7.30 -27.25
CA ALA D 146 19.91 8.38 -27.87
C ALA D 146 20.55 8.91 -29.16
N GLU D 147 19.69 9.34 -30.11
CA GLU D 147 20.09 9.75 -31.48
CA GLU D 147 20.12 9.79 -31.42
C GLU D 147 19.17 10.86 -31.96
N VAL D 148 19.72 11.89 -32.58
CA VAL D 148 18.91 12.87 -33.31
C VAL D 148 19.70 13.39 -34.52
N ASP D 149 19.03 13.52 -35.66
CA ASP D 149 19.68 14.06 -36.87
C ASP D 149 19.46 15.58 -36.84
N GLY D 150 20.54 16.33 -36.68
CA GLY D 150 20.42 17.77 -36.54
C GLY D 150 20.03 18.10 -35.11
N ARG D 151 19.28 19.18 -34.91
CA ARG D 151 18.95 19.63 -33.55
C ARG D 151 17.69 18.92 -33.01
N LEU D 152 17.49 18.97 -31.70
CA LEU D 152 16.22 18.55 -31.11
C LEU D 152 15.20 19.63 -31.50
N LYS D 153 13.92 19.29 -31.43
CA LYS D 153 12.85 20.23 -31.69
C LYS D 153 12.07 20.48 -30.41
N GLY D 154 11.81 21.74 -30.11
CA GLY D 154 10.97 22.12 -28.97
C GLY D 154 9.58 21.53 -29.04
N ALA D 155 9.02 21.20 -27.88
CA ALA D 155 7.71 20.56 -27.83
C ALA D 155 6.96 20.86 -26.54
N HIS D 156 5.64 20.67 -26.58
CA HIS D 156 4.81 20.69 -25.39
C HIS D 156 4.86 19.33 -24.74
N ILE D 157 5.53 19.26 -23.60
CA ILE D 157 5.73 18.00 -22.89
C ILE D 157 5.02 18.05 -21.54
N VAL D 158 4.05 17.16 -21.34
CA VAL D 158 3.32 17.08 -20.08
C VAL D 158 3.81 15.87 -19.30
N MET D 159 4.62 16.12 -18.27
CA MET D 159 5.25 15.04 -17.52
C MET D 159 4.13 14.23 -16.88
N ASP D 160 4.20 12.92 -17.07
CA ASP D 160 3.25 11.97 -16.50
CA ASP D 160 3.23 11.98 -16.49
C ASP D 160 3.22 12.04 -14.97
N LYS D 161 4.41 12.11 -14.39
CA LYS D 161 4.63 12.18 -12.95
C LYS D 161 5.63 13.30 -12.65
N VAL D 162 5.64 13.73 -11.40
CA VAL D 162 6.63 14.71 -10.94
C VAL D 162 7.97 13.99 -10.69
N SER D 163 8.99 14.45 -11.42
CA SER D 163 10.36 13.94 -11.29
C SER D 163 11.36 15.10 -11.34
N VAL D 164 12.15 15.23 -10.27
CA VAL D 164 13.30 16.12 -10.25
C VAL D 164 14.28 15.86 -11.42
N GLY D 165 14.73 14.63 -11.53
CA GLY D 165 15.68 14.19 -12.54
C GLY D 165 15.26 14.35 -13.97
N ALA D 166 14.02 13.99 -14.30
CA ALA D 166 13.56 14.09 -15.69
C ALA D 166 13.24 15.53 -16.06
N THR D 167 12.85 16.31 -15.06
CA THR D 167 12.67 17.75 -15.30
C THR D 167 13.97 18.39 -15.74
N ILE D 168 15.05 18.03 -15.06
CA ILE D 168 16.38 18.51 -15.40
CA ILE D 168 16.40 18.48 -15.39
C ILE D 168 16.80 17.96 -16.78
N THR D 169 16.45 16.71 -17.06
CA THR D 169 16.86 16.13 -18.33
C THR D 169 16.24 16.85 -19.50
N VAL D 170 14.94 17.08 -19.43
CA VAL D 170 14.33 17.72 -20.58
C VAL D 170 14.62 19.23 -20.59
N MET D 171 14.65 19.89 -19.43
CA MET D 171 14.98 21.34 -19.42
C MET D 171 16.37 21.64 -20.04
N CYS D 172 17.38 20.86 -19.66
CA CYS D 172 18.75 21.04 -20.18
C CYS D 172 18.91 20.73 -21.67
N ALA D 173 18.35 19.61 -22.11
CA ALA D 173 18.39 19.22 -23.51
C ALA D 173 17.63 20.25 -24.34
N ALA D 174 16.56 20.81 -23.75
CA ALA D 174 15.73 21.81 -24.44
C ALA D 174 16.45 23.12 -24.81
N THR D 175 17.52 23.45 -24.09
CA THR D 175 18.27 24.72 -24.33
C THR D 175 18.92 24.84 -25.72
N LEU D 176 19.18 23.71 -26.37
CA LEU D 176 19.78 23.71 -27.69
C LEU D 176 18.83 23.24 -28.81
N ALA D 177 17.55 23.08 -28.46
CA ALA D 177 16.54 22.62 -29.44
C ALA D 177 16.08 23.76 -30.36
N GLU D 178 15.65 23.41 -31.56
CA GLU D 178 14.99 24.37 -32.45
C GLU D 178 13.59 24.73 -31.94
N GLY D 179 13.36 26.01 -31.71
CA GLY D 179 12.05 26.41 -31.21
C GLY D 179 11.93 26.36 -29.69
N THR D 180 10.68 26.32 -29.24
CA THR D 180 10.36 26.53 -27.83
C THR D 180 9.71 25.28 -27.27
N THR D 181 10.16 24.94 -26.06
CA THR D 181 9.65 23.80 -25.31
C THR D 181 8.84 24.32 -24.14
N VAL D 182 7.74 23.65 -23.85
CA VAL D 182 6.92 23.96 -22.69
C VAL D 182 6.78 22.67 -21.88
N LEU D 183 7.47 22.64 -20.75
CA LEU D 183 7.47 21.44 -19.90
C LEU D 183 6.47 21.61 -18.78
N GLU D 184 5.45 20.76 -18.77
CA GLU D 184 4.34 20.90 -17.82
C GLU D 184 4.46 19.82 -16.75
N ASN D 185 3.97 20.14 -15.55
CA ASN D 185 4.07 19.26 -14.40
C ASN D 185 5.53 19.04 -13.98
N ALA D 186 6.31 20.11 -14.09
CA ALA D 186 7.72 20.10 -13.78
C ALA D 186 7.94 19.99 -12.28
N ALA D 187 9.04 19.40 -11.85
CA ALA D 187 9.38 19.49 -10.43
C ALA D 187 9.81 20.91 -10.08
N ARG D 188 9.57 21.31 -8.84
CA ARG D 188 9.87 22.66 -8.39
C ARG D 188 11.04 22.78 -7.41
N GLU D 189 11.77 21.69 -7.22
CA GLU D 189 12.88 21.65 -6.24
C GLU D 189 13.83 22.83 -6.46
N PRO D 190 14.43 23.37 -5.37
CA PRO D 190 15.37 24.50 -5.51
C PRO D 190 16.60 24.18 -6.39
N GLU D 191 16.95 22.90 -6.51
CA GLU D 191 18.07 22.52 -7.38
C GLU D 191 17.71 22.59 -8.86
N ILE D 192 16.41 22.52 -9.14
CA ILE D 192 15.91 22.81 -10.51
C ILE D 192 16.00 24.30 -10.87
N VAL D 193 15.51 25.17 -9.99
CA VAL D 193 15.77 26.61 -10.14
C VAL D 193 17.27 26.91 -10.29
N ASP D 194 18.09 26.28 -9.43
CA ASP D 194 19.52 26.57 -9.45
C ASP D 194 20.16 26.16 -10.78
N THR D 195 19.76 25.00 -11.32
CA THR D 195 20.32 24.51 -12.60
C THR D 195 19.87 25.40 -13.75
N ALA D 196 18.62 25.85 -13.66
CA ALA D 196 18.03 26.76 -14.65
C ALA D 196 18.77 28.11 -14.62
N ASN D 197 19.13 28.59 -13.43
CA ASN D 197 19.96 29.82 -13.37
C ASN D 197 21.32 29.65 -14.00
N PHE D 198 21.92 28.49 -13.80
CA PHE D 198 23.18 28.14 -14.45
C PHE D 198 23.06 28.16 -15.97
N LEU D 199 22.09 27.42 -16.49
CA LEU D 199 21.83 27.39 -17.93
C LEU D 199 21.74 28.79 -18.49
N ASN D 200 20.98 29.63 -17.80
CA ASN D 200 20.81 31.03 -18.18
C ASN D 200 22.10 31.86 -18.11
N ALA D 201 22.93 31.58 -17.11
CA ALA D 201 24.24 32.21 -16.92
C ALA D 201 25.20 31.89 -18.09
N ILE D 202 25.03 30.73 -18.73
CA ILE D 202 25.85 30.36 -19.89
C ILE D 202 25.21 30.61 -21.27
N GLY D 203 24.07 31.33 -21.28
CA GLY D 203 23.44 31.75 -22.53
C GLY D 203 22.09 31.15 -22.91
N ALA D 204 21.54 30.27 -22.08
CA ALA D 204 20.23 29.69 -22.39
C ALA D 204 19.13 30.71 -22.15
N LYS D 205 17.91 30.32 -22.54
CA LYS D 205 16.70 31.11 -22.29
C LYS D 205 15.64 30.27 -21.57
N VAL D 206 15.88 30.04 -20.28
CA VAL D 206 14.98 29.23 -19.44
C VAL D 206 14.12 30.14 -18.58
N SER D 207 12.80 29.92 -18.61
CA SER D 207 11.88 30.64 -17.72
C SER D 207 10.85 29.74 -16.99
N GLY D 208 10.24 30.28 -15.94
CA GLY D 208 9.24 29.56 -15.16
C GLY D 208 9.78 28.46 -14.25
N MET D 209 11.11 28.33 -14.13
CA MET D 209 11.68 27.38 -13.15
C MET D 209 11.19 27.70 -11.74
N GLY D 210 10.77 26.67 -11.02
CA GLY D 210 10.29 26.82 -9.64
C GLY D 210 8.77 26.73 -9.61
N THR D 211 8.17 26.76 -10.80
CA THR D 211 6.75 26.56 -10.98
CA THR D 211 6.73 26.54 -10.97
C THR D 211 6.55 25.23 -11.72
N ASP D 212 5.29 24.81 -11.92
CA ASP D 212 5.09 23.50 -12.55
C ASP D 212 5.18 23.52 -14.09
N THR D 213 5.40 24.72 -14.65
CA THR D 213 5.53 24.91 -16.09
C THR D 213 6.83 25.64 -16.41
N ILE D 214 7.75 24.95 -17.07
CA ILE D 214 9.02 25.56 -17.47
C ILE D 214 9.02 25.73 -18.97
N THR D 215 9.38 26.94 -19.40
CA THR D 215 9.47 27.24 -20.80
C THR D 215 10.92 27.46 -21.15
N ILE D 216 11.36 26.84 -22.24
CA ILE D 216 12.70 27.01 -22.73
C ILE D 216 12.71 27.43 -24.21
N GLU D 217 13.29 28.58 -24.47
CA GLU D 217 13.55 28.98 -25.85
C GLU D 217 14.95 28.52 -26.25
N GLY D 218 15.00 27.52 -27.12
CA GLY D 218 16.27 26.96 -27.60
C GLY D 218 17.15 27.97 -28.31
N VAL D 219 18.45 27.82 -28.11
CA VAL D 219 19.46 28.65 -28.74
C VAL D 219 20.41 27.78 -29.56
N GLU D 220 21.26 28.44 -30.34
CA GLU D 220 22.09 27.72 -31.29
C GLU D 220 23.29 27.12 -30.60
N ARG D 221 23.72 27.80 -29.54
CA ARG D 221 24.94 27.43 -28.83
C ARG D 221 24.95 28.10 -27.47
N LEU D 222 25.55 27.42 -26.50
CA LEU D 222 25.81 27.97 -25.18
C LEU D 222 27.28 28.31 -25.05
N GLY D 223 27.59 29.34 -24.27
CA GLY D 223 28.95 29.85 -24.15
C GLY D 223 29.61 29.33 -22.88
N GLY D 224 29.98 30.26 -22.01
CA GLY D 224 30.64 29.91 -20.76
C GLY D 224 30.17 30.87 -19.69
N GLY D 225 30.80 30.83 -18.51
CA GLY D 225 30.44 31.72 -17.43
C GLY D 225 30.69 31.18 -16.03
N TYR D 226 30.02 31.78 -15.05
CA TYR D 226 30.28 31.53 -13.64
C TYR D 226 28.96 31.38 -12.89
N HIS D 227 28.94 30.44 -11.95
CA HIS D 227 27.74 30.21 -11.13
C HIS D 227 28.11 29.68 -9.79
N GLU D 228 27.49 30.24 -8.76
CA GLU D 228 27.67 29.75 -7.39
C GLU D 228 26.50 28.86 -6.95
N VAL D 229 26.82 27.61 -6.62
CA VAL D 229 25.83 26.59 -6.25
C VAL D 229 25.01 27.04 -5.03
N VAL D 230 23.69 26.82 -5.11
CA VAL D 230 22.78 27.01 -3.97
C VAL D 230 23.24 26.22 -2.72
N ALA D 231 22.96 26.75 -1.54
CA ALA D 231 23.24 26.04 -0.26
C ALA D 231 22.46 24.72 -0.19
N ASP D 232 23.00 23.76 0.57
CA ASP D 232 22.42 22.42 0.72
C ASP D 232 21.41 22.38 1.85
N ARG D 233 20.14 22.46 1.45
CA ARG D 233 18.99 22.44 2.36
C ARG D 233 18.87 21.15 3.18
N ILE D 234 19.36 20.04 2.66
CA ILE D 234 19.32 18.78 3.39
C ILE D 234 20.42 18.72 4.46
N GLU D 235 21.64 19.15 4.10
CA GLU D 235 22.70 19.32 5.12
C GLU D 235 22.23 20.23 6.27
N THR D 236 21.49 21.28 5.91
CA THR D 236 20.94 22.29 6.80
C THR D 236 19.94 21.62 7.73
N GLY D 237 18.95 20.95 7.14
CA GLY D 237 17.98 20.24 7.95
C GLY D 237 18.69 19.23 8.85
N THR D 238 19.73 18.59 8.35
CA THR D 238 20.42 17.54 9.13
C THR D 238 21.06 18.10 10.42
N PHE D 239 21.77 19.21 10.31
CA PHE D 239 22.39 19.81 11.48
C PHE D 239 21.37 20.34 12.49
N LEU D 240 20.22 20.81 11.99
CA LEU D 240 19.16 21.33 12.85
C LEU D 240 18.52 20.21 13.69
N VAL D 241 18.32 19.04 13.08
CA VAL D 241 17.87 17.83 13.80
C VAL D 241 18.86 17.41 14.87
N ALA D 242 20.14 17.40 14.51
CA ALA D 242 21.24 17.08 15.40
C ALA D 242 21.20 17.92 16.67
N ALA D 243 20.96 19.24 16.51
CA ALA D 243 20.73 20.12 17.66
C ALA D 243 19.46 19.74 18.42
N ALA D 244 18.34 19.62 17.70
CA ALA D 244 17.05 19.29 18.29
C ALA D 244 17.07 18.03 19.12
N VAL D 245 17.71 16.97 18.59
CA VAL D 245 17.73 15.67 19.26
C VAL D 245 18.73 15.57 20.39
N SER D 246 19.66 16.51 20.46
CA SER D 246 20.70 16.45 21.49
C SER D 246 20.46 17.53 22.55
N GLY D 247 19.35 18.25 22.39
CA GLY D 247 18.99 19.36 23.27
C GLY D 247 19.85 20.58 23.07
N GLY D 248 20.42 20.71 21.88
CA GLY D 248 21.42 21.74 21.60
C GLY D 248 20.96 23.07 21.03
N LYS D 249 21.94 23.88 20.69
CA LYS D 249 21.72 25.17 20.06
C LYS D 249 22.72 25.30 18.92
N ILE D 250 22.20 25.49 17.72
CA ILE D 250 23.06 25.52 16.55
C ILE D 250 22.76 26.73 15.67
N VAL D 251 23.81 27.29 15.07
CA VAL D 251 23.65 28.26 14.01
C VAL D 251 24.22 27.66 12.72
N CYS D 252 23.40 27.61 11.67
CA CYS D 252 23.81 27.16 10.33
C CYS D 252 24.10 28.37 9.44
N LYS D 253 25.31 28.46 8.91
CA LYS D 253 25.71 29.65 8.15
C LYS D 253 25.66 29.38 6.64
N ASN D 254 25.60 30.43 5.82
CA ASN D 254 25.56 30.30 4.34
C ASN D 254 24.40 29.42 3.85
N THR D 255 23.22 29.62 4.44
CA THR D 255 22.00 28.92 3.97
C THR D 255 20.80 29.88 3.88
N LYS D 256 19.64 29.37 3.48
CA LYS D 256 18.44 30.20 3.29
C LYS D 256 17.22 29.47 3.79
N ALA D 257 16.45 30.14 4.66
CA ALA D 257 15.22 29.58 5.20
C ALA D 257 14.29 29.11 4.09
N HIS D 258 14.24 29.86 2.98
CA HIS D 258 13.27 29.56 1.91
C HIS D 258 13.44 28.21 1.26
N LEU D 259 14.59 27.57 1.47
CA LEU D 259 14.89 26.29 0.86
C LEU D 259 14.27 25.12 1.62
N LEU D 260 13.80 25.36 2.84
CA LEU D 260 13.28 24.28 3.70
C LEU D 260 12.19 24.69 4.69
N GLU D 261 11.17 25.38 4.18
CA GLU D 261 10.10 25.88 5.04
C GLU D 261 9.29 24.75 5.69
N ALA D 262 9.03 23.68 4.93
CA ALA D 262 8.33 22.51 5.47
C ALA D 262 9.12 21.90 6.61
N VAL D 263 10.43 21.81 6.44
CA VAL D 263 11.30 21.28 7.51
C VAL D 263 11.28 22.19 8.75
N LEU D 264 11.48 23.50 8.57
CA LEU D 264 11.47 24.43 9.71
C LEU D 264 10.14 24.37 10.49
N ALA D 265 9.04 24.33 9.77
CA ALA D 265 7.72 24.25 10.39
C ALA D 265 7.58 22.97 11.24
N LYS D 266 8.15 21.86 10.76
CA LYS D 266 8.13 20.61 11.50
C LYS D 266 8.99 20.70 12.75
N LEU D 267 10.12 21.40 12.65
CA LEU D 267 11.04 21.60 13.79
C LEU D 267 10.39 22.46 14.86
N GLU D 268 9.60 23.46 14.44
CA GLU D 268 8.79 24.24 15.39
C GLU D 268 7.70 23.41 16.05
N GLU D 269 6.90 22.70 15.27
CA GLU D 269 5.94 21.70 15.80
C GLU D 269 6.55 20.73 16.82
N ALA D 270 7.79 20.30 16.55
CA ALA D 270 8.52 19.41 17.44
C ALA D 270 8.96 20.07 18.77
N GLY D 271 8.88 21.40 18.86
CA GLY D 271 9.19 22.10 20.10
C GLY D 271 10.40 23.03 20.08
N ALA D 272 11.07 23.09 18.93
CA ALA D 272 12.29 23.88 18.76
C ALA D 272 12.04 25.34 18.48
N ASP D 273 13.04 26.14 18.84
CA ASP D 273 13.03 27.57 18.59
C ASP D 273 13.89 27.83 17.38
N VAL D 274 13.24 28.15 16.26
CA VAL D 274 13.92 28.40 14.99
C VAL D 274 13.97 29.91 14.75
N GLN D 275 15.14 30.41 14.38
CA GLN D 275 15.31 31.80 14.00
C GLN D 275 15.96 31.85 12.62
N THR D 276 15.62 32.86 11.84
CA THR D 276 16.22 33.00 10.53
C THR D 276 16.72 34.43 10.31
N GLY D 277 17.85 34.57 9.63
CA GLY D 277 18.34 35.85 9.12
C GLY D 277 18.65 35.72 7.64
N ASP D 278 19.12 36.81 7.02
CA ASP D 278 19.40 36.85 5.58
C ASP D 278 20.00 35.55 5.01
N ASP D 279 21.08 35.08 5.62
CA ASP D 279 21.81 33.91 5.13
C ASP D 279 22.21 32.90 6.23
N TRP D 280 21.39 32.81 7.26
CA TRP D 280 21.59 31.82 8.32
C TRP D 280 20.28 31.34 8.92
N ILE D 281 20.34 30.18 9.56
CA ILE D 281 19.22 29.62 10.32
C ILE D 281 19.80 29.05 11.61
N SER D 282 19.18 29.39 12.73
CA SER D 282 19.53 28.78 14.00
C SER D 282 18.33 27.99 14.52
N LEU D 283 18.62 26.93 15.28
CA LEU D 283 17.66 26.19 16.11
C LEU D 283 18.19 26.17 17.56
N ASP D 284 17.30 26.40 18.52
CA ASP D 284 17.63 26.26 19.94
C ASP D 284 16.64 25.33 20.64
N MET D 285 17.18 24.32 21.33
CA MET D 285 16.38 23.34 22.07
C MET D 285 16.60 23.44 23.59
N THR D 286 17.23 24.53 24.05
CA THR D 286 17.56 24.69 25.47
C THR D 286 16.30 24.82 26.32
N GLY D 287 16.14 23.85 27.23
CA GLY D 287 14.98 23.78 28.12
C GLY D 287 13.68 23.50 27.40
N ARG D 288 13.76 22.88 26.23
CA ARG D 288 12.56 22.61 25.43
C ARG D 288 12.41 21.11 25.26
N GLU D 289 11.20 20.60 25.42
CA GLU D 289 11.03 19.15 25.29
C GLU D 289 10.62 18.74 23.88
N LEU D 290 11.25 17.65 23.43
CA LEU D 290 11.07 17.14 22.08
C LEU D 290 9.74 16.42 21.96
N LYS D 291 8.92 16.84 21.00
CA LYS D 291 7.62 16.21 20.79
C LYS D 291 7.53 15.62 19.38
N ALA D 292 6.91 14.45 19.26
CA ALA D 292 6.76 13.78 17.97
C ALA D 292 5.88 14.59 17.03
N VAL D 293 6.16 14.48 15.73
CA VAL D 293 5.37 15.13 14.68
C VAL D 293 4.98 14.09 13.60
N ASN D 294 3.94 14.37 12.83
CA ASN D 294 3.65 13.51 11.68
C ASN D 294 4.19 14.09 10.40
N ILE D 295 4.62 13.21 9.49
CA ILE D 295 5.33 13.62 8.30
C ILE D 295 4.82 12.82 7.09
N ARG D 296 4.60 13.52 5.99
CA ARG D 296 4.35 12.89 4.70
C ARG D 296 5.27 13.52 3.65
N THR D 297 6.19 12.74 3.13
CA THR D 297 7.10 13.23 2.09
C THR D 297 6.34 13.45 0.77
N ALA D 298 6.76 14.43 -0.01
CA ALA D 298 6.13 14.77 -1.30
C ALA D 298 7.09 15.73 -2.00
N PRO D 299 6.88 16.02 -3.31
CA PRO D 299 7.72 17.01 -3.99
C PRO D 299 7.77 18.36 -3.28
N HIS D 300 8.88 19.06 -3.46
CA HIS D 300 9.06 20.44 -2.99
C HIS D 300 7.92 21.32 -3.46
N PRO D 301 7.42 22.22 -2.58
CA PRO D 301 7.97 22.63 -1.27
C PRO D 301 7.45 21.86 -0.04
N ALA D 302 6.88 20.67 -0.25
CA ALA D 302 6.47 19.81 0.87
C ALA D 302 7.71 19.22 1.52
N PHE D 303 7.51 18.46 2.60
CA PHE D 303 8.62 17.83 3.33
C PHE D 303 9.39 16.85 2.45
N PRO D 304 10.70 17.08 2.27
CA PRO D 304 11.50 16.26 1.36
C PRO D 304 11.84 14.87 1.91
N THR D 305 11.81 13.88 1.02
CA THR D 305 12.22 12.50 1.39
C THR D 305 13.68 12.45 1.92
N ASP D 306 14.55 13.33 1.43
CA ASP D 306 15.94 13.39 1.93
C ASP D 306 16.08 13.77 3.44
N MET D 307 15.01 14.23 4.06
CA MET D 307 15.04 14.57 5.47
C MET D 307 14.24 13.58 6.30
N GLN D 308 13.70 12.56 5.64
CA GLN D 308 12.79 11.60 6.27
C GLN D 308 13.45 10.73 7.34
N ALA D 309 14.66 10.20 7.06
CA ALA D 309 15.36 9.37 8.04
C ALA D 309 15.70 10.13 9.34
N GLN D 310 16.15 11.36 9.16
CA GLN D 310 16.58 12.21 10.26
C GLN D 310 15.41 12.50 11.19
N PHE D 311 14.25 12.74 10.61
CA PHE D 311 13.01 12.94 11.38
C PHE D 311 12.44 11.63 11.93
N THR D 312 12.79 10.49 11.33
CA THR D 312 12.54 9.17 11.94
C THR D 312 13.29 9.12 13.28
N LEU D 313 14.58 9.48 13.28
CA LEU D 313 15.31 9.53 14.57
C LEU D 313 14.69 10.54 15.52
N LEU D 314 14.43 11.77 15.05
CA LEU D 314 13.81 12.80 15.86
C LEU D 314 12.54 12.28 16.56
N ASN D 315 11.65 11.66 15.77
CA ASN D 315 10.39 11.11 16.28
C ASN D 315 10.64 9.94 17.24
N MET D 316 11.67 9.15 16.97
CA MET D 316 12.00 8.03 17.86
C MET D 316 12.43 8.48 19.24
N MET D 317 13.12 9.63 19.30
CA MET D 317 13.67 10.17 20.56
C MET D 317 12.68 11.05 21.28
N ALA D 318 11.84 11.73 20.51
CA ALA D 318 10.80 12.60 21.05
C ALA D 318 9.80 11.83 21.90
N LYS D 319 9.10 12.55 22.79
CA LYS D 319 8.01 11.97 23.58
C LYS D 319 6.80 11.84 22.69
N GLY D 320 6.16 10.67 22.73
CA GLY D 320 4.98 10.44 21.89
C GLY D 320 5.20 9.68 20.60
N SER D 321 4.10 9.27 19.99
CA SER D 321 4.12 8.49 18.76
C SER D 321 4.21 9.44 17.55
N GLY D 322 4.94 9.06 16.52
CA GLY D 322 5.09 9.94 15.34
C GLY D 322 4.96 9.15 14.05
N ILE D 323 4.10 9.63 13.14
CA ILE D 323 3.83 8.90 11.90
C ILE D 323 4.57 9.50 10.70
N ILE D 324 5.31 8.62 10.03
CA ILE D 324 6.09 8.96 8.86
C ILE D 324 5.70 8.09 7.67
N THR D 325 5.19 8.77 6.64
CA THR D 325 4.68 8.17 5.43
C THR D 325 5.49 8.74 4.26
N GLU D 326 6.07 7.83 3.50
CA GLU D 326 6.98 8.14 2.44
C GLU D 326 6.14 7.92 1.18
N THR D 327 5.94 8.98 0.40
CA THR D 327 5.25 8.92 -0.91
C THR D 327 6.22 8.96 -2.11
N ILE D 328 7.51 9.20 -1.86
CA ILE D 328 8.50 9.30 -2.95
C ILE D 328 9.19 7.95 -3.14
N PHE D 329 9.87 7.48 -2.09
CA PHE D 329 10.53 6.19 -2.09
C PHE D 329 9.91 5.28 -1.03
N GLU D 330 8.99 4.44 -1.46
CA GLU D 330 8.16 3.66 -0.55
C GLU D 330 8.93 2.64 0.32
N ASN D 331 10.18 2.31 -0.04
CA ASN D 331 11.00 1.45 0.83
C ASN D 331 12.19 2.12 1.52
N ARG D 332 12.13 3.43 1.70
CA ARG D 332 13.23 4.14 2.32
C ARG D 332 13.23 4.06 3.85
N PHE D 333 13.25 2.83 4.39
CA PHE D 333 13.23 2.63 5.83
C PHE D 333 14.33 1.76 6.43
N MET D 334 15.46 1.59 5.75
CA MET D 334 16.50 0.68 6.24
C MET D 334 17.32 1.21 7.44
N HIS D 335 17.22 2.50 7.69
CA HIS D 335 17.78 3.07 8.91
C HIS D 335 17.11 2.54 10.14
N ILE D 336 15.81 2.20 10.02
CA ILE D 336 14.99 1.80 11.20
C ILE D 336 15.52 0.52 11.90
N PRO D 337 15.73 -0.58 11.13
CA PRO D 337 16.30 -1.76 11.81
C PRO D 337 17.68 -1.53 12.44
N GLU D 338 18.49 -0.61 11.88
CA GLU D 338 19.79 -0.26 12.45
C GLU D 338 19.60 0.51 13.73
N LEU D 339 18.67 1.47 13.72
CA LEU D 339 18.35 2.20 14.94
C LEU D 339 17.74 1.32 16.05
N GLN D 340 17.02 0.29 15.66
CA GLN D 340 16.45 -0.66 16.63
C GLN D 340 17.52 -1.43 17.37
N ARG D 341 18.63 -1.68 16.67
CA ARG D 341 19.82 -2.26 17.25
C ARG D 341 20.36 -1.38 18.35
N MET D 342 20.12 -0.08 18.25
CA MET D 342 20.56 0.85 19.28
C MET D 342 19.50 1.07 20.36
N GLY D 343 18.39 0.33 20.30
CA GLY D 343 17.33 0.48 21.31
C GLY D 343 16.15 1.39 20.97
N ALA D 344 16.10 1.87 19.73
CA ALA D 344 14.98 2.71 19.28
C ALA D 344 13.77 1.82 19.04
N HIS D 345 12.57 2.38 19.19
CA HIS D 345 11.35 1.61 18.95
C HIS D 345 10.50 2.22 17.85
N ALA D 346 10.12 1.39 16.88
CA ALA D 346 9.28 1.81 15.74
C ALA D 346 8.61 0.58 15.15
N GLU D 347 7.55 0.82 14.37
CA GLU D 347 6.81 -0.22 13.66
C GLU D 347 6.73 0.25 12.20
N ILE D 348 6.90 -0.67 11.26
CA ILE D 348 6.81 -0.33 9.83
C ILE D 348 5.68 -1.07 9.15
N GLU D 349 4.73 -0.37 8.53
CA GLU D 349 3.68 -1.04 7.72
C GLU D 349 3.46 -0.33 6.41
N GLY D 350 3.77 -1.02 5.31
CA GLY D 350 3.71 -0.44 3.98
C GLY D 350 4.76 0.66 3.92
N ASN D 351 4.35 1.80 3.37
CA ASN D 351 5.20 2.98 3.26
C ASN D 351 5.05 3.91 4.46
N THR D 352 4.67 3.33 5.62
CA THR D 352 4.46 4.11 6.85
C THR D 352 5.24 3.57 8.06
N ALA D 353 6.03 4.44 8.69
CA ALA D 353 6.70 4.09 9.97
C ALA D 353 6.08 4.81 11.15
N ILE D 354 5.70 4.02 12.15
CA ILE D 354 5.06 4.53 13.34
C ILE D 354 6.13 4.54 14.42
N CYS D 355 6.66 5.73 14.71
CA CYS D 355 7.79 5.86 15.63
C CYS D 355 7.35 5.89 17.07
N GLY D 356 7.87 4.92 17.83
CA GLY D 356 7.49 4.76 19.23
C GLY D 356 8.33 5.62 20.14
N ASP D 357 8.49 5.16 21.38
CA ASP D 357 9.25 5.88 22.39
C ASP D 357 10.39 5.01 22.88
N THR D 358 11.50 5.66 23.19
CA THR D 358 12.62 5.00 23.84
C THR D 358 13.18 5.99 24.87
N ASP D 359 13.53 5.50 26.04
CA ASP D 359 14.17 6.37 27.03
C ASP D 359 15.70 6.51 26.85
N GLY D 360 16.22 5.98 25.75
CA GLY D 360 17.62 6.21 25.38
C GLY D 360 18.21 5.16 24.48
N LEU D 361 19.11 5.60 23.61
CA LEU D 361 19.83 4.70 22.71
C LEU D 361 21.08 4.14 23.39
N SER D 362 21.45 2.94 22.99
CA SER D 362 22.65 2.28 23.44
C SER D 362 23.61 2.17 22.25
N GLY D 363 24.90 2.25 22.52
CA GLY D 363 25.91 2.14 21.49
C GLY D 363 25.96 0.75 20.90
N ALA D 364 25.90 0.65 19.58
CA ALA D 364 26.00 -0.65 18.95
C ALA D 364 26.69 -0.50 17.63
N GLN D 365 27.02 -1.64 17.04
CA GLN D 365 27.60 -1.65 15.72
C GLN D 365 26.42 -1.61 14.74
N VAL D 366 26.46 -0.64 13.82
CA VAL D 366 25.38 -0.48 12.85
C VAL D 366 25.94 -0.27 11.45
N MET D 367 25.08 -0.41 10.44
CA MET D 367 25.53 -0.28 9.07
C MET D 367 24.77 0.77 8.24
N ALA D 368 25.53 1.73 7.72
CA ALA D 368 25.07 2.70 6.72
C ALA D 368 24.68 1.99 5.40
N THR D 369 23.58 2.38 4.80
CA THR D 369 23.12 1.76 3.54
C THR D 369 22.75 2.78 2.47
N ASP D 370 22.41 3.99 2.88
CA ASP D 370 22.16 5.05 1.94
C ASP D 370 22.60 6.39 2.54
N LEU D 371 22.77 7.39 1.71
CA LEU D 371 23.20 8.71 2.17
C LEU D 371 22.52 9.23 3.48
N ARG D 372 21.20 9.39 3.44
CA ARG D 372 20.50 10.07 4.52
C ARG D 372 20.29 9.19 5.74
N ALA D 373 20.22 7.88 5.53
CA ALA D 373 20.16 6.94 6.67
C ALA D 373 21.51 6.86 7.35
N SER D 374 22.58 6.95 6.56
CA SER D 374 23.92 6.97 7.11
C SER D 374 24.04 8.12 8.07
N ALA D 375 23.42 9.26 7.72
CA ALA D 375 23.52 10.45 8.55
C ALA D 375 22.75 10.32 9.86
N SER D 376 21.59 9.68 9.84
CA SER D 376 20.77 9.50 11.04
CA SER D 376 20.79 9.53 11.06
C SER D 376 21.42 8.56 12.07
N LEU D 377 22.14 7.56 11.58
CA LEU D 377 22.93 6.64 12.41
C LEU D 377 24.08 7.35 13.11
N VAL D 378 24.72 8.29 12.40
CA VAL D 378 25.76 9.12 13.00
C VAL D 378 25.21 10.04 14.11
N ILE D 379 24.13 10.78 13.84
CA ILE D 379 23.50 11.59 14.87
C ILE D 379 23.10 10.69 16.06
N ALA D 380 22.62 9.49 15.76
CA ALA D 380 22.19 8.56 16.81
C ALA D 380 23.34 8.14 17.73
N GLY D 381 24.52 7.93 17.15
CA GLY D 381 25.73 7.57 17.92
C GLY D 381 26.21 8.71 18.80
N CYS D 382 26.08 9.94 18.30
CA CYS D 382 26.39 11.15 19.07
C CYS D 382 25.60 11.24 20.37
N ILE D 383 24.36 10.75 20.36
CA ILE D 383 23.47 10.88 21.54
C ILE D 383 23.25 9.60 22.37
N ALA D 384 23.70 8.47 21.84
CA ALA D 384 23.53 7.22 22.55
C ALA D 384 24.51 7.14 23.74
N LYS D 385 24.32 6.15 24.60
CA LYS D 385 25.29 5.86 25.65
C LYS D 385 26.23 4.75 25.21
N GLY D 386 27.53 5.01 25.30
CA GLY D 386 28.55 4.06 24.86
C GLY D 386 29.08 4.35 23.48
N GLU D 387 29.72 3.33 22.89
CA GLU D 387 30.34 3.46 21.59
C GLU D 387 29.47 2.96 20.44
N THR D 388 29.33 3.78 19.40
CA THR D 388 28.64 3.36 18.18
C THR D 388 29.64 3.23 17.05
N ILE D 389 29.73 2.06 16.42
CA ILE D 389 30.52 1.94 15.19
C ILE D 389 29.54 2.03 14.00
N VAL D 390 29.77 2.98 13.11
CA VAL D 390 28.99 3.02 11.87
C VAL D 390 29.86 2.49 10.74
N ASP D 391 29.55 1.29 10.25
CA ASP D 391 30.29 0.72 9.12
C ASP D 391 29.84 1.32 7.78
N ARG D 392 30.74 1.27 6.80
CA ARG D 392 30.49 1.64 5.38
C ARG D 392 30.08 3.09 5.21
N ILE D 393 30.88 3.98 5.80
CA ILE D 393 30.55 5.40 5.84
C ILE D 393 30.82 6.13 4.52
N TYR D 394 31.41 5.43 3.55
CA TYR D 394 31.53 5.98 2.20
C TYR D 394 30.16 6.44 1.67
N HIS D 395 29.10 5.76 2.09
CA HIS D 395 27.74 6.20 1.76
C HIS D 395 27.50 7.63 2.15
N ILE D 396 27.98 8.00 3.34
CA ILE D 396 27.83 9.36 3.87
C ILE D 396 28.65 10.36 3.07
N ASP D 397 29.87 9.96 2.68
CA ASP D 397 30.77 10.85 1.93
C ASP D 397 30.26 11.14 0.51
N ARG D 398 29.26 10.40 0.06
CA ARG D 398 28.62 10.68 -1.22
C ARG D 398 27.89 12.00 -1.22
N GLY D 399 27.27 12.35 -0.08
CA GLY D 399 26.44 13.55 0.00
C GLY D 399 26.76 14.60 1.04
N TYR D 400 27.65 14.28 1.98
CA TYR D 400 28.09 15.23 3.00
C TYR D 400 29.62 15.43 2.96
N ASP D 401 30.03 16.70 2.96
CA ASP D 401 31.44 17.08 2.95
C ASP D 401 31.99 17.02 4.37
N LYS D 402 32.83 16.01 4.65
CA LYS D 402 33.51 15.86 5.96
C LYS D 402 32.58 16.11 7.16
N ILE D 403 31.53 15.30 7.28
CA ILE D 403 30.51 15.49 8.34
C ILE D 403 31.11 15.36 9.75
N GLU D 404 32.18 14.57 9.90
CA GLU D 404 32.84 14.39 11.20
C GLU D 404 33.51 15.67 11.71
N ASP D 405 34.00 16.50 10.79
CA ASP D 405 34.64 17.79 11.14
C ASP D 405 33.60 18.80 11.63
N LYS D 406 32.47 18.81 10.95
CA LYS D 406 31.42 19.74 11.29
C LYS D 406 30.75 19.32 12.59
N LEU D 407 30.55 18.01 12.78
CA LEU D 407 30.09 17.46 14.06
C LEU D 407 31.09 17.63 15.25
N THR D 408 32.38 17.47 14.98
CA THR D 408 33.43 17.69 15.99
C THR D 408 33.42 19.15 16.46
N ALA D 409 33.24 20.06 15.52
CA ALA D 409 33.15 21.49 15.79
C ALA D 409 31.90 21.83 16.62
N LEU D 410 31.04 20.84 16.83
CA LEU D 410 29.86 20.99 17.68
C LEU D 410 29.96 20.19 18.99
N GLY D 411 31.16 19.66 19.25
CA GLY D 411 31.40 18.93 20.48
C GLY D 411 31.23 17.43 20.41
N ALA D 412 30.97 16.87 19.23
CA ALA D 412 30.87 15.41 19.11
C ALA D 412 32.24 14.74 19.20
N ASN D 413 32.27 13.53 19.75
CA ASN D 413 33.47 12.71 19.79
C ASN D 413 33.34 11.68 18.68
N ILE D 414 33.94 11.97 17.54
CA ILE D 414 33.80 11.11 16.36
CA ILE D 414 33.80 11.12 16.34
C ILE D 414 35.13 10.98 15.63
N GLU D 415 35.48 9.76 15.27
CA GLU D 415 36.75 9.48 14.62
C GLU D 415 36.46 8.67 13.35
N ARG D 416 37.01 9.13 12.22
CA ARG D 416 37.04 8.32 11.01
C ARG D 416 38.15 7.28 11.17
N VAL D 417 37.81 5.99 11.12
CA VAL D 417 38.83 4.95 11.12
C VAL D 417 38.93 4.33 9.73
N HIS D 418 40.07 3.71 9.43
CA HIS D 418 40.30 3.03 8.15
C HIS D 418 40.54 1.57 8.39
N SER D 419 40.18 0.72 7.41
CA SER D 419 40.45 -0.72 7.49
C SER D 419 40.39 -1.39 6.13
C1 FFQ E . -20.52 -5.04 0.96
O1 FFQ E . -20.74 -6.07 3.12
P1 FFQ E . -22.86 -4.59 2.60
C2 FFQ E . -21.06 -4.87 2.40
O2 FFQ E . -23.11 -4.21 4.15
C3 FFQ E . -21.51 -4.58 -0.10
O3 FFQ E . -23.36 -3.49 1.74
O4 FFQ E . -23.71 -5.93 2.31
C1' UD1 F . -16.76 -13.98 4.99
C2' UD1 F . -17.71 -13.46 6.05
C3' UD1 F . -17.28 -12.04 6.47
C4' UD1 F . -15.80 -11.99 6.86
C5' UD1 F . -14.91 -12.62 5.79
C6' UD1 F . -13.46 -12.76 6.24
C7' UD1 F . -19.96 -14.46 5.55
C8' UD1 F . -21.33 -14.13 5.02
N2' UD1 F . -19.05 -13.45 5.49
O1' UD1 F . -16.95 -13.25 3.78
O3' UD1 F . -18.10 -11.61 7.57
O4' UD1 F . -15.40 -10.64 6.97
O5' UD1 F . -15.39 -13.92 5.45
O6' UD1 F . -13.41 -13.39 7.52
O7' UD1 F . -19.69 -15.57 5.99
N1 UD1 F . -11.72 -12.78 -2.59
C2 UD1 F . -11.30 -12.82 -3.93
N3 UD1 F . -11.93 -13.65 -4.79
C4 UD1 F . -12.92 -14.45 -4.39
C5 UD1 F . -13.34 -14.47 -3.06
C6 UD1 F . -12.71 -13.62 -2.16
O2 UD1 F . -10.38 -12.11 -4.36
O4 UD1 F . -13.47 -15.16 -5.24
C1B UD1 F . -11.02 -11.87 -1.65
C2B UD1 F . -11.96 -10.85 -1.02
O2' UD1 F . -12.02 -9.64 -1.76
C3B UD1 F . -11.30 -10.56 0.33
C4B UD1 F . -10.56 -11.84 0.66
O4B UD1 F . -10.47 -12.59 -0.55
O3B UD1 F . -10.31 -9.55 0.18
C5B UD1 F . -11.26 -12.68 1.72
O5B UD1 F . -12.58 -12.87 1.26
PA UD1 F . -13.48 -14.10 1.77
O1A UD1 F . -13.97 -14.87 0.58
O2A UD1 F . -12.65 -14.81 2.83
O3A UD1 F . -14.71 -13.41 2.55
PB UD1 F . -16.28 -13.74 2.40
O1B UD1 F . -16.63 -15.20 2.30
O2B UD1 F . -16.70 -12.81 1.25
P PO4 G . -20.91 -10.15 4.45
O1 PO4 G . -20.12 -11.19 3.73
O2 PO4 G . -20.80 -10.35 5.94
O3 PO4 G . -22.36 -10.28 4.10
O4 PO4 G . -20.45 -8.76 4.07
C1 GOL H . -19.40 -15.18 -0.51
O1 GOL H . -18.26 -15.45 0.29
C2 GOL H . -19.90 -13.81 -0.11
O2 GOL H . -18.92 -12.84 -0.54
C3 GOL H . -20.07 -13.88 1.40
O3 GOL H . -21.18 -13.08 1.76
C1' UD1 I . -11.83 18.39 -4.31
C2' UD1 I . -12.99 18.23 -5.27
C3' UD1 I . -13.10 16.77 -5.70
C4' UD1 I . -11.80 16.24 -6.28
C5' UD1 I . -10.66 16.48 -5.28
C6' UD1 I . -9.27 16.10 -5.78
C7' UD1 I . -14.73 19.85 -4.74
C8' UD1 I . -16.14 20.00 -4.20
N2' UD1 I . -14.21 18.64 -4.60
O1' UD1 I . -12.20 17.76 -3.09
O3' UD1 I . -14.17 16.58 -6.65
O4' UD1 I . -11.96 14.82 -6.38
O5' UD1 I . -10.62 17.85 -4.87
O6' UD1 I . -8.99 16.80 -7.00
O7' UD1 I . -14.13 20.76 -5.25
N1 UD1 I . -6.90 15.59 2.98
C2 UD1 I . -6.38 15.56 4.30
N3 UD1 I . -6.69 16.54 5.17
C4 UD1 I . -7.47 17.56 4.80
C5 UD1 I . -7.98 17.64 3.50
C6 UD1 I . -7.67 16.63 2.59
O2 UD1 I . -5.67 14.64 4.72
O4 UD1 I . -7.73 18.44 5.64
C1B UD1 I . -6.54 14.53 2.02
C2B UD1 I . -7.77 13.80 1.49
O2' UD1 I . -8.11 12.69 2.27
C3B UD1 I . -7.35 13.39 0.08
C4B UD1 I . -6.33 14.42 -0.33
O4B UD1 I . -5.96 15.13 0.86
O3B UD1 I . -6.70 12.13 0.08
C5B UD1 I . -6.87 15.38 -1.39
O5B UD1 I . -8.13 15.93 -0.99
PA UD1 I . -8.56 17.44 -1.37
O1A UD1 I . -8.65 18.22 -0.08
O2A UD1 I . -7.64 18.00 -2.43
O3A UD1 I . -9.96 17.23 -2.10
PB UD1 I . -11.37 17.93 -1.72
O1B UD1 I . -11.19 19.42 -1.49
O2B UD1 I . -11.99 17.03 -0.68
C1 FFQ J . -17.80 10.92 -0.43
O1 FFQ J . -18.54 9.79 -2.40
P1 FFQ J . -20.50 11.19 -1.27
C2 FFQ J . -18.97 10.19 -1.09
O2 FFQ J . -20.29 12.32 -2.39
C3 FFQ J . -18.22 11.80 0.74
O3 FFQ J . -21.59 10.24 -1.65
O4 FFQ J . -20.91 11.90 0.12
P PO4 K . -17.06 16.03 -3.54
O1 PO4 K . -17.14 14.57 -3.09
O2 PO4 K . -18.10 16.77 -2.75
O3 PO4 K . -17.35 16.15 -4.99
O4 PO4 K . -15.71 16.61 -3.25
C1 GOL L . -14.05 20.23 1.02
O1 GOL L . -12.79 20.14 0.36
C2 GOL L . -14.85 18.97 0.81
O2 GOL L . -14.06 17.84 1.24
C3 GOL L . -15.19 18.93 -0.68
O3 GOL L . -16.43 18.25 -0.90
C1' UD1 M . 12.02 -17.84 6.20
C2' UD1 M . 13.05 -18.25 5.14
C3' UD1 M . 13.01 -17.30 3.93
C4' UD1 M . 11.56 -17.30 3.43
C5' UD1 M . 10.55 -16.91 4.53
C6' UD1 M . 9.08 -16.89 4.11
C7' UD1 M . 14.88 -19.42 6.24
C8' UD1 M . 16.36 -19.40 6.51
N2' UD1 M . 14.39 -18.30 5.68
O1' UD1 M . 12.41 -16.55 6.69
O3' UD1 M . 13.90 -17.82 2.94
O4' UD1 M . 11.45 -16.43 2.30
O5' UD1 M . 10.69 -17.78 5.66
O6' UD1 M . 8.63 -18.14 3.54
O7' UD1 M . 14.17 -20.38 6.49
N1 UD1 M . 7.85 -11.21 10.96
C2 UD1 M . 7.56 -10.34 12.05
N3 UD1 M . 8.04 -10.62 13.28
C4 UD1 M . 8.77 -11.75 13.49
C5 UD1 M . 9.05 -12.63 12.43
C6 UD1 M . 8.57 -12.33 11.17
O2 UD1 M . 6.89 -9.29 11.85
O4 UD1 M . 9.20 -12.01 14.62
C1B UD1 M . 7.32 -10.88 9.62
C2B UD1 M . 8.39 -10.55 8.61
O2' UD1 M . 8.65 -9.16 8.61
C3B UD1 M . 7.77 -10.96 7.28
C4B UD1 M . 6.81 -12.07 7.66
O4B UD1 M . 6.62 -11.97 9.07
O3B UD1 M . 6.99 -9.88 6.76
C5B UD1 M . 7.30 -13.48 7.30
O5B UD1 M . 8.55 -13.75 7.94
PA UD1 M . 8.97 -15.25 8.39
O1A UD1 M . 9.34 -15.28 9.85
O2A UD1 M . 7.93 -16.22 7.94
O3A UD1 M . 10.29 -15.39 7.41
PB UD1 M . 11.74 -15.87 7.97
O1B UD1 M . 11.60 -16.96 9.01
O2B UD1 M . 12.49 -14.60 8.29
P PO4 N . 16.87 -15.51 4.49
O1 PO4 N . 16.91 -16.52 3.38
O2 PO4 N . 15.73 -15.84 5.42
O3 PO4 N . 16.63 -14.15 3.90
O4 PO4 N . 18.16 -15.52 5.24
C1 FFQ O . 17.91 -9.61 4.34
O1 FFQ O . 17.70 -10.65 2.16
P1 FFQ O . 19.91 -11.33 3.58
C2 FFQ O . 18.63 -10.12 3.11
O2 FFQ O . 19.72 -12.69 2.72
C3 FFQ O . 18.94 -8.88 5.21
O3 FFQ O . 21.21 -10.66 3.31
O4 FFQ O . 19.85 -11.74 5.14
C1 GOL P . 14.84 -16.34 11.30
O1 GOL P . 13.46 -16.51 10.99
C2 GOL P . 15.52 -15.54 10.20
O2 GOL P . 14.77 -14.33 9.88
C3 GOL P . 15.63 -16.48 9.01
O3 GOL P . 16.75 -16.03 8.27
C1' UD1 Q . 16.66 13.34 -6.88
C2' UD1 Q . 17.79 13.43 -5.84
C3' UD1 Q . 17.45 12.55 -4.64
C4' UD1 Q . 16.09 12.96 -4.05
C5' UD1 Q . 15.05 12.90 -5.15
C6' UD1 Q . 13.65 13.28 -4.68
C7' UD1 Q . 19.83 13.96 -7.09
C8' UD1 Q . 21.11 13.44 -7.66
N2' UD1 Q . 19.07 13.07 -6.45
O1' UD1 Q . 16.56 11.99 -7.35
O3' UD1 Q . 18.44 12.69 -3.62
O4' UD1 Q . 15.72 12.13 -2.93
O5' UD1 Q . 15.46 13.77 -6.23
O6' UD1 Q . 13.68 14.54 -4.00
O7' UD1 Q . 19.53 15.13 -7.19
N1 UD1 Q . 10.42 8.30 -11.30
C2 UD1 Q . 9.81 7.59 -12.38
N3 UD1 Q . 10.27 7.71 -13.63
C4 UD1 Q . 11.34 8.51 -13.90
C5 UD1 Q . 11.93 9.24 -12.87
C6 UD1 Q . 11.45 9.12 -11.57
O2 UD1 Q . 8.85 6.81 -12.15
O4 UD1 Q . 11.77 8.64 -15.07
C1B UD1 Q . 9.90 8.14 -9.92
C2B UD1 Q . 10.97 7.73 -8.91
O2' UD1 Q . 11.13 6.33 -8.77
C3B UD1 Q . 10.44 8.24 -7.61
C4B UD1 Q . 9.74 9.54 -8.00
O4B UD1 Q . 9.44 9.40 -9.40
O3B UD1 Q . 9.49 7.32 -7.06
C5B UD1 Q . 10.61 10.78 -7.73
O5B UD1 Q . 11.91 10.61 -8.28
PA UD1 Q . 12.78 11.83 -8.91
O1A UD1 Q . 13.02 11.54 -10.37
O2A UD1 Q . 12.14 13.09 -8.42
O3A UD1 Q . 14.14 11.62 -8.05
PB UD1 Q . 15.63 11.61 -8.63
O1B UD1 Q . 15.83 12.66 -9.71
O2B UD1 Q . 16.01 10.19 -8.94
P PO4 R . 20.63 9.72 -5.50
O1 PO4 R . 20.02 8.37 -5.19
O2 PO4 R . 20.52 10.67 -4.34
O3 PO4 R . 19.86 10.36 -6.63
O4 PO4 R . 22.05 9.48 -5.88
C1 GOL S . 18.28 10.91 -12.12
O1 GOL S . 17.28 11.77 -11.62
C2 GOL S . 18.81 10.03 -11.01
O2 GOL S . 17.79 9.15 -10.48
C3 GOL S . 19.40 10.96 -9.95
O3 GOL S . 20.42 10.27 -9.25
C1 FFQ T . 19.89 3.06 -4.06
O1 FFQ T . 20.33 3.96 -6.25
P1 FFQ T . 22.45 4.09 -4.68
C2 FFQ T . 20.63 4.12 -4.87
O2 FFQ T . 23.14 4.31 -6.11
C3 FFQ T . 20.08 3.31 -2.57
O3 FFQ T . 22.77 5.24 -3.80
O4 FFQ T . 23.01 2.69 -4.07
#